data_9GFQ
# 
_entry.id   9GFQ 
# 
_audit_conform.dict_name       mmcif_pdbx.dic 
_audit_conform.dict_version    5.403 
_audit_conform.dict_location   http://mmcif.pdb.org/dictionaries/ascii/mmcif_pdbx.dic 
# 
loop_
_database_2.database_id 
_database_2.database_code 
_database_2.pdbx_database_accession 
_database_2.pdbx_DOI 
PDB   9GFQ         pdb_00009gfq 10.2210/pdb9gfq/pdb 
WWPDB D_1292140852 ?            ?                   
# 
loop_
_pdbx_audit_revision_history.ordinal 
_pdbx_audit_revision_history.data_content_type 
_pdbx_audit_revision_history.major_revision 
_pdbx_audit_revision_history.minor_revision 
_pdbx_audit_revision_history.revision_date 
_pdbx_audit_revision_history.part_number 
1 'Structure model' 1 0 2025-04-09 ? 
2 'Structure model' 1 1 2025-04-23 ? 
# 
_pdbx_audit_revision_details.ordinal             1 
_pdbx_audit_revision_details.revision_ordinal    1 
_pdbx_audit_revision_details.data_content_type   'Structure model' 
_pdbx_audit_revision_details.provider            repository 
_pdbx_audit_revision_details.type                'Initial release' 
_pdbx_audit_revision_details.description         ? 
_pdbx_audit_revision_details.details             ? 
# 
_pdbx_audit_revision_group.ordinal             1 
_pdbx_audit_revision_group.revision_ordinal    2 
_pdbx_audit_revision_group.data_content_type   'Structure model' 
_pdbx_audit_revision_group.group               'Database references' 
# 
loop_
_pdbx_audit_revision_category.ordinal 
_pdbx_audit_revision_category.revision_ordinal 
_pdbx_audit_revision_category.data_content_type 
_pdbx_audit_revision_category.category 
1 2 'Structure model' citation        
2 2 'Structure model' citation_author 
# 
loop_
_pdbx_audit_revision_item.ordinal 
_pdbx_audit_revision_item.revision_ordinal 
_pdbx_audit_revision_item.data_content_type 
_pdbx_audit_revision_item.item 
1  2 'Structure model' '_citation.country'                 
2  2 'Structure model' '_citation.journal_abbrev'          
3  2 'Structure model' '_citation.journal_id_ASTM'         
4  2 'Structure model' '_citation.journal_id_CSD'          
5  2 'Structure model' '_citation.journal_id_ISSN'         
6  2 'Structure model' '_citation.journal_volume'          
7  2 'Structure model' '_citation.pdbx_database_id_DOI'    
8  2 'Structure model' '_citation.pdbx_database_id_PubMed' 
9  2 'Structure model' '_citation.title'                   
10 2 'Structure model' '_citation.year'                    
# 
_pdbx_database_status.status_code                     REL 
_pdbx_database_status.status_code_sf                  REL 
_pdbx_database_status.status_code_mr                  ? 
_pdbx_database_status.entry_id                        9GFQ 
_pdbx_database_status.recvd_initial_deposition_date   2024-08-12 
_pdbx_database_status.SG_entry                        N 
_pdbx_database_status.deposit_site                    PDBE 
_pdbx_database_status.process_site                    PDBE 
_pdbx_database_status.status_code_cs                  ? 
_pdbx_database_status.status_code_nmr_data            ? 
_pdbx_database_status.methods_development_category    ? 
_pdbx_database_status.pdb_format_compatible           Y 
# 
_pdbx_contact_author.id                 2 
_pdbx_contact_author.email              nicolas.huguenin-dezot@bsse.ethz.ch 
_pdbx_contact_author.name_first         Nicolas 
_pdbx_contact_author.name_last          Huguenin-Dezot 
_pdbx_contact_author.name_mi            ? 
_pdbx_contact_author.role               'principal investigator/group leader' 
_pdbx_contact_author.identifier_ORCID   0000-0001-8816-2159 
# 
loop_
_audit_author.name 
_audit_author.pdbx_ordinal 
_audit_author.identifier_ORCID 
'Traeger, L.K.'      1 0009-0009-1155-8038 
'Huguenin-Dezot, N.' 2 0000-0001-8816-2159 
# 
_citation.abstract                  ? 
_citation.abstract_id_CAS           ? 
_citation.book_id_ISBN              ? 
_citation.book_publisher            ? 
_citation.book_publisher_city       ? 
_citation.book_title                ? 
_citation.coordinate_linkage        ? 
_citation.country                   UK 
_citation.database_id_Medline       ? 
_citation.details                   ? 
_citation.id                        primary 
_citation.journal_abbrev            'Nucleic Acids Res.' 
_citation.journal_id_ASTM           NARHAD 
_citation.journal_id_CSD            0389 
_citation.journal_id_ISSN           1362-4962 
_citation.journal_full              ? 
_citation.journal_issue             ? 
_citation.journal_volume            53 
_citation.language                  ? 
_citation.page_first                ? 
_citation.page_last                 ? 
_citation.title                     'Structural basis for cooperative ssDNA binding by bacteriophage protein filament P12.' 
_citation.year                      2025 
_citation.database_id_CSD           ? 
_citation.pdbx_database_id_DOI      10.1093/nar/gkaf132 
_citation.pdbx_database_id_PubMed   40052821 
_citation.pdbx_database_id_patent   ? 
_citation.unpublished_flag          ? 
# 
loop_
_citation_author.citation_id 
_citation_author.name 
_citation_author.ordinal 
_citation_author.identifier_ORCID 
primary 'Trager, L.K.'       1 0009-0009-1155-8038 
primary 'Degen, M.'          2 0000-0003-3762-5779 
primary 'Pereira, J.'        3 0000-0002-5588-6588 
primary 'Durairaj, J.'       4 0000-0002-1698-4556 
primary 'Teixeira, R.D.'     5 ?                   
primary 'Hiller, S.'         6 0000-0002-6709-4684 
primary 'Huguenin-Dezot, N.' 7 0000-0001-8816-2159 
# 
loop_
_entity.id 
_entity.type 
_entity.src_method 
_entity.pdbx_description 
_entity.formula_weight 
_entity.pdbx_number_of_molecules 
_entity.pdbx_ec 
_entity.pdbx_mutation 
_entity.pdbx_fragment 
_entity.details 
1 polymer man 'Single-stranded DNA-binding protein' 16671.012 1  ? ? ? 'Residues 1-117' 
2 water   nat water                                 18.015    58 ? ? ? ?                
# 
_entity_name_com.entity_id   1 
_entity_name_com.name        'Protein P12' 
# 
_entity_poly.entity_id                      1 
_entity_poly.type                           'polypeptide(L)' 
_entity_poly.nstd_linkage                   no 
_entity_poly.nstd_monomer                   no 
_entity_poly.pdbx_seq_one_letter_code       
;MEIVSKLTLKTIGAQPKPHSVKENTALASIYGRVRGKKVGQSTFGDFIKFEGEFEGVNIATGEVFRSGALILPKVLESLL
AGAVDGENTVDFAVEIWAKPSEKGNTGYEYGVKPLIEPAASDELAALRNQVKAALPAPAAAGEAAAEAKPAAKAKAKAEA
;
_entity_poly.pdbx_seq_one_letter_code_can   
;MEIVSKLTLKTIGAQPKPHSVKENTALASIYGRVRGKKVGQSTFGDFIKFEGEFEGVNIATGEVFRSGALILPKVLESLL
AGAVDGENTVDFAVEIWAKPSEKGNTGYEYGVKPLIEPAASDELAALRNQVKAALPAPAAAGEAAAEAKPAAKAKAKAEA
;
_entity_poly.pdbx_strand_id                 A 
_entity_poly.pdbx_target_identifier         ? 
# 
_pdbx_entity_nonpoly.entity_id   2 
_pdbx_entity_nonpoly.name        water 
_pdbx_entity_nonpoly.comp_id     HOH 
# 
loop_
_entity_poly_seq.entity_id 
_entity_poly_seq.num 
_entity_poly_seq.mon_id 
_entity_poly_seq.hetero 
1 1   MET n 
1 2   GLU n 
1 3   ILE n 
1 4   VAL n 
1 5   SER n 
1 6   LYS n 
1 7   LEU n 
1 8   THR n 
1 9   LEU n 
1 10  LYS n 
1 11  THR n 
1 12  ILE n 
1 13  GLY n 
1 14  ALA n 
1 15  GLN n 
1 16  PRO n 
1 17  LYS n 
1 18  PRO n 
1 19  HIS n 
1 20  SER n 
1 21  VAL n 
1 22  LYS n 
1 23  GLU n 
1 24  ASN n 
1 25  THR n 
1 26  ALA n 
1 27  LEU n 
1 28  ALA n 
1 29  SER n 
1 30  ILE n 
1 31  TYR n 
1 32  GLY n 
1 33  ARG n 
1 34  VAL n 
1 35  ARG n 
1 36  GLY n 
1 37  LYS n 
1 38  LYS n 
1 39  VAL n 
1 40  GLY n 
1 41  GLN n 
1 42  SER n 
1 43  THR n 
1 44  PHE n 
1 45  GLY n 
1 46  ASP n 
1 47  PHE n 
1 48  ILE n 
1 49  LYS n 
1 50  PHE n 
1 51  GLU n 
1 52  GLY n 
1 53  GLU n 
1 54  PHE n 
1 55  GLU n 
1 56  GLY n 
1 57  VAL n 
1 58  ASN n 
1 59  ILE n 
1 60  ALA n 
1 61  THR n 
1 62  GLY n 
1 63  GLU n 
1 64  VAL n 
1 65  PHE n 
1 66  ARG n 
1 67  SER n 
1 68  GLY n 
1 69  ALA n 
1 70  LEU n 
1 71  ILE n 
1 72  LEU n 
1 73  PRO n 
1 74  LYS n 
1 75  VAL n 
1 76  LEU n 
1 77  GLU n 
1 78  SER n 
1 79  LEU n 
1 80  LEU n 
1 81  ALA n 
1 82  GLY n 
1 83  ALA n 
1 84  VAL n 
1 85  ASP n 
1 86  GLY n 
1 87  GLU n 
1 88  ASN n 
1 89  THR n 
1 90  VAL n 
1 91  ASP n 
1 92  PHE n 
1 93  ALA n 
1 94  VAL n 
1 95  GLU n 
1 96  ILE n 
1 97  TRP n 
1 98  ALA n 
1 99  LYS n 
1 100 PRO n 
1 101 SER n 
1 102 GLU n 
1 103 LYS n 
1 104 GLY n 
1 105 ASN n 
1 106 THR n 
1 107 GLY n 
1 108 TYR n 
1 109 GLU n 
1 110 TYR n 
1 111 GLY n 
1 112 VAL n 
1 113 LYS n 
1 114 PRO n 
1 115 LEU n 
1 116 ILE n 
1 117 GLU n 
1 118 PRO n 
1 119 ALA n 
1 120 ALA n 
1 121 SER n 
1 122 ASP n 
1 123 GLU n 
1 124 LEU n 
1 125 ALA n 
1 126 ALA n 
1 127 LEU n 
1 128 ARG n 
1 129 ASN n 
1 130 GLN n 
1 131 VAL n 
1 132 LYS n 
1 133 ALA n 
1 134 ALA n 
1 135 LEU n 
1 136 PRO n 
1 137 ALA n 
1 138 PRO n 
1 139 ALA n 
1 140 ALA n 
1 141 ALA n 
1 142 GLY n 
1 143 GLU n 
1 144 ALA n 
1 145 ALA n 
1 146 ALA n 
1 147 GLU n 
1 148 ALA n 
1 149 LYS n 
1 150 PRO n 
1 151 ALA n 
1 152 ALA n 
1 153 LYS n 
1 154 ALA n 
1 155 LYS n 
1 156 ALA n 
1 157 LYS n 
1 158 ALA n 
1 159 GLU n 
1 160 ALA n 
# 
_entity_src_gen.entity_id                          1 
_entity_src_gen.pdbx_src_id                        1 
_entity_src_gen.pdbx_alt_source_flag               sample 
_entity_src_gen.pdbx_seq_type                      'Biological sequence' 
_entity_src_gen.pdbx_beg_seq_num                   1 
_entity_src_gen.pdbx_end_seq_num                   160 
_entity_src_gen.gene_src_common_name               ? 
_entity_src_gen.gene_src_genus                     ? 
_entity_src_gen.pdbx_gene_src_gene                 XII 
_entity_src_gen.gene_src_species                   ? 
_entity_src_gen.gene_src_strain                    ? 
_entity_src_gen.gene_src_tissue                    ? 
_entity_src_gen.gene_src_tissue_fraction           ? 
_entity_src_gen.gene_src_details                   ? 
_entity_src_gen.pdbx_gene_src_fragment             ? 
_entity_src_gen.pdbx_gene_src_scientific_name      'Enterobacteria phage PRD1' 
_entity_src_gen.pdbx_gene_src_ncbi_taxonomy_id     10658 
_entity_src_gen.pdbx_gene_src_variant              ? 
_entity_src_gen.pdbx_gene_src_cell_line            ? 
_entity_src_gen.pdbx_gene_src_atcc                 ? 
_entity_src_gen.pdbx_gene_src_organ                ? 
_entity_src_gen.pdbx_gene_src_organelle            ? 
_entity_src_gen.pdbx_gene_src_cell                 ? 
_entity_src_gen.pdbx_gene_src_cellular_location    ? 
_entity_src_gen.host_org_common_name               ? 
_entity_src_gen.pdbx_host_org_scientific_name      'Escherichia coli' 
_entity_src_gen.pdbx_host_org_ncbi_taxonomy_id     562 
_entity_src_gen.host_org_genus                     ? 
_entity_src_gen.pdbx_host_org_gene                 ? 
_entity_src_gen.pdbx_host_org_organ                ? 
_entity_src_gen.host_org_species                   ? 
_entity_src_gen.pdbx_host_org_tissue               ? 
_entity_src_gen.pdbx_host_org_tissue_fraction      ? 
_entity_src_gen.pdbx_host_org_strain               ? 
_entity_src_gen.pdbx_host_org_variant              ? 
_entity_src_gen.pdbx_host_org_cell_line            ? 
_entity_src_gen.pdbx_host_org_atcc                 ? 
_entity_src_gen.pdbx_host_org_culture_collection   ? 
_entity_src_gen.pdbx_host_org_cell                 ? 
_entity_src_gen.pdbx_host_org_organelle            ? 
_entity_src_gen.pdbx_host_org_cellular_location    ? 
_entity_src_gen.pdbx_host_org_vector_type          ? 
_entity_src_gen.pdbx_host_org_vector               ? 
_entity_src_gen.host_org_details                   ? 
_entity_src_gen.expression_system_id               ? 
_entity_src_gen.plasmid_name                       ? 
_entity_src_gen.plasmid_details                    ? 
_entity_src_gen.pdbx_description                   ? 
# 
loop_
_chem_comp.id 
_chem_comp.type 
_chem_comp.mon_nstd_flag 
_chem_comp.name 
_chem_comp.pdbx_synonyms 
_chem_comp.formula 
_chem_comp.formula_weight 
ALA 'L-peptide linking' y ALANINE         ? 'C3 H7 N O2'     89.093  
ARG 'L-peptide linking' y ARGININE        ? 'C6 H15 N4 O2 1' 175.209 
ASN 'L-peptide linking' y ASPARAGINE      ? 'C4 H8 N2 O3'    132.118 
ASP 'L-peptide linking' y 'ASPARTIC ACID' ? 'C4 H7 N O4'     133.103 
GLN 'L-peptide linking' y GLUTAMINE       ? 'C5 H10 N2 O3'   146.144 
GLU 'L-peptide linking' y 'GLUTAMIC ACID' ? 'C5 H9 N O4'     147.129 
GLY 'peptide linking'   y GLYCINE         ? 'C2 H5 N O2'     75.067  
HIS 'L-peptide linking' y HISTIDINE       ? 'C6 H10 N3 O2 1' 156.162 
HOH non-polymer         . WATER           ? 'H2 O'           18.015  
ILE 'L-peptide linking' y ISOLEUCINE      ? 'C6 H13 N O2'    131.173 
LEU 'L-peptide linking' y LEUCINE         ? 'C6 H13 N O2'    131.173 
LYS 'L-peptide linking' y LYSINE          ? 'C6 H15 N2 O2 1' 147.195 
MET 'L-peptide linking' y METHIONINE      ? 'C5 H11 N O2 S'  149.211 
PHE 'L-peptide linking' y PHENYLALANINE   ? 'C9 H11 N O2'    165.189 
PRO 'L-peptide linking' y PROLINE         ? 'C5 H9 N O2'     115.130 
SER 'L-peptide linking' y SERINE          ? 'C3 H7 N O3'     105.093 
THR 'L-peptide linking' y THREONINE       ? 'C4 H9 N O3'     119.119 
TRP 'L-peptide linking' y TRYPTOPHAN      ? 'C11 H12 N2 O2'  204.225 
TYR 'L-peptide linking' y TYROSINE        ? 'C9 H11 N O3'    181.189 
VAL 'L-peptide linking' y VALINE          ? 'C5 H11 N O2'    117.146 
# 
loop_
_pdbx_poly_seq_scheme.asym_id 
_pdbx_poly_seq_scheme.entity_id 
_pdbx_poly_seq_scheme.seq_id 
_pdbx_poly_seq_scheme.mon_id 
_pdbx_poly_seq_scheme.ndb_seq_num 
_pdbx_poly_seq_scheme.pdb_seq_num 
_pdbx_poly_seq_scheme.auth_seq_num 
_pdbx_poly_seq_scheme.pdb_mon_id 
_pdbx_poly_seq_scheme.auth_mon_id 
_pdbx_poly_seq_scheme.pdb_strand_id 
_pdbx_poly_seq_scheme.pdb_ins_code 
_pdbx_poly_seq_scheme.hetero 
A 1 1   MET 1   1   1   MET MET A . n 
A 1 2   GLU 2   2   2   GLU GLU A . n 
A 1 3   ILE 3   3   3   ILE ILE A . n 
A 1 4   VAL 4   4   4   VAL VAL A . n 
A 1 5   SER 5   5   5   SER SER A . n 
A 1 6   LYS 6   6   6   LYS LYS A . n 
A 1 7   LEU 7   7   7   LEU LEU A . n 
A 1 8   THR 8   8   8   THR THR A . n 
A 1 9   LEU 9   9   9   LEU LEU A . n 
A 1 10  LYS 10  10  10  LYS LYS A . n 
A 1 11  THR 11  11  11  THR THR A . n 
A 1 12  ILE 12  12  12  ILE ILE A . n 
A 1 13  GLY 13  13  13  GLY GLY A . n 
A 1 14  ALA 14  14  14  ALA ALA A . n 
A 1 15  GLN 15  15  15  GLN GLN A . n 
A 1 16  PRO 16  16  16  PRO PRO A . n 
A 1 17  LYS 17  17  17  LYS LYS A . n 
A 1 18  PRO 18  18  18  PRO PRO A . n 
A 1 19  HIS 19  19  19  HIS HIS A . n 
A 1 20  SER 20  20  20  SER SER A . n 
A 1 21  VAL 21  21  21  VAL VAL A . n 
A 1 22  LYS 22  22  22  LYS LYS A . n 
A 1 23  GLU 23  23  23  GLU GLU A . n 
A 1 24  ASN 24  24  24  ASN ASN A . n 
A 1 25  THR 25  25  25  THR THR A . n 
A 1 26  ALA 26  26  26  ALA ALA A . n 
A 1 27  LEU 27  27  27  LEU LEU A . n 
A 1 28  ALA 28  28  28  ALA ALA A . n 
A 1 29  SER 29  29  29  SER SER A . n 
A 1 30  ILE 30  30  30  ILE ILE A . n 
A 1 31  TYR 31  31  31  TYR TYR A . n 
A 1 32  GLY 32  32  32  GLY GLY A . n 
A 1 33  ARG 33  33  33  ARG ARG A . n 
A 1 34  VAL 34  34  34  VAL VAL A . n 
A 1 35  ARG 35  35  35  ARG ARG A . n 
A 1 36  GLY 36  36  36  GLY GLY A . n 
A 1 37  LYS 37  37  37  LYS LYS A . n 
A 1 38  LYS 38  38  38  LYS LYS A . n 
A 1 39  VAL 39  39  39  VAL VAL A . n 
A 1 40  GLY 40  40  40  GLY GLY A . n 
A 1 41  GLN 41  41  41  GLN GLN A . n 
A 1 42  SER 42  42  42  SER SER A . n 
A 1 43  THR 43  43  43  THR THR A . n 
A 1 44  PHE 44  44  44  PHE PHE A . n 
A 1 45  GLY 45  45  45  GLY GLY A . n 
A 1 46  ASP 46  46  46  ASP ASP A . n 
A 1 47  PHE 47  47  47  PHE PHE A . n 
A 1 48  ILE 48  48  48  ILE ILE A . n 
A 1 49  LYS 49  49  49  LYS LYS A . n 
A 1 50  PHE 50  50  50  PHE PHE A . n 
A 1 51  GLU 51  51  51  GLU GLU A . n 
A 1 52  GLY 52  52  52  GLY GLY A . n 
A 1 53  GLU 53  53  53  GLU GLU A . n 
A 1 54  PHE 54  54  54  PHE PHE A . n 
A 1 55  GLU 55  55  55  GLU GLU A . n 
A 1 56  GLY 56  56  56  GLY GLY A . n 
A 1 57  VAL 57  57  57  VAL VAL A . n 
A 1 58  ASN 58  58  58  ASN ASN A . n 
A 1 59  ILE 59  59  59  ILE ILE A . n 
A 1 60  ALA 60  60  60  ALA ALA A . n 
A 1 61  THR 61  61  61  THR THR A . n 
A 1 62  GLY 62  62  62  GLY GLY A . n 
A 1 63  GLU 63  63  63  GLU GLU A . n 
A 1 64  VAL 64  64  64  VAL VAL A . n 
A 1 65  PHE 65  65  65  PHE PHE A . n 
A 1 66  ARG 66  66  66  ARG ARG A . n 
A 1 67  SER 67  67  67  SER SER A . n 
A 1 68  GLY 68  68  68  GLY GLY A . n 
A 1 69  ALA 69  69  69  ALA ALA A . n 
A 1 70  LEU 70  70  70  LEU LEU A . n 
A 1 71  ILE 71  71  71  ILE ILE A . n 
A 1 72  LEU 72  72  72  LEU LEU A . n 
A 1 73  PRO 73  73  73  PRO PRO A . n 
A 1 74  LYS 74  74  74  LYS LYS A . n 
A 1 75  VAL 75  75  75  VAL VAL A . n 
A 1 76  LEU 76  76  76  LEU LEU A . n 
A 1 77  GLU 77  77  77  GLU GLU A . n 
A 1 78  SER 78  78  78  SER SER A . n 
A 1 79  LEU 79  79  79  LEU LEU A . n 
A 1 80  LEU 80  80  80  LEU LEU A . n 
A 1 81  ALA 81  81  81  ALA ALA A . n 
A 1 82  GLY 82  82  82  GLY GLY A . n 
A 1 83  ALA 83  83  83  ALA ALA A . n 
A 1 84  VAL 84  84  84  VAL VAL A . n 
A 1 85  ASP 85  85  85  ASP ASP A . n 
A 1 86  GLY 86  86  86  GLY GLY A . n 
A 1 87  GLU 87  87  87  GLU GLU A . n 
A 1 88  ASN 88  88  88  ASN ASN A . n 
A 1 89  THR 89  89  89  THR THR A . n 
A 1 90  VAL 90  90  90  VAL VAL A . n 
A 1 91  ASP 91  91  91  ASP ASP A . n 
A 1 92  PHE 92  92  92  PHE PHE A . n 
A 1 93  ALA 93  93  93  ALA ALA A . n 
A 1 94  VAL 94  94  94  VAL VAL A . n 
A 1 95  GLU 95  95  95  GLU GLU A . n 
A 1 96  ILE 96  96  96  ILE ILE A . n 
A 1 97  TRP 97  97  97  TRP TRP A . n 
A 1 98  ALA 98  98  98  ALA ALA A . n 
A 1 99  LYS 99  99  99  LYS LYS A . n 
A 1 100 PRO 100 100 100 PRO PRO A . n 
A 1 101 SER 101 101 101 SER SER A . n 
A 1 102 GLU 102 102 102 GLU GLU A . n 
A 1 103 LYS 103 103 103 LYS LYS A . n 
A 1 104 GLY 104 104 104 GLY GLY A . n 
A 1 105 ASN 105 105 105 ASN ASN A . n 
A 1 106 THR 106 106 106 THR THR A . n 
A 1 107 GLY 107 107 107 GLY GLY A . n 
A 1 108 TYR 108 108 108 TYR TYR A . n 
A 1 109 GLU 109 109 109 GLU GLU A . n 
A 1 110 TYR 110 110 110 TYR TYR A . n 
A 1 111 GLY 111 111 111 GLY GLY A . n 
A 1 112 VAL 112 112 112 VAL VAL A . n 
A 1 113 LYS 113 113 113 LYS LYS A . n 
A 1 114 PRO 114 114 114 PRO PRO A . n 
A 1 115 LEU 115 115 115 LEU LEU A . n 
A 1 116 ILE 116 116 116 ILE ILE A . n 
A 1 117 GLU 117 117 117 GLU GLU A . n 
A 1 118 PRO 118 118 ?   ?   ?   A . n 
A 1 119 ALA 119 119 ?   ?   ?   A . n 
A 1 120 ALA 120 120 ?   ?   ?   A . n 
A 1 121 SER 121 121 ?   ?   ?   A . n 
A 1 122 ASP 122 122 ?   ?   ?   A . n 
A 1 123 GLU 123 123 ?   ?   ?   A . n 
A 1 124 LEU 124 124 ?   ?   ?   A . n 
A 1 125 ALA 125 125 ?   ?   ?   A . n 
A 1 126 ALA 126 126 ?   ?   ?   A . n 
A 1 127 LEU 127 127 ?   ?   ?   A . n 
A 1 128 ARG 128 128 ?   ?   ?   A . n 
A 1 129 ASN 129 129 ?   ?   ?   A . n 
A 1 130 GLN 130 130 ?   ?   ?   A . n 
A 1 131 VAL 131 131 ?   ?   ?   A . n 
A 1 132 LYS 132 132 ?   ?   ?   A . n 
A 1 133 ALA 133 133 ?   ?   ?   A . n 
A 1 134 ALA 134 134 ?   ?   ?   A . n 
A 1 135 LEU 135 135 ?   ?   ?   A . n 
A 1 136 PRO 136 136 ?   ?   ?   A . n 
A 1 137 ALA 137 137 ?   ?   ?   A . n 
A 1 138 PRO 138 138 ?   ?   ?   A . n 
A 1 139 ALA 139 139 ?   ?   ?   A . n 
A 1 140 ALA 140 140 ?   ?   ?   A . n 
A 1 141 ALA 141 141 ?   ?   ?   A . n 
A 1 142 GLY 142 142 ?   ?   ?   A . n 
A 1 143 GLU 143 143 ?   ?   ?   A . n 
A 1 144 ALA 144 144 ?   ?   ?   A . n 
A 1 145 ALA 145 145 ?   ?   ?   A . n 
A 1 146 ALA 146 146 ?   ?   ?   A . n 
A 1 147 GLU 147 147 ?   ?   ?   A . n 
A 1 148 ALA 148 148 ?   ?   ?   A . n 
A 1 149 LYS 149 149 ?   ?   ?   A . n 
A 1 150 PRO 150 150 ?   ?   ?   A . n 
A 1 151 ALA 151 151 ?   ?   ?   A . n 
A 1 152 ALA 152 152 ?   ?   ?   A . n 
A 1 153 LYS 153 153 ?   ?   ?   A . n 
A 1 154 ALA 154 154 ?   ?   ?   A . n 
A 1 155 LYS 155 155 ?   ?   ?   A . n 
A 1 156 ALA 156 156 ?   ?   ?   A . n 
A 1 157 LYS 157 157 ?   ?   ?   A . n 
A 1 158 ALA 158 158 ?   ?   ?   A . n 
A 1 159 GLU 159 159 ?   ?   ?   A . n 
A 1 160 ALA 160 160 ?   ?   ?   A . n 
# 
loop_
_pdbx_nonpoly_scheme.asym_id 
_pdbx_nonpoly_scheme.entity_id 
_pdbx_nonpoly_scheme.mon_id 
_pdbx_nonpoly_scheme.ndb_seq_num 
_pdbx_nonpoly_scheme.pdb_seq_num 
_pdbx_nonpoly_scheme.auth_seq_num 
_pdbx_nonpoly_scheme.pdb_mon_id 
_pdbx_nonpoly_scheme.auth_mon_id 
_pdbx_nonpoly_scheme.pdb_strand_id 
_pdbx_nonpoly_scheme.pdb_ins_code 
B 2 HOH 1  201 169 HOH HOH A . 
B 2 HOH 2  202 144 HOH HOH A . 
B 2 HOH 3  203 141 HOH HOH A . 
B 2 HOH 4  204 162 HOH HOH A . 
B 2 HOH 5  205 168 HOH HOH A . 
B 2 HOH 6  206 157 HOH HOH A . 
B 2 HOH 7  207 125 HOH HOH A . 
B 2 HOH 8  208 174 HOH HOH A . 
B 2 HOH 9  209 149 HOH HOH A . 
B 2 HOH 10 210 148 HOH HOH A . 
B 2 HOH 11 211 170 HOH HOH A . 
B 2 HOH 12 212 142 HOH HOH A . 
B 2 HOH 13 213 155 HOH HOH A . 
B 2 HOH 14 214 120 HOH HOH A . 
B 2 HOH 15 215 139 HOH HOH A . 
B 2 HOH 16 216 130 HOH HOH A . 
B 2 HOH 17 217 123 HOH HOH A . 
B 2 HOH 18 218 156 HOH HOH A . 
B 2 HOH 19 219 136 HOH HOH A . 
B 2 HOH 20 220 129 HOH HOH A . 
B 2 HOH 21 221 118 HOH HOH A . 
B 2 HOH 22 222 131 HOH HOH A . 
B 2 HOH 23 223 119 HOH HOH A . 
B 2 HOH 24 224 138 HOH HOH A . 
B 2 HOH 25 225 134 HOH HOH A . 
B 2 HOH 26 226 154 HOH HOH A . 
B 2 HOH 27 227 121 HOH HOH A . 
B 2 HOH 28 228 133 HOH HOH A . 
B 2 HOH 29 229 158 HOH HOH A . 
B 2 HOH 30 230 151 HOH HOH A . 
B 2 HOH 31 231 132 HOH HOH A . 
B 2 HOH 32 232 127 HOH HOH A . 
B 2 HOH 33 233 147 HOH HOH A . 
B 2 HOH 34 234 135 HOH HOH A . 
B 2 HOH 35 235 122 HOH HOH A . 
B 2 HOH 36 236 140 HOH HOH A . 
B 2 HOH 37 237 146 HOH HOH A . 
B 2 HOH 38 238 128 HOH HOH A . 
B 2 HOH 39 239 150 HOH HOH A . 
B 2 HOH 40 240 160 HOH HOH A . 
B 2 HOH 41 241 126 HOH HOH A . 
B 2 HOH 42 242 145 HOH HOH A . 
B 2 HOH 43 243 124 HOH HOH A . 
B 2 HOH 44 244 161 HOH HOH A . 
B 2 HOH 45 245 171 HOH HOH A . 
B 2 HOH 46 246 163 HOH HOH A . 
B 2 HOH 47 247 143 HOH HOH A . 
B 2 HOH 48 248 152 HOH HOH A . 
B 2 HOH 49 249 137 HOH HOH A . 
B 2 HOH 50 250 173 HOH HOH A . 
B 2 HOH 51 251 166 HOH HOH A . 
B 2 HOH 52 252 153 HOH HOH A . 
B 2 HOH 53 253 159 HOH HOH A . 
B 2 HOH 54 254 167 HOH HOH A . 
B 2 HOH 55 255 172 HOH HOH A . 
B 2 HOH 56 256 165 HOH HOH A . 
B 2 HOH 57 257 175 HOH HOH A . 
B 2 HOH 58 258 164 HOH HOH A . 
# 
loop_
_pdbx_unobs_or_zero_occ_atoms.id 
_pdbx_unobs_or_zero_occ_atoms.PDB_model_num 
_pdbx_unobs_or_zero_occ_atoms.polymer_flag 
_pdbx_unobs_or_zero_occ_atoms.occupancy_flag 
_pdbx_unobs_or_zero_occ_atoms.auth_asym_id 
_pdbx_unobs_or_zero_occ_atoms.auth_comp_id 
_pdbx_unobs_or_zero_occ_atoms.auth_seq_id 
_pdbx_unobs_or_zero_occ_atoms.PDB_ins_code 
_pdbx_unobs_or_zero_occ_atoms.auth_atom_id 
_pdbx_unobs_or_zero_occ_atoms.label_alt_id 
_pdbx_unobs_or_zero_occ_atoms.label_asym_id 
_pdbx_unobs_or_zero_occ_atoms.label_comp_id 
_pdbx_unobs_or_zero_occ_atoms.label_seq_id 
_pdbx_unobs_or_zero_occ_atoms.label_atom_id 
1 1 Y 1 A GLU 102 ? CG  ? A GLU 102 CG  
2 1 Y 1 A GLU 102 ? CD  ? A GLU 102 CD  
3 1 Y 1 A GLU 102 ? OE1 ? A GLU 102 OE1 
4 1 Y 1 A GLU 102 ? OE2 ? A GLU 102 OE2 
# 
loop_
_software.citation_id 
_software.classification 
_software.compiler_name 
_software.compiler_version 
_software.contact_author 
_software.contact_author_email 
_software.date 
_software.description 
_software.dependencies 
_software.hardware 
_software.language 
_software.location 
_software.mods 
_software.name 
_software.os 
_software.os_version 
_software.type 
_software.version 
_software.pdbx_ordinal 
? refinement       ? ? ? ? ? ? ? ? ? ? ? PHENIX  ? ? ? 1.21 1 
? 'data reduction' ? ? ? ? ? ? ? ? ? ? ? XDS     ? ? ? .    2 
? 'data scaling'   ? ? ? ? ? ? ? ? ? ? ? Aimless ? ? ? .    3 
? phasing          ? ? ? ? ? ? ? ? ? ? ? PHASER  ? ? ? .    4 
# 
_cell.angle_alpha                  90.00 
_cell.angle_alpha_esd              ? 
_cell.angle_beta                   90.00 
_cell.angle_beta_esd               ? 
_cell.angle_gamma                  90.00 
_cell.angle_gamma_esd              ? 
_cell.entry_id                     9GFQ 
_cell.details                      ? 
_cell.formula_units_Z              ? 
_cell.length_a                     36.434 
_cell.length_a_esd                 ? 
_cell.length_b                     50.999 
_cell.length_b_esd                 ? 
_cell.length_c                     56.344 
_cell.length_c_esd                 ? 
_cell.volume                       ? 
_cell.volume_esd                   ? 
_cell.Z_PDB                        4 
_cell.reciprocal_angle_alpha       ? 
_cell.reciprocal_angle_beta        ? 
_cell.reciprocal_angle_gamma       ? 
_cell.reciprocal_angle_alpha_esd   ? 
_cell.reciprocal_angle_beta_esd    ? 
_cell.reciprocal_angle_gamma_esd   ? 
_cell.reciprocal_length_a          ? 
_cell.reciprocal_length_b          ? 
_cell.reciprocal_length_c          ? 
_cell.reciprocal_length_a_esd      ? 
_cell.reciprocal_length_b_esd      ? 
_cell.reciprocal_length_c_esd      ? 
_cell.pdbx_unique_axis             ? 
_cell.pdbx_esd_method              ? 
# 
_symmetry.entry_id                         9GFQ 
_symmetry.cell_setting                     ? 
_symmetry.Int_Tables_number                19 
_symmetry.space_group_name_Hall            ? 
_symmetry.space_group_name_H-M             'P 21 21 21' 
_symmetry.pdbx_full_space_group_name_H-M   ? 
# 
_exptl.absorpt_coefficient_mu     ? 
_exptl.absorpt_correction_T_max   ? 
_exptl.absorpt_correction_T_min   ? 
_exptl.absorpt_correction_type    ? 
_exptl.absorpt_process_details    ? 
_exptl.entry_id                   9GFQ 
_exptl.crystals_number            1 
_exptl.details                    ? 
_exptl.method                     'X-RAY DIFFRACTION' 
_exptl.method_details             ? 
# 
_exptl_crystal.colour                       ? 
_exptl_crystal.density_diffrn               ? 
_exptl_crystal.density_Matthews             ? 
_exptl_crystal.density_method               ? 
_exptl_crystal.density_percent_sol          ? 
_exptl_crystal.description                  ? 
_exptl_crystal.F_000                        ? 
_exptl_crystal.id                           1 
_exptl_crystal.preparation                  ? 
_exptl_crystal.size_max                     ? 
_exptl_crystal.size_mid                     ? 
_exptl_crystal.size_min                     ? 
_exptl_crystal.size_rad                     ? 
_exptl_crystal.colour_lustre                ? 
_exptl_crystal.colour_modifier              ? 
_exptl_crystal.colour_primary               ? 
_exptl_crystal.density_meas                 ? 
_exptl_crystal.density_meas_esd             ? 
_exptl_crystal.density_meas_gt              ? 
_exptl_crystal.density_meas_lt              ? 
_exptl_crystal.density_meas_temp            ? 
_exptl_crystal.density_meas_temp_esd        ? 
_exptl_crystal.density_meas_temp_gt         ? 
_exptl_crystal.density_meas_temp_lt         ? 
_exptl_crystal.pdbx_crystal_image_url       ? 
_exptl_crystal.pdbx_crystal_image_format    ? 
_exptl_crystal.pdbx_mosaicity               ? 
_exptl_crystal.pdbx_mosaicity_esd           ? 
_exptl_crystal.pdbx_mosaic_method           ? 
_exptl_crystal.pdbx_mosaic_block_size       ? 
_exptl_crystal.pdbx_mosaic_block_size_esd   ? 
# 
_exptl_crystal_grow.apparatus       ? 
_exptl_crystal_grow.atmosphere      ? 
_exptl_crystal_grow.crystal_id      1 
_exptl_crystal_grow.details         ? 
_exptl_crystal_grow.method          'VAPOR DIFFUSION, SITTING DROP' 
_exptl_crystal_grow.method_ref      ? 
_exptl_crystal_grow.pH              ? 
_exptl_crystal_grow.pressure        ? 
_exptl_crystal_grow.pressure_esd    ? 
_exptl_crystal_grow.seeding         ? 
_exptl_crystal_grow.seeding_ref     ? 
_exptl_crystal_grow.temp_details    ? 
_exptl_crystal_grow.temp_esd        ? 
_exptl_crystal_grow.time            ? 
_exptl_crystal_grow.pdbx_details    
;From Morpheus[1], Molecular Dimensions: 0.12 M monosaccharides (0.2M D-glucose; 0.2M D-mannose; 0.2M D-galactose; 0.2M L-fucose; 0.2M D-xylose; 0.2M N-acetyl-D-glucosamine), 0.1 M buffer system 3 (Tris [base]; BICINE) pH 8.5, and 37.5 % v/v precipitant mix 4 (25% v/v MPD; 25% PEG 1000; 25% w/v PEG 3350)
;
_exptl_crystal_grow.pdbx_pH_range   ? 
_exptl_crystal_grow.temp            293 
# 
_diffrn.ambient_environment              ? 
_diffrn.ambient_temp                     100 
_diffrn.ambient_temp_details             ? 
_diffrn.ambient_temp_esd                 ? 
_diffrn.crystal_id                       1 
_diffrn.crystal_support                  ? 
_diffrn.crystal_treatment                ? 
_diffrn.details                          ? 
_diffrn.id                               1 
_diffrn.ambient_pressure                 ? 
_diffrn.ambient_pressure_esd             ? 
_diffrn.ambient_pressure_gt              ? 
_diffrn.ambient_pressure_lt              ? 
_diffrn.ambient_temp_gt                  ? 
_diffrn.ambient_temp_lt                  ? 
_diffrn.pdbx_serial_crystal_experiment   N 
# 
_diffrn_detector.details                      ? 
_diffrn_detector.detector                     PIXEL 
_diffrn_detector.diffrn_id                    1 
_diffrn_detector.type                         'DECTRIS EIGER X 16M' 
_diffrn_detector.area_resol_mean              ? 
_diffrn_detector.dtime                        ? 
_diffrn_detector.pdbx_frames_total            ? 
_diffrn_detector.pdbx_collection_time_total   ? 
_diffrn_detector.pdbx_collection_date         2023-07-07 
_diffrn_detector.pdbx_frequency               ? 
_diffrn_detector.id                           ? 
_diffrn_detector.number_of_axes               ? 
# 
_diffrn_radiation.collimation                      ? 
_diffrn_radiation.diffrn_id                        1 
_diffrn_radiation.filter_edge                      ? 
_diffrn_radiation.inhomogeneity                    ? 
_diffrn_radiation.monochromator                    ? 
_diffrn_radiation.polarisn_norm                    ? 
_diffrn_radiation.polarisn_ratio                   ? 
_diffrn_radiation.probe                            ? 
_diffrn_radiation.type                             ? 
_diffrn_radiation.xray_symbol                      ? 
_diffrn_radiation.wavelength_id                    1 
_diffrn_radiation.pdbx_monochromatic_or_laue_m_l   M 
_diffrn_radiation.pdbx_wavelength_list             ? 
_diffrn_radiation.pdbx_wavelength                  ? 
_diffrn_radiation.pdbx_diffrn_protocol             'SINGLE WAVELENGTH' 
_diffrn_radiation.pdbx_analyzer                    ? 
_diffrn_radiation.pdbx_scattering_type             x-ray 
# 
_diffrn_radiation_wavelength.id           1 
_diffrn_radiation_wavelength.wavelength   1.000030 
_diffrn_radiation_wavelength.wt           1.0 
# 
_diffrn_source.current                     ? 
_diffrn_source.details                     ? 
_diffrn_source.diffrn_id                   1 
_diffrn_source.power                       ? 
_diffrn_source.size                        ? 
_diffrn_source.source                      SYNCHROTRON 
_diffrn_source.target                      ? 
_diffrn_source.type                        'SLS BEAMLINE X06SA' 
_diffrn_source.voltage                     ? 
_diffrn_source.take-off_angle              ? 
_diffrn_source.pdbx_wavelength_list        1.000030 
_diffrn_source.pdbx_wavelength             ? 
_diffrn_source.pdbx_synchrotron_beamline   X06SA 
_diffrn_source.pdbx_synchrotron_site       SLS 
# 
_reflns.B_iso_Wilson_estimate                          ? 
_reflns.entry_id                                       9GFQ 
_reflns.data_reduction_details                         ? 
_reflns.data_reduction_method                          ? 
_reflns.d_resolution_high                              1.7 
_reflns.d_resolution_low                               37.8 
_reflns.details                                        ? 
_reflns.limit_h_max                                    ? 
_reflns.limit_h_min                                    ? 
_reflns.limit_k_max                                    ? 
_reflns.limit_k_min                                    ? 
_reflns.limit_l_max                                    ? 
_reflns.limit_l_min                                    ? 
_reflns.number_all                                     ? 
_reflns.number_obs                                     12325 
_reflns.observed_criterion                             ? 
_reflns.observed_criterion_F_max                       ? 
_reflns.observed_criterion_F_min                       ? 
_reflns.observed_criterion_I_max                       ? 
_reflns.observed_criterion_I_min                       ? 
_reflns.observed_criterion_sigma_F                     ? 
_reflns.observed_criterion_sigma_I                     ? 
_reflns.percent_possible_obs                           99 
_reflns.R_free_details                                 ? 
_reflns.Rmerge_F_all                                   ? 
_reflns.Rmerge_F_obs                                   ? 
_reflns.Friedel_coverage                               ? 
_reflns.number_gt                                      ? 
_reflns.threshold_expression                           ? 
_reflns.pdbx_redundancy                                12.4 
_reflns.pdbx_netI_over_av_sigmaI                       ? 
_reflns.pdbx_netI_over_sigmaI                          9.4 
_reflns.pdbx_res_netI_over_av_sigmaI_2                 ? 
_reflns.pdbx_res_netI_over_sigmaI_2                    ? 
_reflns.pdbx_chi_squared                               ? 
_reflns.pdbx_scaling_rejects                           ? 
_reflns.pdbx_d_res_high_opt                            ? 
_reflns.pdbx_d_res_low_opt                             ? 
_reflns.pdbx_d_res_opt_method                          ? 
_reflns.phase_calculation_details                      ? 
_reflns.pdbx_Rrim_I_all                                ? 
_reflns.pdbx_Rpim_I_all                                ? 
_reflns.pdbx_d_opt                                     ? 
_reflns.pdbx_number_measured_all                       ? 
_reflns.pdbx_diffrn_id                                 1 
_reflns.pdbx_ordinal                                   1 
_reflns.pdbx_CC_half                                   0.99 
_reflns.pdbx_CC_star                                   ? 
_reflns.pdbx_R_split                                   ? 
_reflns.pdbx_Rmerge_I_obs                              ? 
_reflns.pdbx_Rmerge_I_all                              ? 
_reflns.pdbx_Rsym_value                                ? 
_reflns.pdbx_CC_split_method                           ? 
_reflns.pdbx_aniso_diffraction_limit_axis_1_ortho[1]   ? 
_reflns.pdbx_aniso_diffraction_limit_axis_1_ortho[2]   ? 
_reflns.pdbx_aniso_diffraction_limit_axis_1_ortho[3]   ? 
_reflns.pdbx_aniso_diffraction_limit_axis_2_ortho[1]   ? 
_reflns.pdbx_aniso_diffraction_limit_axis_2_ortho[2]   ? 
_reflns.pdbx_aniso_diffraction_limit_axis_2_ortho[3]   ? 
_reflns.pdbx_aniso_diffraction_limit_axis_3_ortho[1]   ? 
_reflns.pdbx_aniso_diffraction_limit_axis_3_ortho[2]   ? 
_reflns.pdbx_aniso_diffraction_limit_axis_3_ortho[3]   ? 
_reflns.pdbx_aniso_diffraction_limit_1                 ? 
_reflns.pdbx_aniso_diffraction_limit_2                 ? 
_reflns.pdbx_aniso_diffraction_limit_3                 ? 
_reflns.pdbx_aniso_B_tensor_eigenvector_1_ortho[1]     ? 
_reflns.pdbx_aniso_B_tensor_eigenvector_1_ortho[2]     ? 
_reflns.pdbx_aniso_B_tensor_eigenvector_1_ortho[3]     ? 
_reflns.pdbx_aniso_B_tensor_eigenvector_2_ortho[1]     ? 
_reflns.pdbx_aniso_B_tensor_eigenvector_2_ortho[2]     ? 
_reflns.pdbx_aniso_B_tensor_eigenvector_2_ortho[3]     ? 
_reflns.pdbx_aniso_B_tensor_eigenvector_3_ortho[1]     ? 
_reflns.pdbx_aniso_B_tensor_eigenvector_3_ortho[2]     ? 
_reflns.pdbx_aniso_B_tensor_eigenvector_3_ortho[3]     ? 
_reflns.pdbx_aniso_B_tensor_eigenvalue_1               ? 
_reflns.pdbx_aniso_B_tensor_eigenvalue_2               ? 
_reflns.pdbx_aniso_B_tensor_eigenvalue_3               ? 
_reflns.pdbx_orthogonalization_convention              ? 
_reflns.pdbx_percent_possible_ellipsoidal              ? 
_reflns.pdbx_percent_possible_spherical                ? 
_reflns.pdbx_percent_possible_ellipsoidal_anomalous    ? 
_reflns.pdbx_percent_possible_spherical_anomalous      ? 
_reflns.pdbx_redundancy_anomalous                      ? 
_reflns.pdbx_CC_half_anomalous                         ? 
_reflns.pdbx_absDiff_over_sigma_anomalous              ? 
_reflns.pdbx_percent_possible_anomalous                ? 
_reflns.pdbx_observed_signal_threshold                 ? 
_reflns.pdbx_signal_type                               ? 
_reflns.pdbx_signal_details                            ? 
_reflns.pdbx_signal_software_id                        ? 
# 
_reflns_shell.d_res_high                                    1.7 
_reflns_shell.d_res_low                                     1.8 
_reflns_shell.meanI_over_sigI_all                           ? 
_reflns_shell.meanI_over_sigI_obs                           ? 
_reflns_shell.number_measured_all                           ? 
_reflns_shell.number_measured_obs                           ? 
_reflns_shell.number_possible                               ? 
_reflns_shell.number_unique_all                             ? 
_reflns_shell.number_unique_obs                             595 
_reflns_shell.percent_possible_obs                          ? 
_reflns_shell.Rmerge_F_all                                  ? 
_reflns_shell.Rmerge_F_obs                                  ? 
_reflns_shell.meanI_over_sigI_gt                            ? 
_reflns_shell.meanI_over_uI_all                             ? 
_reflns_shell.meanI_over_uI_gt                              ? 
_reflns_shell.number_measured_gt                            ? 
_reflns_shell.number_unique_gt                              ? 
_reflns_shell.percent_possible_gt                           ? 
_reflns_shell.Rmerge_F_gt                                   ? 
_reflns_shell.Rmerge_I_gt                                   ? 
_reflns_shell.pdbx_redundancy                               ? 
_reflns_shell.pdbx_chi_squared                              ? 
_reflns_shell.pdbx_netI_over_sigmaI_all                     ? 
_reflns_shell.pdbx_netI_over_sigmaI_obs                     ? 
_reflns_shell.pdbx_Rrim_I_all                               ? 
_reflns_shell.pdbx_Rpim_I_all                               ? 
_reflns_shell.pdbx_rejects                                  ? 
_reflns_shell.pdbx_ordinal                                  1 
_reflns_shell.pdbx_diffrn_id                                1 
_reflns_shell.pdbx_CC_half                                  0.50 
_reflns_shell.pdbx_CC_star                                  ? 
_reflns_shell.pdbx_R_split                                  ? 
_reflns_shell.percent_possible_all                          95 
_reflns_shell.Rmerge_I_all                                  ? 
_reflns_shell.Rmerge_I_obs                                  ? 
_reflns_shell.pdbx_Rsym_value                               ? 
_reflns_shell.pdbx_percent_possible_ellipsoidal             ? 
_reflns_shell.pdbx_percent_possible_spherical               ? 
_reflns_shell.pdbx_percent_possible_ellipsoidal_anomalous   ? 
_reflns_shell.pdbx_percent_possible_spherical_anomalous     ? 
_reflns_shell.pdbx_redundancy_anomalous                     ? 
_reflns_shell.pdbx_CC_half_anomalous                        ? 
_reflns_shell.pdbx_absDiff_over_sigma_anomalous             ? 
_reflns_shell.pdbx_percent_possible_anomalous               ? 
# 
_refine.aniso_B[1][1]                            ? 
_refine.aniso_B[1][2]                            ? 
_refine.aniso_B[1][3]                            ? 
_refine.aniso_B[2][2]                            ? 
_refine.aniso_B[2][3]                            ? 
_refine.aniso_B[3][3]                            ? 
_refine.B_iso_max                                ? 
_refine.B_iso_mean                               ? 
_refine.B_iso_min                                ? 
_refine.correlation_coeff_Fo_to_Fc               ? 
_refine.correlation_coeff_Fo_to_Fc_free          ? 
_refine.details                                  ? 
_refine.diff_density_max                         ? 
_refine.diff_density_max_esd                     ? 
_refine.diff_density_min                         ? 
_refine.diff_density_min_esd                     ? 
_refine.diff_density_rms                         ? 
_refine.diff_density_rms_esd                     ? 
_refine.entry_id                                 9GFQ 
_refine.pdbx_refine_id                           'X-RAY DIFFRACTION' 
_refine.ls_abs_structure_details                 ? 
_refine.ls_abs_structure_Flack                   ? 
_refine.ls_abs_structure_Flack_esd               ? 
_refine.ls_abs_structure_Rogers                  ? 
_refine.ls_abs_structure_Rogers_esd              ? 
_refine.ls_d_res_high                            1.7 
_refine.ls_d_res_low                             37.8 
_refine.ls_extinction_coef                       ? 
_refine.ls_extinction_coef_esd                   ? 
_refine.ls_extinction_expression                 ? 
_refine.ls_extinction_method                     ? 
_refine.ls_goodness_of_fit_all                   ? 
_refine.ls_goodness_of_fit_all_esd               ? 
_refine.ls_goodness_of_fit_obs                   ? 
_refine.ls_goodness_of_fit_obs_esd               ? 
_refine.ls_hydrogen_treatment                    ? 
_refine.ls_matrix_type                           ? 
_refine.ls_number_constraints                    ? 
_refine.ls_number_parameters                     ? 
_refine.ls_number_reflns_all                     ? 
_refine.ls_number_reflns_obs                     12325 
_refine.ls_number_reflns_R_free                  ? 
_refine.ls_number_reflns_R_work                  ? 
_refine.ls_number_restraints                     ? 
_refine.ls_percent_reflns_obs                    99 
_refine.ls_percent_reflns_R_free                 ? 
_refine.ls_R_factor_all                          ? 
_refine.ls_R_factor_obs                          ? 
_refine.ls_R_factor_R_free                       0.259 
_refine.ls_R_factor_R_free_error                 ? 
_refine.ls_R_factor_R_free_error_details         ? 
_refine.ls_R_factor_R_work                       0.228 
_refine.ls_R_Fsqd_factor_obs                     ? 
_refine.ls_R_I_factor_obs                        ? 
_refine.ls_redundancy_reflns_all                 ? 
_refine.ls_redundancy_reflns_obs                 ? 
_refine.ls_restrained_S_all                      ? 
_refine.ls_restrained_S_obs                      ? 
_refine.ls_shift_over_esd_max                    ? 
_refine.ls_shift_over_esd_mean                   ? 
_refine.ls_structure_factor_coef                 ? 
_refine.ls_weighting_details                     ? 
_refine.ls_weighting_scheme                      ? 
_refine.ls_wR_factor_all                         ? 
_refine.ls_wR_factor_obs                         ? 
_refine.ls_wR_factor_R_free                      ? 
_refine.ls_wR_factor_R_work                      ? 
_refine.occupancy_max                            ? 
_refine.occupancy_min                            ? 
_refine.solvent_model_details                    ? 
_refine.solvent_model_param_bsol                 ? 
_refine.solvent_model_param_ksol                 ? 
_refine.pdbx_R_complete                          ? 
_refine.ls_R_factor_gt                           ? 
_refine.ls_goodness_of_fit_gt                    ? 
_refine.ls_goodness_of_fit_ref                   ? 
_refine.ls_shift_over_su_max                     ? 
_refine.ls_shift_over_su_max_lt                  ? 
_refine.ls_shift_over_su_mean                    ? 
_refine.ls_shift_over_su_mean_lt                 ? 
_refine.pdbx_ls_sigma_I                          ? 
_refine.pdbx_ls_sigma_F                          ? 
_refine.pdbx_ls_sigma_Fsqd                       ? 
_refine.pdbx_data_cutoff_high_absF               ? 
_refine.pdbx_data_cutoff_high_rms_absF           ? 
_refine.pdbx_data_cutoff_low_absF                ? 
_refine.pdbx_isotropic_thermal_model             ? 
_refine.pdbx_ls_cross_valid_method               'FREE R-VALUE' 
_refine.pdbx_method_to_determine_struct          'MOLECULAR REPLACEMENT' 
_refine.pdbx_starting_model                      ? 
_refine.pdbx_stereochemistry_target_values       ? 
_refine.pdbx_R_Free_selection_details            ? 
_refine.pdbx_stereochem_target_val_spec_case     ? 
_refine.pdbx_overall_ESU_R                       ? 
_refine.pdbx_overall_ESU_R_Free                  ? 
_refine.pdbx_solvent_vdw_probe_radii             ? 
_refine.pdbx_solvent_ion_probe_radii             ? 
_refine.pdbx_solvent_shrinkage_radii             ? 
_refine.pdbx_real_space_R                        ? 
_refine.pdbx_density_correlation                 ? 
_refine.pdbx_pd_number_of_powder_patterns        ? 
_refine.pdbx_pd_number_of_points                 ? 
_refine.pdbx_pd_meas_number_of_points            ? 
_refine.pdbx_pd_proc_ls_prof_R_factor            ? 
_refine.pdbx_pd_proc_ls_prof_wR_factor           ? 
_refine.pdbx_pd_Marquardt_correlation_coeff      ? 
_refine.pdbx_pd_Fsqrd_R_factor                   ? 
_refine.pdbx_pd_ls_matrix_band_width             ? 
_refine.pdbx_overall_phase_error                 ? 
_refine.pdbx_overall_SU_R_free_Cruickshank_DPI   ? 
_refine.pdbx_overall_SU_R_free_Blow_DPI          ? 
_refine.pdbx_overall_SU_R_Blow_DPI               ? 
_refine.pdbx_TLS_residual_ADP_flag               ? 
_refine.pdbx_diffrn_id                           1 
_refine.overall_SU_B                             ? 
_refine.overall_SU_ML                            ? 
_refine.overall_SU_R_Cruickshank_DPI             ? 
_refine.overall_SU_R_free                        ? 
_refine.overall_FOM_free_R_set                   ? 
_refine.overall_FOM_work_R_set                   ? 
_refine.pdbx_average_fsc_overall                 ? 
_refine.pdbx_average_fsc_work                    ? 
_refine.pdbx_average_fsc_free                    ? 
# 
_refine_hist.pdbx_refine_id                   'X-RAY DIFFRACTION' 
_refine_hist.cycle_id                         LAST 
_refine_hist.pdbx_number_atoms_protein        884 
_refine_hist.pdbx_number_atoms_nucleic_acid   0 
_refine_hist.pdbx_number_atoms_ligand         0 
_refine_hist.number_atoms_solvent             58 
_refine_hist.number_atoms_total               942 
_refine_hist.d_res_high                       1.7 
_refine_hist.d_res_low                        37.8 
# 
_struct.entry_id                     9GFQ 
_struct.title                        'Structure of PRD1 SSB P12' 
_struct.pdbx_model_details           ? 
_struct.pdbx_formula_weight          ? 
_struct.pdbx_formula_weight_method   ? 
_struct.pdbx_model_type_details      ? 
_struct.pdbx_CASP_flag               N 
# 
_struct_keywords.entry_id        9GFQ 
_struct_keywords.text            'SSB, PRD1, protein-primed, DNA-binding, DNA BINDING PROTEIN' 
_struct_keywords.pdbx_keywords   'DNA BINDING PROTEIN' 
# 
loop_
_struct_asym.id 
_struct_asym.pdbx_blank_PDB_chainid_flag 
_struct_asym.pdbx_modified 
_struct_asym.entity_id 
_struct_asym.details 
A N N 1 ? 
B N N 2 ? 
# 
_struct_ref.id                         1 
_struct_ref.db_name                    UNP 
_struct_ref.db_code                    VP12_BPPRD 
_struct_ref.pdbx_db_accession          P17637 
_struct_ref.pdbx_db_isoform            ? 
_struct_ref.entity_id                  1 
_struct_ref.pdbx_seq_one_letter_code   
;MEIVSKLTLKTIGAQPKPHSVKENTALASIYGRVRGKKVGQSTFGDFIKFEGEFEGVNIATGEVFRSGALILPKVLESLL
AGAVDGENTVDFAVEIWAKPSEKGNTGYEYGVKPLIEPAASDELAALRNQVKAALPAPAAAGEAAAEAKPAAKAKAKAEA

;
_struct_ref.pdbx_align_begin           1 
# 
_struct_ref_seq.align_id                      1 
_struct_ref_seq.ref_id                        1 
_struct_ref_seq.pdbx_PDB_id_code              9GFQ 
_struct_ref_seq.pdbx_strand_id                A 
_struct_ref_seq.seq_align_beg                 1 
_struct_ref_seq.pdbx_seq_align_beg_ins_code   ? 
_struct_ref_seq.seq_align_end                 160 
_struct_ref_seq.pdbx_seq_align_end_ins_code   ? 
_struct_ref_seq.pdbx_db_accession             P17637 
_struct_ref_seq.db_align_beg                  1 
_struct_ref_seq.pdbx_db_align_beg_ins_code    ? 
_struct_ref_seq.db_align_end                  160 
_struct_ref_seq.pdbx_db_align_end_ins_code    ? 
_struct_ref_seq.pdbx_auth_seq_align_beg       1 
_struct_ref_seq.pdbx_auth_seq_align_end       160 
# 
_pdbx_struct_assembly.id                   1 
_pdbx_struct_assembly.details              author_defined_assembly 
_pdbx_struct_assembly.method_details       ? 
_pdbx_struct_assembly.oligomeric_details   monomeric 
_pdbx_struct_assembly.oligomeric_count     1 
# 
loop_
_pdbx_struct_assembly_prop.biol_id 
_pdbx_struct_assembly_prop.type 
_pdbx_struct_assembly_prop.value 
_pdbx_struct_assembly_prop.details 
1 'ABSA (A^2)' 0    ? 
1 MORE         0    ? 
1 'SSA (A^2)'  7080 ? 
# 
_pdbx_struct_assembly_gen.assembly_id       1 
_pdbx_struct_assembly_gen.oper_expression   1 
_pdbx_struct_assembly_gen.asym_id_list      A,B 
# 
_pdbx_struct_assembly_auth_evidence.id                     1 
_pdbx_struct_assembly_auth_evidence.assembly_id            1 
_pdbx_struct_assembly_auth_evidence.experimental_support   'gel filtration' 
_pdbx_struct_assembly_auth_evidence.details                ? 
# 
_pdbx_struct_oper_list.id                   1 
_pdbx_struct_oper_list.type                 'identity operation' 
_pdbx_struct_oper_list.name                 1_555 
_pdbx_struct_oper_list.symmetry_operation   x,y,z 
_pdbx_struct_oper_list.matrix[1][1]         1.0000000000 
_pdbx_struct_oper_list.matrix[1][2]         0.0000000000 
_pdbx_struct_oper_list.matrix[1][3]         0.0000000000 
_pdbx_struct_oper_list.vector[1]            0.0000000000 
_pdbx_struct_oper_list.matrix[2][1]         0.0000000000 
_pdbx_struct_oper_list.matrix[2][2]         1.0000000000 
_pdbx_struct_oper_list.matrix[2][3]         0.0000000000 
_pdbx_struct_oper_list.vector[2]            0.0000000000 
_pdbx_struct_oper_list.matrix[3][1]         0.0000000000 
_pdbx_struct_oper_list.matrix[3][2]         0.0000000000 
_pdbx_struct_oper_list.matrix[3][3]         1.0000000000 
_pdbx_struct_oper_list.vector[3]            0.0000000000 
# 
_struct_conf.conf_type_id            HELX_P 
_struct_conf.id                      HELX_P1 
_struct_conf.pdbx_PDB_helix_id       AA1 
_struct_conf.beg_label_comp_id       PRO 
_struct_conf.beg_label_asym_id       A 
_struct_conf.beg_label_seq_id        73 
_struct_conf.pdbx_beg_PDB_ins_code   ? 
_struct_conf.end_label_comp_id       VAL 
_struct_conf.end_label_asym_id       A 
_struct_conf.end_label_seq_id        84 
_struct_conf.pdbx_end_PDB_ins_code   ? 
_struct_conf.beg_auth_comp_id        PRO 
_struct_conf.beg_auth_asym_id        A 
_struct_conf.beg_auth_seq_id         73 
_struct_conf.end_auth_comp_id        VAL 
_struct_conf.end_auth_asym_id        A 
_struct_conf.end_auth_seq_id         84 
_struct_conf.pdbx_PDB_helix_class    1 
_struct_conf.details                 ? 
_struct_conf.pdbx_PDB_helix_length   12 
# 
_struct_conf_type.id          HELX_P 
_struct_conf_type.criteria    ? 
_struct_conf_type.reference   ? 
# 
_struct_sheet.id               AA1 
_struct_sheet.type             ? 
_struct_sheet.number_strands   6 
_struct_sheet.details          ? 
# 
loop_
_struct_sheet_order.sheet_id 
_struct_sheet_order.range_id_1 
_struct_sheet_order.range_id_2 
_struct_sheet_order.offset 
_struct_sheet_order.sense 
AA1 1 2 ? parallel      
AA1 2 3 ? anti-parallel 
AA1 3 4 ? anti-parallel 
AA1 4 5 ? anti-parallel 
AA1 5 6 ? anti-parallel 
# 
loop_
_struct_sheet_range.sheet_id 
_struct_sheet_range.id 
_struct_sheet_range.beg_label_comp_id 
_struct_sheet_range.beg_label_asym_id 
_struct_sheet_range.beg_label_seq_id 
_struct_sheet_range.pdbx_beg_PDB_ins_code 
_struct_sheet_range.end_label_comp_id 
_struct_sheet_range.end_label_asym_id 
_struct_sheet_range.end_label_seq_id 
_struct_sheet_range.pdbx_end_PDB_ins_code 
_struct_sheet_range.beg_auth_comp_id 
_struct_sheet_range.beg_auth_asym_id 
_struct_sheet_range.beg_auth_seq_id 
_struct_sheet_range.end_auth_comp_id 
_struct_sheet_range.end_auth_asym_id 
_struct_sheet_range.end_auth_seq_id 
AA1 1 GLU A 2   ? ILE A 3   ? GLU A 2   ILE A 3   
AA1 2 VAL A 64  ? LEU A 70  ? VAL A 64  LEU A 70  
AA1 3 GLY A 45  ? ASN A 58  ? GLY A 45  ASN A 58  
AA1 4 THR A 25  ? SER A 42  ? THR A 25  SER A 42  
AA1 5 VAL A 90  ? PRO A 100 ? VAL A 90  PRO A 100 
AA1 6 TYR A 108 ? PRO A 114 ? TYR A 108 PRO A 114 
# 
loop_
_pdbx_struct_sheet_hbond.sheet_id 
_pdbx_struct_sheet_hbond.range_id_1 
_pdbx_struct_sheet_hbond.range_id_2 
_pdbx_struct_sheet_hbond.range_1_label_atom_id 
_pdbx_struct_sheet_hbond.range_1_label_comp_id 
_pdbx_struct_sheet_hbond.range_1_label_asym_id 
_pdbx_struct_sheet_hbond.range_1_label_seq_id 
_pdbx_struct_sheet_hbond.range_1_PDB_ins_code 
_pdbx_struct_sheet_hbond.range_1_auth_atom_id 
_pdbx_struct_sheet_hbond.range_1_auth_comp_id 
_pdbx_struct_sheet_hbond.range_1_auth_asym_id 
_pdbx_struct_sheet_hbond.range_1_auth_seq_id 
_pdbx_struct_sheet_hbond.range_2_label_atom_id 
_pdbx_struct_sheet_hbond.range_2_label_comp_id 
_pdbx_struct_sheet_hbond.range_2_label_asym_id 
_pdbx_struct_sheet_hbond.range_2_label_seq_id 
_pdbx_struct_sheet_hbond.range_2_PDB_ins_code 
_pdbx_struct_sheet_hbond.range_2_auth_atom_id 
_pdbx_struct_sheet_hbond.range_2_auth_comp_id 
_pdbx_struct_sheet_hbond.range_2_auth_asym_id 
_pdbx_struct_sheet_hbond.range_2_auth_seq_id 
AA1 1 2 N GLU A 2  ? N GLU A 2  O ARG A 66  ? O ARG A 66  
AA1 2 3 O SER A 67 ? O SER A 67 N PHE A 54  ? N PHE A 54  
AA1 3 4 O LYS A 49 ? O LYS A 49 N LYS A 38  ? N LYS A 38  
AA1 4 5 N VAL A 34 ? N VAL A 34 O VAL A 90  ? O VAL A 90  
AA1 5 6 N LYS A 99 ? N LYS A 99 O GLU A 109 ? O GLU A 109 
# 
_pdbx_entry_details.entry_id                   9GFQ 
_pdbx_entry_details.compound_details           ? 
_pdbx_entry_details.source_details             ? 
_pdbx_entry_details.nonpolymer_details         ? 
_pdbx_entry_details.sequence_details           ? 
_pdbx_entry_details.has_ligand_of_interest     ? 
_pdbx_entry_details.has_protein_modification   N 
# 
_pdbx_validate_close_contact.id               1 
_pdbx_validate_close_contact.PDB_model_num    1 
_pdbx_validate_close_contact.auth_atom_id_1   O 
_pdbx_validate_close_contact.auth_asym_id_1   A 
_pdbx_validate_close_contact.auth_comp_id_1   HOH 
_pdbx_validate_close_contact.auth_seq_id_1    215 
_pdbx_validate_close_contact.PDB_ins_code_1   ? 
_pdbx_validate_close_contact.label_alt_id_1   ? 
_pdbx_validate_close_contact.auth_atom_id_2   O 
_pdbx_validate_close_contact.auth_asym_id_2   A 
_pdbx_validate_close_contact.auth_comp_id_2   HOH 
_pdbx_validate_close_contact.auth_seq_id_2    237 
_pdbx_validate_close_contact.PDB_ins_code_2   ? 
_pdbx_validate_close_contact.label_alt_id_2   ? 
_pdbx_validate_close_contact.dist             2.14 
# 
loop_
_pdbx_validate_symm_contact.id 
_pdbx_validate_symm_contact.PDB_model_num 
_pdbx_validate_symm_contact.auth_atom_id_1 
_pdbx_validate_symm_contact.auth_asym_id_1 
_pdbx_validate_symm_contact.auth_comp_id_1 
_pdbx_validate_symm_contact.auth_seq_id_1 
_pdbx_validate_symm_contact.PDB_ins_code_1 
_pdbx_validate_symm_contact.label_alt_id_1 
_pdbx_validate_symm_contact.site_symmetry_1 
_pdbx_validate_symm_contact.auth_atom_id_2 
_pdbx_validate_symm_contact.auth_asym_id_2 
_pdbx_validate_symm_contact.auth_comp_id_2 
_pdbx_validate_symm_contact.auth_seq_id_2 
_pdbx_validate_symm_contact.PDB_ins_code_2 
_pdbx_validate_symm_contact.label_alt_id_2 
_pdbx_validate_symm_contact.site_symmetry_2 
_pdbx_validate_symm_contact.dist 
1 1 O A HOH 204 ? ? 1_555 O A HOH 208 ? ? 3_445 1.99 
2 1 O A HOH 205 ? ? 1_555 O A HOH 208 ? ? 2_454 2.15 
# 
loop_
_pdbx_unobs_or_zero_occ_residues.id 
_pdbx_unobs_or_zero_occ_residues.PDB_model_num 
_pdbx_unobs_or_zero_occ_residues.polymer_flag 
_pdbx_unobs_or_zero_occ_residues.occupancy_flag 
_pdbx_unobs_or_zero_occ_residues.auth_asym_id 
_pdbx_unobs_or_zero_occ_residues.auth_comp_id 
_pdbx_unobs_or_zero_occ_residues.auth_seq_id 
_pdbx_unobs_or_zero_occ_residues.PDB_ins_code 
_pdbx_unobs_or_zero_occ_residues.label_asym_id 
_pdbx_unobs_or_zero_occ_residues.label_comp_id 
_pdbx_unobs_or_zero_occ_residues.label_seq_id 
1  1 Y 1 A PRO 118 ? A PRO 118 
2  1 Y 1 A ALA 119 ? A ALA 119 
3  1 Y 1 A ALA 120 ? A ALA 120 
4  1 Y 1 A SER 121 ? A SER 121 
5  1 Y 1 A ASP 122 ? A ASP 122 
6  1 Y 1 A GLU 123 ? A GLU 123 
7  1 Y 1 A LEU 124 ? A LEU 124 
8  1 Y 1 A ALA 125 ? A ALA 125 
9  1 Y 1 A ALA 126 ? A ALA 126 
10 1 Y 1 A LEU 127 ? A LEU 127 
11 1 Y 1 A ARG 128 ? A ARG 128 
12 1 Y 1 A ASN 129 ? A ASN 129 
13 1 Y 1 A GLN 130 ? A GLN 130 
14 1 Y 1 A VAL 131 ? A VAL 131 
15 1 Y 1 A LYS 132 ? A LYS 132 
16 1 Y 1 A ALA 133 ? A ALA 133 
17 1 Y 1 A ALA 134 ? A ALA 134 
18 1 Y 1 A LEU 135 ? A LEU 135 
19 1 Y 1 A PRO 136 ? A PRO 136 
20 1 Y 1 A ALA 137 ? A ALA 137 
21 1 Y 1 A PRO 138 ? A PRO 138 
22 1 Y 1 A ALA 139 ? A ALA 139 
23 1 Y 1 A ALA 140 ? A ALA 140 
24 1 Y 1 A ALA 141 ? A ALA 141 
25 1 Y 1 A GLY 142 ? A GLY 142 
26 1 Y 1 A GLU 143 ? A GLU 143 
27 1 Y 1 A ALA 144 ? A ALA 144 
28 1 Y 1 A ALA 145 ? A ALA 145 
29 1 Y 1 A ALA 146 ? A ALA 146 
30 1 Y 1 A GLU 147 ? A GLU 147 
31 1 Y 1 A ALA 148 ? A ALA 148 
32 1 Y 1 A LYS 149 ? A LYS 149 
33 1 Y 1 A PRO 150 ? A PRO 150 
34 1 Y 1 A ALA 151 ? A ALA 151 
35 1 Y 1 A ALA 152 ? A ALA 152 
36 1 Y 1 A LYS 153 ? A LYS 153 
37 1 Y 1 A ALA 154 ? A ALA 154 
38 1 Y 1 A LYS 155 ? A LYS 155 
39 1 Y 1 A ALA 156 ? A ALA 156 
40 1 Y 1 A LYS 157 ? A LYS 157 
41 1 Y 1 A ALA 158 ? A ALA 158 
42 1 Y 1 A GLU 159 ? A GLU 159 
43 1 Y 1 A ALA 160 ? A ALA 160 
# 
loop_
_chem_comp_atom.comp_id 
_chem_comp_atom.atom_id 
_chem_comp_atom.type_symbol 
_chem_comp_atom.pdbx_aromatic_flag 
_chem_comp_atom.pdbx_stereo_config 
_chem_comp_atom.pdbx_ordinal 
ALA N    N N N 1   
ALA CA   C N S 2   
ALA C    C N N 3   
ALA O    O N N 4   
ALA CB   C N N 5   
ALA OXT  O N N 6   
ALA H    H N N 7   
ALA H2   H N N 8   
ALA HA   H N N 9   
ALA HB1  H N N 10  
ALA HB2  H N N 11  
ALA HB3  H N N 12  
ALA HXT  H N N 13  
ARG N    N N N 14  
ARG CA   C N S 15  
ARG C    C N N 16  
ARG O    O N N 17  
ARG CB   C N N 18  
ARG CG   C N N 19  
ARG CD   C N N 20  
ARG NE   N N N 21  
ARG CZ   C N N 22  
ARG NH1  N N N 23  
ARG NH2  N N N 24  
ARG OXT  O N N 25  
ARG H    H N N 26  
ARG H2   H N N 27  
ARG HA   H N N 28  
ARG HB2  H N N 29  
ARG HB3  H N N 30  
ARG HG2  H N N 31  
ARG HG3  H N N 32  
ARG HD2  H N N 33  
ARG HD3  H N N 34  
ARG HE   H N N 35  
ARG HH11 H N N 36  
ARG HH12 H N N 37  
ARG HH21 H N N 38  
ARG HH22 H N N 39  
ARG HXT  H N N 40  
ASN N    N N N 41  
ASN CA   C N S 42  
ASN C    C N N 43  
ASN O    O N N 44  
ASN CB   C N N 45  
ASN CG   C N N 46  
ASN OD1  O N N 47  
ASN ND2  N N N 48  
ASN OXT  O N N 49  
ASN H    H N N 50  
ASN H2   H N N 51  
ASN HA   H N N 52  
ASN HB2  H N N 53  
ASN HB3  H N N 54  
ASN HD21 H N N 55  
ASN HD22 H N N 56  
ASN HXT  H N N 57  
ASP N    N N N 58  
ASP CA   C N S 59  
ASP C    C N N 60  
ASP O    O N N 61  
ASP CB   C N N 62  
ASP CG   C N N 63  
ASP OD1  O N N 64  
ASP OD2  O N N 65  
ASP OXT  O N N 66  
ASP H    H N N 67  
ASP H2   H N N 68  
ASP HA   H N N 69  
ASP HB2  H N N 70  
ASP HB3  H N N 71  
ASP HD2  H N N 72  
ASP HXT  H N N 73  
GLN N    N N N 74  
GLN CA   C N S 75  
GLN C    C N N 76  
GLN O    O N N 77  
GLN CB   C N N 78  
GLN CG   C N N 79  
GLN CD   C N N 80  
GLN OE1  O N N 81  
GLN NE2  N N N 82  
GLN OXT  O N N 83  
GLN H    H N N 84  
GLN H2   H N N 85  
GLN HA   H N N 86  
GLN HB2  H N N 87  
GLN HB3  H N N 88  
GLN HG2  H N N 89  
GLN HG3  H N N 90  
GLN HE21 H N N 91  
GLN HE22 H N N 92  
GLN HXT  H N N 93  
GLU N    N N N 94  
GLU CA   C N S 95  
GLU C    C N N 96  
GLU O    O N N 97  
GLU CB   C N N 98  
GLU CG   C N N 99  
GLU CD   C N N 100 
GLU OE1  O N N 101 
GLU OE2  O N N 102 
GLU OXT  O N N 103 
GLU H    H N N 104 
GLU H2   H N N 105 
GLU HA   H N N 106 
GLU HB2  H N N 107 
GLU HB3  H N N 108 
GLU HG2  H N N 109 
GLU HG3  H N N 110 
GLU HE2  H N N 111 
GLU HXT  H N N 112 
GLY N    N N N 113 
GLY CA   C N N 114 
GLY C    C N N 115 
GLY O    O N N 116 
GLY OXT  O N N 117 
GLY H    H N N 118 
GLY H2   H N N 119 
GLY HA2  H N N 120 
GLY HA3  H N N 121 
GLY HXT  H N N 122 
HIS N    N N N 123 
HIS CA   C N S 124 
HIS C    C N N 125 
HIS O    O N N 126 
HIS CB   C N N 127 
HIS CG   C Y N 128 
HIS ND1  N Y N 129 
HIS CD2  C Y N 130 
HIS CE1  C Y N 131 
HIS NE2  N Y N 132 
HIS OXT  O N N 133 
HIS H    H N N 134 
HIS H2   H N N 135 
HIS HA   H N N 136 
HIS HB2  H N N 137 
HIS HB3  H N N 138 
HIS HD1  H N N 139 
HIS HD2  H N N 140 
HIS HE1  H N N 141 
HIS HE2  H N N 142 
HIS HXT  H N N 143 
HOH O    O N N 144 
HOH H1   H N N 145 
HOH H2   H N N 146 
ILE N    N N N 147 
ILE CA   C N S 148 
ILE C    C N N 149 
ILE O    O N N 150 
ILE CB   C N S 151 
ILE CG1  C N N 152 
ILE CG2  C N N 153 
ILE CD1  C N N 154 
ILE OXT  O N N 155 
ILE H    H N N 156 
ILE H2   H N N 157 
ILE HA   H N N 158 
ILE HB   H N N 159 
ILE HG12 H N N 160 
ILE HG13 H N N 161 
ILE HG21 H N N 162 
ILE HG22 H N N 163 
ILE HG23 H N N 164 
ILE HD11 H N N 165 
ILE HD12 H N N 166 
ILE HD13 H N N 167 
ILE HXT  H N N 168 
LEU N    N N N 169 
LEU CA   C N S 170 
LEU C    C N N 171 
LEU O    O N N 172 
LEU CB   C N N 173 
LEU CG   C N N 174 
LEU CD1  C N N 175 
LEU CD2  C N N 176 
LEU OXT  O N N 177 
LEU H    H N N 178 
LEU H2   H N N 179 
LEU HA   H N N 180 
LEU HB2  H N N 181 
LEU HB3  H N N 182 
LEU HG   H N N 183 
LEU HD11 H N N 184 
LEU HD12 H N N 185 
LEU HD13 H N N 186 
LEU HD21 H N N 187 
LEU HD22 H N N 188 
LEU HD23 H N N 189 
LEU HXT  H N N 190 
LYS N    N N N 191 
LYS CA   C N S 192 
LYS C    C N N 193 
LYS O    O N N 194 
LYS CB   C N N 195 
LYS CG   C N N 196 
LYS CD   C N N 197 
LYS CE   C N N 198 
LYS NZ   N N N 199 
LYS OXT  O N N 200 
LYS H    H N N 201 
LYS H2   H N N 202 
LYS HA   H N N 203 
LYS HB2  H N N 204 
LYS HB3  H N N 205 
LYS HG2  H N N 206 
LYS HG3  H N N 207 
LYS HD2  H N N 208 
LYS HD3  H N N 209 
LYS HE2  H N N 210 
LYS HE3  H N N 211 
LYS HZ1  H N N 212 
LYS HZ2  H N N 213 
LYS HZ3  H N N 214 
LYS HXT  H N N 215 
MET N    N N N 216 
MET CA   C N S 217 
MET C    C N N 218 
MET O    O N N 219 
MET CB   C N N 220 
MET CG   C N N 221 
MET SD   S N N 222 
MET CE   C N N 223 
MET OXT  O N N 224 
MET H    H N N 225 
MET H2   H N N 226 
MET HA   H N N 227 
MET HB2  H N N 228 
MET HB3  H N N 229 
MET HG2  H N N 230 
MET HG3  H N N 231 
MET HE1  H N N 232 
MET HE2  H N N 233 
MET HE3  H N N 234 
MET HXT  H N N 235 
PHE N    N N N 236 
PHE CA   C N S 237 
PHE C    C N N 238 
PHE O    O N N 239 
PHE CB   C N N 240 
PHE CG   C Y N 241 
PHE CD1  C Y N 242 
PHE CD2  C Y N 243 
PHE CE1  C Y N 244 
PHE CE2  C Y N 245 
PHE CZ   C Y N 246 
PHE OXT  O N N 247 
PHE H    H N N 248 
PHE H2   H N N 249 
PHE HA   H N N 250 
PHE HB2  H N N 251 
PHE HB3  H N N 252 
PHE HD1  H N N 253 
PHE HD2  H N N 254 
PHE HE1  H N N 255 
PHE HE2  H N N 256 
PHE HZ   H N N 257 
PHE HXT  H N N 258 
PRO N    N N N 259 
PRO CA   C N S 260 
PRO C    C N N 261 
PRO O    O N N 262 
PRO CB   C N N 263 
PRO CG   C N N 264 
PRO CD   C N N 265 
PRO OXT  O N N 266 
PRO H    H N N 267 
PRO HA   H N N 268 
PRO HB2  H N N 269 
PRO HB3  H N N 270 
PRO HG2  H N N 271 
PRO HG3  H N N 272 
PRO HD2  H N N 273 
PRO HD3  H N N 274 
PRO HXT  H N N 275 
SER N    N N N 276 
SER CA   C N S 277 
SER C    C N N 278 
SER O    O N N 279 
SER CB   C N N 280 
SER OG   O N N 281 
SER OXT  O N N 282 
SER H    H N N 283 
SER H2   H N N 284 
SER HA   H N N 285 
SER HB2  H N N 286 
SER HB3  H N N 287 
SER HG   H N N 288 
SER HXT  H N N 289 
THR N    N N N 290 
THR CA   C N S 291 
THR C    C N N 292 
THR O    O N N 293 
THR CB   C N R 294 
THR OG1  O N N 295 
THR CG2  C N N 296 
THR OXT  O N N 297 
THR H    H N N 298 
THR H2   H N N 299 
THR HA   H N N 300 
THR HB   H N N 301 
THR HG1  H N N 302 
THR HG21 H N N 303 
THR HG22 H N N 304 
THR HG23 H N N 305 
THR HXT  H N N 306 
TRP N    N N N 307 
TRP CA   C N S 308 
TRP C    C N N 309 
TRP O    O N N 310 
TRP CB   C N N 311 
TRP CG   C Y N 312 
TRP CD1  C Y N 313 
TRP CD2  C Y N 314 
TRP NE1  N Y N 315 
TRP CE2  C Y N 316 
TRP CE3  C Y N 317 
TRP CZ2  C Y N 318 
TRP CZ3  C Y N 319 
TRP CH2  C Y N 320 
TRP OXT  O N N 321 
TRP H    H N N 322 
TRP H2   H N N 323 
TRP HA   H N N 324 
TRP HB2  H N N 325 
TRP HB3  H N N 326 
TRP HD1  H N N 327 
TRP HE1  H N N 328 
TRP HE3  H N N 329 
TRP HZ2  H N N 330 
TRP HZ3  H N N 331 
TRP HH2  H N N 332 
TRP HXT  H N N 333 
TYR N    N N N 334 
TYR CA   C N S 335 
TYR C    C N N 336 
TYR O    O N N 337 
TYR CB   C N N 338 
TYR CG   C Y N 339 
TYR CD1  C Y N 340 
TYR CD2  C Y N 341 
TYR CE1  C Y N 342 
TYR CE2  C Y N 343 
TYR CZ   C Y N 344 
TYR OH   O N N 345 
TYR OXT  O N N 346 
TYR H    H N N 347 
TYR H2   H N N 348 
TYR HA   H N N 349 
TYR HB2  H N N 350 
TYR HB3  H N N 351 
TYR HD1  H N N 352 
TYR HD2  H N N 353 
TYR HE1  H N N 354 
TYR HE2  H N N 355 
TYR HH   H N N 356 
TYR HXT  H N N 357 
VAL N    N N N 358 
VAL CA   C N S 359 
VAL C    C N N 360 
VAL O    O N N 361 
VAL CB   C N N 362 
VAL CG1  C N N 363 
VAL CG2  C N N 364 
VAL OXT  O N N 365 
VAL H    H N N 366 
VAL H2   H N N 367 
VAL HA   H N N 368 
VAL HB   H N N 369 
VAL HG11 H N N 370 
VAL HG12 H N N 371 
VAL HG13 H N N 372 
VAL HG21 H N N 373 
VAL HG22 H N N 374 
VAL HG23 H N N 375 
VAL HXT  H N N 376 
# 
loop_
_chem_comp_bond.comp_id 
_chem_comp_bond.atom_id_1 
_chem_comp_bond.atom_id_2 
_chem_comp_bond.value_order 
_chem_comp_bond.pdbx_aromatic_flag 
_chem_comp_bond.pdbx_stereo_config 
_chem_comp_bond.pdbx_ordinal 
ALA N   CA   sing N N 1   
ALA N   H    sing N N 2   
ALA N   H2   sing N N 3   
ALA CA  C    sing N N 4   
ALA CA  CB   sing N N 5   
ALA CA  HA   sing N N 6   
ALA C   O    doub N N 7   
ALA C   OXT  sing N N 8   
ALA CB  HB1  sing N N 9   
ALA CB  HB2  sing N N 10  
ALA CB  HB3  sing N N 11  
ALA OXT HXT  sing N N 12  
ARG N   CA   sing N N 13  
ARG N   H    sing N N 14  
ARG N   H2   sing N N 15  
ARG CA  C    sing N N 16  
ARG CA  CB   sing N N 17  
ARG CA  HA   sing N N 18  
ARG C   O    doub N N 19  
ARG C   OXT  sing N N 20  
ARG CB  CG   sing N N 21  
ARG CB  HB2  sing N N 22  
ARG CB  HB3  sing N N 23  
ARG CG  CD   sing N N 24  
ARG CG  HG2  sing N N 25  
ARG CG  HG3  sing N N 26  
ARG CD  NE   sing N N 27  
ARG CD  HD2  sing N N 28  
ARG CD  HD3  sing N N 29  
ARG NE  CZ   sing N N 30  
ARG NE  HE   sing N N 31  
ARG CZ  NH1  sing N N 32  
ARG CZ  NH2  doub N N 33  
ARG NH1 HH11 sing N N 34  
ARG NH1 HH12 sing N N 35  
ARG NH2 HH21 sing N N 36  
ARG NH2 HH22 sing N N 37  
ARG OXT HXT  sing N N 38  
ASN N   CA   sing N N 39  
ASN N   H    sing N N 40  
ASN N   H2   sing N N 41  
ASN CA  C    sing N N 42  
ASN CA  CB   sing N N 43  
ASN CA  HA   sing N N 44  
ASN C   O    doub N N 45  
ASN C   OXT  sing N N 46  
ASN CB  CG   sing N N 47  
ASN CB  HB2  sing N N 48  
ASN CB  HB3  sing N N 49  
ASN CG  OD1  doub N N 50  
ASN CG  ND2  sing N N 51  
ASN ND2 HD21 sing N N 52  
ASN ND2 HD22 sing N N 53  
ASN OXT HXT  sing N N 54  
ASP N   CA   sing N N 55  
ASP N   H    sing N N 56  
ASP N   H2   sing N N 57  
ASP CA  C    sing N N 58  
ASP CA  CB   sing N N 59  
ASP CA  HA   sing N N 60  
ASP C   O    doub N N 61  
ASP C   OXT  sing N N 62  
ASP CB  CG   sing N N 63  
ASP CB  HB2  sing N N 64  
ASP CB  HB3  sing N N 65  
ASP CG  OD1  doub N N 66  
ASP CG  OD2  sing N N 67  
ASP OD2 HD2  sing N N 68  
ASP OXT HXT  sing N N 69  
GLN N   CA   sing N N 70  
GLN N   H    sing N N 71  
GLN N   H2   sing N N 72  
GLN CA  C    sing N N 73  
GLN CA  CB   sing N N 74  
GLN CA  HA   sing N N 75  
GLN C   O    doub N N 76  
GLN C   OXT  sing N N 77  
GLN CB  CG   sing N N 78  
GLN CB  HB2  sing N N 79  
GLN CB  HB3  sing N N 80  
GLN CG  CD   sing N N 81  
GLN CG  HG2  sing N N 82  
GLN CG  HG3  sing N N 83  
GLN CD  OE1  doub N N 84  
GLN CD  NE2  sing N N 85  
GLN NE2 HE21 sing N N 86  
GLN NE2 HE22 sing N N 87  
GLN OXT HXT  sing N N 88  
GLU N   CA   sing N N 89  
GLU N   H    sing N N 90  
GLU N   H2   sing N N 91  
GLU CA  C    sing N N 92  
GLU CA  CB   sing N N 93  
GLU CA  HA   sing N N 94  
GLU C   O    doub N N 95  
GLU C   OXT  sing N N 96  
GLU CB  CG   sing N N 97  
GLU CB  HB2  sing N N 98  
GLU CB  HB3  sing N N 99  
GLU CG  CD   sing N N 100 
GLU CG  HG2  sing N N 101 
GLU CG  HG3  sing N N 102 
GLU CD  OE1  doub N N 103 
GLU CD  OE2  sing N N 104 
GLU OE2 HE2  sing N N 105 
GLU OXT HXT  sing N N 106 
GLY N   CA   sing N N 107 
GLY N   H    sing N N 108 
GLY N   H2   sing N N 109 
GLY CA  C    sing N N 110 
GLY CA  HA2  sing N N 111 
GLY CA  HA3  sing N N 112 
GLY C   O    doub N N 113 
GLY C   OXT  sing N N 114 
GLY OXT HXT  sing N N 115 
HIS N   CA   sing N N 116 
HIS N   H    sing N N 117 
HIS N   H2   sing N N 118 
HIS CA  C    sing N N 119 
HIS CA  CB   sing N N 120 
HIS CA  HA   sing N N 121 
HIS C   O    doub N N 122 
HIS C   OXT  sing N N 123 
HIS CB  CG   sing N N 124 
HIS CB  HB2  sing N N 125 
HIS CB  HB3  sing N N 126 
HIS CG  ND1  sing Y N 127 
HIS CG  CD2  doub Y N 128 
HIS ND1 CE1  doub Y N 129 
HIS ND1 HD1  sing N N 130 
HIS CD2 NE2  sing Y N 131 
HIS CD2 HD2  sing N N 132 
HIS CE1 NE2  sing Y N 133 
HIS CE1 HE1  sing N N 134 
HIS NE2 HE2  sing N N 135 
HIS OXT HXT  sing N N 136 
HOH O   H1   sing N N 137 
HOH O   H2   sing N N 138 
ILE N   CA   sing N N 139 
ILE N   H    sing N N 140 
ILE N   H2   sing N N 141 
ILE CA  C    sing N N 142 
ILE CA  CB   sing N N 143 
ILE CA  HA   sing N N 144 
ILE C   O    doub N N 145 
ILE C   OXT  sing N N 146 
ILE CB  CG1  sing N N 147 
ILE CB  CG2  sing N N 148 
ILE CB  HB   sing N N 149 
ILE CG1 CD1  sing N N 150 
ILE CG1 HG12 sing N N 151 
ILE CG1 HG13 sing N N 152 
ILE CG2 HG21 sing N N 153 
ILE CG2 HG22 sing N N 154 
ILE CG2 HG23 sing N N 155 
ILE CD1 HD11 sing N N 156 
ILE CD1 HD12 sing N N 157 
ILE CD1 HD13 sing N N 158 
ILE OXT HXT  sing N N 159 
LEU N   CA   sing N N 160 
LEU N   H    sing N N 161 
LEU N   H2   sing N N 162 
LEU CA  C    sing N N 163 
LEU CA  CB   sing N N 164 
LEU CA  HA   sing N N 165 
LEU C   O    doub N N 166 
LEU C   OXT  sing N N 167 
LEU CB  CG   sing N N 168 
LEU CB  HB2  sing N N 169 
LEU CB  HB3  sing N N 170 
LEU CG  CD1  sing N N 171 
LEU CG  CD2  sing N N 172 
LEU CG  HG   sing N N 173 
LEU CD1 HD11 sing N N 174 
LEU CD1 HD12 sing N N 175 
LEU CD1 HD13 sing N N 176 
LEU CD2 HD21 sing N N 177 
LEU CD2 HD22 sing N N 178 
LEU CD2 HD23 sing N N 179 
LEU OXT HXT  sing N N 180 
LYS N   CA   sing N N 181 
LYS N   H    sing N N 182 
LYS N   H2   sing N N 183 
LYS CA  C    sing N N 184 
LYS CA  CB   sing N N 185 
LYS CA  HA   sing N N 186 
LYS C   O    doub N N 187 
LYS C   OXT  sing N N 188 
LYS CB  CG   sing N N 189 
LYS CB  HB2  sing N N 190 
LYS CB  HB3  sing N N 191 
LYS CG  CD   sing N N 192 
LYS CG  HG2  sing N N 193 
LYS CG  HG3  sing N N 194 
LYS CD  CE   sing N N 195 
LYS CD  HD2  sing N N 196 
LYS CD  HD3  sing N N 197 
LYS CE  NZ   sing N N 198 
LYS CE  HE2  sing N N 199 
LYS CE  HE3  sing N N 200 
LYS NZ  HZ1  sing N N 201 
LYS NZ  HZ2  sing N N 202 
LYS NZ  HZ3  sing N N 203 
LYS OXT HXT  sing N N 204 
MET N   CA   sing N N 205 
MET N   H    sing N N 206 
MET N   H2   sing N N 207 
MET CA  C    sing N N 208 
MET CA  CB   sing N N 209 
MET CA  HA   sing N N 210 
MET C   O    doub N N 211 
MET C   OXT  sing N N 212 
MET CB  CG   sing N N 213 
MET CB  HB2  sing N N 214 
MET CB  HB3  sing N N 215 
MET CG  SD   sing N N 216 
MET CG  HG2  sing N N 217 
MET CG  HG3  sing N N 218 
MET SD  CE   sing N N 219 
MET CE  HE1  sing N N 220 
MET CE  HE2  sing N N 221 
MET CE  HE3  sing N N 222 
MET OXT HXT  sing N N 223 
PHE N   CA   sing N N 224 
PHE N   H    sing N N 225 
PHE N   H2   sing N N 226 
PHE CA  C    sing N N 227 
PHE CA  CB   sing N N 228 
PHE CA  HA   sing N N 229 
PHE C   O    doub N N 230 
PHE C   OXT  sing N N 231 
PHE CB  CG   sing N N 232 
PHE CB  HB2  sing N N 233 
PHE CB  HB3  sing N N 234 
PHE CG  CD1  doub Y N 235 
PHE CG  CD2  sing Y N 236 
PHE CD1 CE1  sing Y N 237 
PHE CD1 HD1  sing N N 238 
PHE CD2 CE2  doub Y N 239 
PHE CD2 HD2  sing N N 240 
PHE CE1 CZ   doub Y N 241 
PHE CE1 HE1  sing N N 242 
PHE CE2 CZ   sing Y N 243 
PHE CE2 HE2  sing N N 244 
PHE CZ  HZ   sing N N 245 
PHE OXT HXT  sing N N 246 
PRO N   CA   sing N N 247 
PRO N   CD   sing N N 248 
PRO N   H    sing N N 249 
PRO CA  C    sing N N 250 
PRO CA  CB   sing N N 251 
PRO CA  HA   sing N N 252 
PRO C   O    doub N N 253 
PRO C   OXT  sing N N 254 
PRO CB  CG   sing N N 255 
PRO CB  HB2  sing N N 256 
PRO CB  HB3  sing N N 257 
PRO CG  CD   sing N N 258 
PRO CG  HG2  sing N N 259 
PRO CG  HG3  sing N N 260 
PRO CD  HD2  sing N N 261 
PRO CD  HD3  sing N N 262 
PRO OXT HXT  sing N N 263 
SER N   CA   sing N N 264 
SER N   H    sing N N 265 
SER N   H2   sing N N 266 
SER CA  C    sing N N 267 
SER CA  CB   sing N N 268 
SER CA  HA   sing N N 269 
SER C   O    doub N N 270 
SER C   OXT  sing N N 271 
SER CB  OG   sing N N 272 
SER CB  HB2  sing N N 273 
SER CB  HB3  sing N N 274 
SER OG  HG   sing N N 275 
SER OXT HXT  sing N N 276 
THR N   CA   sing N N 277 
THR N   H    sing N N 278 
THR N   H2   sing N N 279 
THR CA  C    sing N N 280 
THR CA  CB   sing N N 281 
THR CA  HA   sing N N 282 
THR C   O    doub N N 283 
THR C   OXT  sing N N 284 
THR CB  OG1  sing N N 285 
THR CB  CG2  sing N N 286 
THR CB  HB   sing N N 287 
THR OG1 HG1  sing N N 288 
THR CG2 HG21 sing N N 289 
THR CG2 HG22 sing N N 290 
THR CG2 HG23 sing N N 291 
THR OXT HXT  sing N N 292 
TRP N   CA   sing N N 293 
TRP N   H    sing N N 294 
TRP N   H2   sing N N 295 
TRP CA  C    sing N N 296 
TRP CA  CB   sing N N 297 
TRP CA  HA   sing N N 298 
TRP C   O    doub N N 299 
TRP C   OXT  sing N N 300 
TRP CB  CG   sing N N 301 
TRP CB  HB2  sing N N 302 
TRP CB  HB3  sing N N 303 
TRP CG  CD1  doub Y N 304 
TRP CG  CD2  sing Y N 305 
TRP CD1 NE1  sing Y N 306 
TRP CD1 HD1  sing N N 307 
TRP CD2 CE2  doub Y N 308 
TRP CD2 CE3  sing Y N 309 
TRP NE1 CE2  sing Y N 310 
TRP NE1 HE1  sing N N 311 
TRP CE2 CZ2  sing Y N 312 
TRP CE3 CZ3  doub Y N 313 
TRP CE3 HE3  sing N N 314 
TRP CZ2 CH2  doub Y N 315 
TRP CZ2 HZ2  sing N N 316 
TRP CZ3 CH2  sing Y N 317 
TRP CZ3 HZ3  sing N N 318 
TRP CH2 HH2  sing N N 319 
TRP OXT HXT  sing N N 320 
TYR N   CA   sing N N 321 
TYR N   H    sing N N 322 
TYR N   H2   sing N N 323 
TYR CA  C    sing N N 324 
TYR CA  CB   sing N N 325 
TYR CA  HA   sing N N 326 
TYR C   O    doub N N 327 
TYR C   OXT  sing N N 328 
TYR CB  CG   sing N N 329 
TYR CB  HB2  sing N N 330 
TYR CB  HB3  sing N N 331 
TYR CG  CD1  doub Y N 332 
TYR CG  CD2  sing Y N 333 
TYR CD1 CE1  sing Y N 334 
TYR CD1 HD1  sing N N 335 
TYR CD2 CE2  doub Y N 336 
TYR CD2 HD2  sing N N 337 
TYR CE1 CZ   doub Y N 338 
TYR CE1 HE1  sing N N 339 
TYR CE2 CZ   sing Y N 340 
TYR CE2 HE2  sing N N 341 
TYR CZ  OH   sing N N 342 
TYR OH  HH   sing N N 343 
TYR OXT HXT  sing N N 344 
VAL N   CA   sing N N 345 
VAL N   H    sing N N 346 
VAL N   H2   sing N N 347 
VAL CA  C    sing N N 348 
VAL CA  CB   sing N N 349 
VAL CA  HA   sing N N 350 
VAL C   O    doub N N 351 
VAL C   OXT  sing N N 352 
VAL CB  CG1  sing N N 353 
VAL CB  CG2  sing N N 354 
VAL CB  HB   sing N N 355 
VAL CG1 HG11 sing N N 356 
VAL CG1 HG12 sing N N 357 
VAL CG1 HG13 sing N N 358 
VAL CG2 HG21 sing N N 359 
VAL CG2 HG22 sing N N 360 
VAL CG2 HG23 sing N N 361 
VAL OXT HXT  sing N N 362 
# 
_pdbx_audit_support.funding_organization   'Swiss National Science Foundation' 
_pdbx_audit_support.country                Switzerland 
_pdbx_audit_support.grant_number           PZ00P3_202090 
_pdbx_audit_support.ordinal                1 
# 
_pdbx_initial_refinement_model.id               1 
_pdbx_initial_refinement_model.entity_id_list   ? 
_pdbx_initial_refinement_model.type             'in silico model' 
_pdbx_initial_refinement_model.source_name      AlphaFold 
_pdbx_initial_refinement_model.accession_code   ? 
_pdbx_initial_refinement_model.details          ? 
# 
_atom_sites.entry_id                    9GFQ 
_atom_sites.Cartn_transf_matrix[1][1]   ? 
_atom_sites.Cartn_transf_matrix[1][2]   ? 
_atom_sites.Cartn_transf_matrix[1][3]   ? 
_atom_sites.Cartn_transf_matrix[2][1]   ? 
_atom_sites.Cartn_transf_matrix[2][2]   ? 
_atom_sites.Cartn_transf_matrix[2][3]   ? 
_atom_sites.Cartn_transf_matrix[3][1]   ? 
_atom_sites.Cartn_transf_matrix[3][2]   ? 
_atom_sites.Cartn_transf_matrix[3][3]   ? 
_atom_sites.Cartn_transf_vector[1]      ? 
_atom_sites.Cartn_transf_vector[2]      ? 
_atom_sites.Cartn_transf_vector[3]      ? 
_atom_sites.Cartn_transform_axes        ? 
_atom_sites.fract_transf_matrix[1][1]   -0.02675287 
_atom_sites.fract_transf_matrix[1][2]   0.00573387 
_atom_sites.fract_transf_matrix[1][3]   0.00217818 
_atom_sites.fract_transf_matrix[2][1]   -0.00427919 
_atom_sites.fract_transf_matrix[2][2]   -0.01894626 
_atom_sites.fract_transf_matrix[2][3]   -0.00268356 
_atom_sites.fract_transf_matrix[3][1]   0.00085350 
_atom_sites.fract_transf_matrix[3][2]   -0.00267495 
_atom_sites.fract_transf_matrix[3][3]   0.01752449 
_atom_sites.fract_transf_vector[1]      -0.308112 
_atom_sites.fract_transf_vector[2]      -0.118503 
_atom_sites.fract_transf_vector[3]      0.192762 
_atom_sites.solution_primary            ? 
_atom_sites.solution_secondary          ? 
_atom_sites.solution_hydrogens          ? 
_atom_sites.special_details             ? 
# 
loop_
_atom_type.symbol 
C 
N 
O 
S 
# 
loop_
_atom_site.group_PDB 
_atom_site.id 
_atom_site.type_symbol 
_atom_site.label_atom_id 
_atom_site.label_alt_id 
_atom_site.label_comp_id 
_atom_site.label_asym_id 
_atom_site.label_entity_id 
_atom_site.label_seq_id 
_atom_site.pdbx_PDB_ins_code 
_atom_site.Cartn_x 
_atom_site.Cartn_y 
_atom_site.Cartn_z 
_atom_site.occupancy 
_atom_site.B_iso_or_equiv 
_atom_site.pdbx_formal_charge 
_atom_site.auth_seq_id 
_atom_site.auth_comp_id 
_atom_site.auth_asym_id 
_atom_site.auth_atom_id 
_atom_site.pdbx_PDB_model_num 
ATOM   1   N N   . MET A 1 1   ? -10.218 3.900   -15.718 1.00 31.04 ? 1   MET A N   1 
ATOM   2   C CA  . MET A 1 1   ? -9.081  3.364   -14.971 1.00 23.83 ? 1   MET A CA  1 
ATOM   3   C C   . MET A 1 1   ? -7.813  4.151   -15.265 1.00 24.38 ? 1   MET A C   1 
ATOM   4   O O   . MET A 1 1   ? -7.303  4.128   -16.381 1.00 28.34 ? 1   MET A O   1 
ATOM   5   C CB  . MET A 1 1   ? -8.859  1.888   -15.303 1.00 29.10 ? 1   MET A CB  1 
ATOM   6   C CG  . MET A 1 1   ? -7.961  1.182   -14.303 1.00 28.23 ? 1   MET A CG  1 
ATOM   7   S SD  . MET A 1 1   ? -7.457  -0.483  -14.779 1.00 45.78 ? 1   MET A SD  1 
ATOM   8   C CE  . MET A 1 1   ? -9.039  -1.315  -14.947 1.00 35.39 ? 1   MET A CE  1 
ATOM   9   N N   . GLU A 1 2   ? -7.295  4.842   -14.252 1.00 25.35 ? 2   GLU A N   1 
ATOM   10  C CA  . GLU A 1 2   ? -6.106  5.666   -14.409 1.00 20.15 ? 2   GLU A CA  1 
ATOM   11  C C   . GLU A 1 2   ? -4.853  4.821   -14.187 1.00 22.77 ? 2   GLU A C   1 
ATOM   12  O O   . GLU A 1 2   ? -4.804  3.992   -13.275 1.00 21.34 ? 2   GLU A O   1 
ATOM   13  C CB  . GLU A 1 2   ? -6.135  6.842   -13.423 1.00 20.63 ? 2   GLU A CB  1 
ATOM   14  C CG  . GLU A 1 2   ? -4.998  7.823   -13.613 1.00 24.95 ? 2   GLU A CG  1 
ATOM   15  C CD  . GLU A 1 2   ? -5.081  9.062   -12.725 1.00 25.39 ? 2   GLU A CD  1 
ATOM   16  O OE1 . GLU A 1 2   ? -6.146  9.317   -12.117 1.00 28.14 ? 2   GLU A OE1 1 
ATOM   17  O OE2 . GLU A 1 2   ? -4.065  9.785   -12.640 1.00 27.02 ? 2   GLU A OE2 1 
ATOM   18  N N   . ILE A 1 3   ? -3.841  5.039   -15.023 1.00 17.45 ? 3   ILE A N   1 
ATOM   19  C CA  . ILE A 1 3   ? -2.563  4.346   -14.923 1.00 21.50 ? 3   ILE A CA  1 
ATOM   20  C C   . ILE A 1 3   ? -1.562  5.241   -14.207 1.00 23.23 ? 3   ILE A C   1 
ATOM   21  O O   . ILE A 1 3   ? -1.356  6.394   -14.603 1.00 19.45 ? 3   ILE A O   1 
ATOM   22  C CB  . ILE A 1 3   ? -2.037  3.964   -16.312 1.00 23.83 ? 3   ILE A CB  1 
ATOM   23  C CG1 . ILE A 1 3   ? -3.038  3.062   -17.021 1.00 22.91 ? 3   ILE A CG1 1 
ATOM   24  C CG2 . ILE A 1 3   ? -0.659  3.328   -16.196 1.00 24.21 ? 3   ILE A CG2 1 
ATOM   25  C CD1 . ILE A 1 3   ? -2.611  2.699   -18.411 1.00 32.83 ? 3   ILE A CD1 1 
ATOM   26  N N   . VAL A 1 4   ? -0.923  4.715   -13.160 1.00 20.70 ? 4   VAL A N   1 
ATOM   27  C CA  . VAL A 1 4   ? 0.070   5.467   -12.404 1.00 17.82 ? 4   VAL A CA  1 
ATOM   28  C C   . VAL A 1 4   ? 1.392   4.717   -12.468 1.00 21.90 ? 4   VAL A C   1 
ATOM   29  O O   . VAL A 1 4   ? 1.416   3.482   -12.485 1.00 21.04 ? 4   VAL A O   1 
ATOM   30  C CB  . VAL A 1 4   ? -0.387  5.698   -10.946 1.00 20.54 ? 4   VAL A CB  1 
ATOM   31  C CG1 . VAL A 1 4   ? -1.572  6.639   -10.919 1.00 18.91 ? 4   VAL A CG1 1 
ATOM   32  C CG2 . VAL A 1 4   ? -0.781  4.382   -10.290 1.00 19.05 ? 4   VAL A CG2 1 
ATOM   33  N N   . SER A 1 5   ? 2.502   5.456   -12.550 1.00 19.75 ? 5   SER A N   1 
ATOM   34  C CA  . SER A 1 5   ? 3.766   4.749   -12.712 1.00 19.89 ? 5   SER A CA  1 
ATOM   35  C C   . SER A 1 5   ? 4.111   3.947   -11.465 1.00 19.03 ? 5   SER A C   1 
ATOM   36  O O   . SER A 1 5   ? 4.760   2.898   -11.567 1.00 21.20 ? 5   SER A O   1 
ATOM   37  C CB  . SER A 1 5   ? 4.889   5.723   -13.065 1.00 24.23 ? 5   SER A CB  1 
ATOM   38  O OG  . SER A 1 5   ? 5.165   6.608   -12.010 1.00 26.14 ? 5   SER A OG  1 
ATOM   39  N N   . LYS A 1 6   ? 3.687   4.415   -10.293 1.00 18.35 ? 6   LYS A N   1 
ATOM   40  C CA  . LYS A 1 6   ? 3.826   3.676   -9.043  1.00 19.09 ? 6   LYS A CA  1 
ATOM   41  C C   . LYS A 1 6   ? 2.485   3.694   -8.340  1.00 17.04 ? 6   LYS A C   1 
ATOM   42  O O   . LYS A 1 6   ? 1.896   4.762   -8.173  1.00 16.99 ? 6   LYS A O   1 
ATOM   43  C CB  . LYS A 1 6   ? 4.871   4.296   -8.110  1.00 21.08 ? 6   LYS A CB  1 
ATOM   44  C CG  . LYS A 1 6   ? 6.170   4.721   -8.768  1.00 26.39 ? 6   LYS A CG  1 
ATOM   45  C CD  . LYS A 1 6   ? 7.198   3.625   -8.735  1.00 29.09 ? 6   LYS A CD  1 
ATOM   46  C CE  . LYS A 1 6   ? 8.593   4.224   -8.891  1.00 28.16 ? 6   LYS A CE  1 
ATOM   47  N NZ  . LYS A 1 6   ? 8.748   4.913   -10.194 1.00 26.98 ? 6   LYS A NZ  1 
ATOM   48  N N   . LEU A 1 7   ? 2.008   2.525   -7.909  1.00 15.96 ? 7   LEU A N   1 
ATOM   49  C CA  . LEU A 1 7   ? 0.806   2.446   -7.087  1.00 17.69 ? 7   LEU A CA  1 
ATOM   50  C C   . LEU A 1 7   ? 1.207   2.639   -5.633  1.00 22.23 ? 7   LEU A C   1 
ATOM   51  O O   . LEU A 1 7   ? 1.942   1.822   -5.078  1.00 16.23 ? 7   LEU A O   1 
ATOM   52  C CB  . LEU A 1 7   ? 0.099   1.109   -7.267  1.00 17.48 ? 7   LEU A CB  1 
ATOM   53  C CG  . LEU A 1 7   ? -1.314  1.074   -6.713  1.00 20.19 ? 7   LEU A CG  1 
ATOM   54  C CD1 . LEU A 1 7   ? -2.208  1.910   -7.604  1.00 26.73 ? 7   LEU A CD1 1 
ATOM   55  C CD2 . LEU A 1 7   ? -1.788  -0.360  -6.703  1.00 20.26 ? 7   LEU A CD2 1 
ATOM   56  N N   . THR A 1 8   ? 0.758   3.742   -5.030  1.00 20.76 ? 8   THR A N   1 
ATOM   57  C CA  . THR A 1 8   ? 1.011   4.017   -3.622  1.00 17.86 ? 8   THR A CA  1 
ATOM   58  C C   . THR A 1 8   ? -0.268  4.602   -3.031  1.00 20.08 ? 8   THR A C   1 
ATOM   59  O O   . THR A 1 8   ? -1.159  5.038   -3.757  1.00 18.33 ? 8   THR A O   1 
ATOM   60  C CB  . THR A 1 8   ? 2.178   4.997   -3.403  1.00 20.57 ? 8   THR A CB  1 
ATOM   61  O OG1 . THR A 1 8   ? 1.721   6.340   -3.596  1.00 23.12 ? 8   THR A OG1 1 
ATOM   62  C CG2 . THR A 1 8   ? 3.345   4.715   -4.348  1.00 17.09 ? 8   THR A CG2 1 
ATOM   63  N N   . LEU A 1 9   ? -0.366  4.598   -1.701  1.00 19.49 ? 9   LEU A N   1 
ATOM   64  C CA  . LEU A 1 9   ? -1.535  5.222   -1.086  1.00 17.58 ? 9   LEU A CA  1 
ATOM   65  C C   . LEU A 1 9   ? -1.654  6.688   -1.487  1.00 20.74 ? 9   LEU A C   1 
ATOM   66  O O   . LEU A 1 9   ? -2.771  7.209   -1.599  1.00 21.72 ? 9   LEU A O   1 
ATOM   67  C CB  . LEU A 1 9   ? -1.473  5.089   0.430   1.00 22.05 ? 9   LEU A CB  1 
ATOM   68  C CG  . LEU A 1 9   ? -1.658  3.663   0.946   1.00 23.95 ? 9   LEU A CG  1 
ATOM   69  C CD1 . LEU A 1 9   ? -1.534  3.642   2.465   1.00 25.63 ? 9   LEU A CD1 1 
ATOM   70  C CD2 . LEU A 1 9   ? -3.008  3.107   0.503   1.00 25.86 ? 9   LEU A CD2 1 
ATOM   71  N N   . LYS A 1 10  ? -0.531  7.353   -1.756  1.00 21.96 ? 10  LYS A N   1 
ATOM   72  C CA  . LYS A 1 10  ? -0.597  8.750   -2.184  1.00 21.20 ? 10  LYS A CA  1 
ATOM   73  C C   . LYS A 1 10  ? -1.065  8.885   -3.632  1.00 23.71 ? 10  LYS A C   1 
ATOM   74  O O   . LYS A 1 10  ? -1.900  9.750   -3.931  1.00 23.70 ? 10  LYS A O   1 
ATOM   75  C CB  . LYS A 1 10  ? 0.758   9.430   -1.997  1.00 28.15 ? 10  LYS A CB  1 
ATOM   76  C CG  . LYS A 1 10  ? 0.798   10.855  -2.550  1.00 30.45 ? 10  LYS A CG  1 
ATOM   77  C CD  . LYS A 1 10  ? 2.057   11.591  -2.111  1.00 36.86 ? 10  LYS A CD  1 
ATOM   78  C CE  . LYS A 1 10  ? 1.814   12.346  -0.809  1.00 45.80 ? 10  LYS A CE  1 
ATOM   79  N NZ  . LYS A 1 10  ? 3.056   12.523  0.000   1.00 46.15 ? 10  LYS A NZ  1 
ATOM   80  N N   . THR A 1 11  ? -0.552  8.052   -4.550  1.00 20.93 ? 11  THR A N   1 
ATOM   81  C CA  . THR A 1 11  ? -0.979  8.193   -5.941  1.00 23.98 ? 11  THR A CA  1 
ATOM   82  C C   . THR A 1 11  ? -2.409  7.708   -6.150  1.00 25.10 ? 11  THR A C   1 
ATOM   83  O O   . THR A 1 11  ? -3.056  8.120   -7.120  1.00 29.18 ? 11  THR A O   1 
ATOM   84  C CB  . THR A 1 11  ? -0.032  7.455   -6.900  1.00 21.02 ? 11  THR A CB  1 
ATOM   85  O OG1 . THR A 1 11  ? -0.050  6.043   -6.631  1.00 20.98 ? 11  THR A OG1 1 
ATOM   86  C CG2 . THR A 1 11  ? 1.385   7.970   -6.769  1.00 21.40 ? 11  THR A CG2 1 
ATOM   87  N N   . ILE A 1 12  ? -2.927  6.868   -5.250  1.00 20.29 ? 12  ILE A N   1 
ATOM   88  C CA  . ILE A 1 12  ? -4.339  6.481   -5.274  1.00 23.72 ? 12  ILE A CA  1 
ATOM   89  C C   . ILE A 1 12  ? -5.244  7.574   -4.726  1.00 22.72 ? 12  ILE A C   1 
ATOM   90  O O   . ILE A 1 12  ? -6.466  7.513   -4.922  1.00 23.08 ? 12  ILE A O   1 
ATOM   91  C CB  . ILE A 1 12  ? -4.494  5.157   -4.495  1.00 24.09 ? 12  ILE A CB  1 
ATOM   92  C CG1 . ILE A 1 12  ? -3.837  4.017   -5.269  1.00 28.69 ? 12  ILE A CG1 1 
ATOM   93  C CG2 . ILE A 1 12  ? -5.951  4.796   -4.218  1.00 27.40 ? 12  ILE A CG2 1 
ATOM   94  C CD1 . ILE A 1 12  ? -4.200  2.658   -4.733  1.00 33.49 ? 12  ILE A CD1 1 
ATOM   95  N N   . GLY A 1 13  ? -4.675  8.589   -4.078  1.00 22.89 ? 13  GLY A N   1 
ATOM   96  C CA  . GLY A 1 13  ? -5.463  9.630   -3.445  1.00 18.68 ? 13  GLY A CA  1 
ATOM   97  C C   . GLY A 1 13  ? -6.065  9.222   -2.124  1.00 22.44 ? 13  GLY A C   1 
ATOM   98  O O   . GLY A 1 13  ? -7.128  9.733   -1.738  1.00 21.23 ? 13  GLY A O   1 
ATOM   99  N N   . ALA A 1 14  ? -5.422  8.298   -1.407  1.00 22.26 ? 14  ALA A N   1 
ATOM   100 C CA  . ALA A 1 14  ? -6.025  7.726   -0.212  1.00 22.20 ? 14  ALA A CA  1 
ATOM   101 C C   . ALA A 1 14  ? -5.142  7.864   1.019   1.00 18.76 ? 14  ALA A C   1 
ATOM   102 O O   . ALA A 1 14  ? -5.378  7.175   2.015   1.00 24.47 ? 14  ALA A O   1 
ATOM   103 C CB  . ALA A 1 14  ? -6.379  6.252   -0.435  1.00 20.01 ? 14  ALA A CB  1 
ATOM   104 N N   . GLN A 1 15  ? -4.132  8.739   0.989   1.00 18.71 ? 15  GLN A N   1 
ATOM   105 C CA  . GLN A 1 15  ? -3.288  8.944   2.159   1.00 22.08 ? 15  GLN A CA  1 
ATOM   106 C C   . GLN A 1 15  ? -3.904  10.019  3.048   1.00 26.92 ? 15  GLN A C   1 
ATOM   107 O O   . GLN A 1 15  ? -3.989  11.184  2.626   1.00 22.94 ? 15  GLN A O   1 
ATOM   108 C CB  . GLN A 1 15  ? -1.879  9.347   1.739   1.00 21.04 ? 15  GLN A CB  1 
ATOM   109 C CG  . GLN A 1 15  ? -0.924  9.566   2.910   1.00 26.40 ? 15  GLN A CG  1 
ATOM   110 C CD  . GLN A 1 15  ? 0.458   9.986   2.455   1.00 30.10 ? 15  GLN A CD  1 
ATOM   111 O OE1 . GLN A 1 15  ? 0.807   11.168  2.496   1.00 37.57 ? 15  GLN A OE1 1 
ATOM   112 N NE2 . GLN A 1 15  ? 1.249   9.023   2.010   1.00 27.90 ? 15  GLN A NE2 1 
ATOM   113 N N   . PRO A 1 16  ? -4.332  9.697   4.274   1.00 20.97 ? 16  PRO A N   1 
ATOM   114 C CA  . PRO A 1 16  ? -4.957  10.717  5.124   1.00 19.25 ? 16  PRO A CA  1 
ATOM   115 C C   . PRO A 1 16  ? -3.970  11.806  5.510   1.00 24.54 ? 16  PRO A C   1 
ATOM   116 O O   . PRO A 1 16  ? -2.769  11.565  5.670   1.00 22.45 ? 16  PRO A O   1 
ATOM   117 C CB  . PRO A 1 16  ? -5.413  9.927   6.355   1.00 24.26 ? 16  PRO A CB  1 
ATOM   118 C CG  . PRO A 1 16  ? -5.495  8.486   5.886   1.00 19.68 ? 16  PRO A CG  1 
ATOM   119 C CD  . PRO A 1 16  ? -4.376  8.357   4.888   1.00 18.87 ? 16  PRO A CD  1 
ATOM   120 N N   . LYS A 1 17  ? -4.497  13.022  5.659   1.00 23.55 ? 17  LYS A N   1 
ATOM   121 C CA  . LYS A 1 17  ? -3.692  14.119  6.170   1.00 22.61 ? 17  LYS A CA  1 
ATOM   122 C C   . LYS A 1 17  ? -3.288  13.841  7.615   1.00 18.38 ? 17  LYS A C   1 
ATOM   123 O O   . LYS A 1 17  ? -4.000  13.140  8.339   1.00 23.66 ? 17  LYS A O   1 
ATOM   124 C CB  . LYS A 1 17  ? -4.461  15.438  6.102   1.00 27.84 ? 17  LYS A CB  1 
ATOM   125 C CG  . LYS A 1 17  ? -4.897  15.853  4.699   1.00 36.55 ? 17  LYS A CG  1 
ATOM   126 C CD  . LYS A 1 17  ? -4.919  17.378  4.567   1.00 44.58 ? 17  LYS A CD  1 
ATOM   127 C CE  . LYS A 1 17  ? -6.094  17.873  3.724   1.00 51.30 ? 17  LYS A CE  1 
ATOM   128 N NZ  . LYS A 1 17  ? -5.991  19.344  3.440   1.00 46.71 ? 17  LYS A NZ  1 
ATOM   129 N N   . PRO A 1 18  ? -2.152  14.381  8.059   1.00 24.37 ? 18  PRO A N   1 
ATOM   130 C CA  . PRO A 1 18  ? -1.722  14.153  9.443   1.00 25.03 ? 18  PRO A CA  1 
ATOM   131 C C   . PRO A 1 18  ? -2.815  14.515  10.435  1.00 25.79 ? 18  PRO A C   1 
ATOM   132 O O   . PRO A 1 18  ? -3.499  15.532  10.290  1.00 26.48 ? 18  PRO A O   1 
ATOM   133 C CB  . PRO A 1 18  ? -0.500  15.067  9.586   1.00 23.52 ? 18  PRO A CB  1 
ATOM   134 C CG  . PRO A 1 18  ? 0.073   15.104  8.205   1.00 28.09 ? 18  PRO A CG  1 
ATOM   135 C CD  . PRO A 1 18  ? -1.123  15.097  7.279   1.00 25.18 ? 18  PRO A CD  1 
ATOM   136 N N   . HIS A 1 19  ? -2.999  13.641  11.428  1.00 23.55 ? 19  HIS A N   1 
ATOM   137 C CA  . HIS A 1 19  ? -3.861  13.858  12.586  1.00 22.99 ? 19  HIS A CA  1 
ATOM   138 C C   . HIS A 1 19  ? -5.340  13.900  12.229  1.00 25.12 ? 19  HIS A C   1 
ATOM   139 O O   . HIS A 1 19  ? -6.164  14.333  13.036  1.00 29.29 ? 19  HIS A O   1 
ATOM   140 C CB  . HIS A 1 19  ? -3.418  15.110  13.351  1.00 26.60 ? 19  HIS A CB  1 
ATOM   141 C CG  . HIS A 1 19  ? -1.960  15.086  13.690  1.00 26.49 ? 19  HIS A CG  1 
ATOM   142 N ND1 . HIS A 1 19  ? -1.435  14.223  14.629  1.00 30.08 ? 19  HIS A ND1 1 
ATOM   143 C CD2 . HIS A 1 19  ? -0.907  15.753  13.162  1.00 30.88 ? 19  HIS A CD2 1 
ATOM   144 C CE1 . HIS A 1 19  ? -0.125  14.386  14.689  1.00 24.49 ? 19  HIS A CE1 1 
ATOM   145 N NE2 . HIS A 1 19  ? 0.221   15.307  13.807  1.00 31.64 ? 19  HIS A NE2 1 
ATOM   146 N N   . SER A 1 20  ? -5.711  13.397  11.057  1.00 24.71 ? 20  SER A N   1 
ATOM   147 C CA  . SER A 1 20  ? -7.105  13.379  10.637  1.00 21.65 ? 20  SER A CA  1 
ATOM   148 C C   . SER A 1 20  ? -7.821  12.072  10.949  1.00 25.16 ? 20  SER A C   1 
ATOM   149 O O   . SER A 1 20  ? -9.036  11.995  10.751  1.00 24.56 ? 20  SER A O   1 
ATOM   150 C CB  . SER A 1 20  ? -7.198  13.639  9.135   1.00 26.92 ? 20  SER A CB  1 
ATOM   151 O OG  . SER A 1 20  ? -6.637  12.559  8.405   1.00 25.32 ? 20  SER A OG  1 
ATOM   152 N N   . VAL A 1 21  ? -7.112  11.046  11.414  1.00 24.60 ? 21  VAL A N   1 
ATOM   153 C CA  . VAL A 1 21  ? -7.692  9.719   11.599  1.00 23.78 ? 21  VAL A CA  1 
ATOM   154 C C   . VAL A 1 21  ? -8.071  9.563   13.065  1.00 26.22 ? 21  VAL A C   1 
ATOM   155 O O   . VAL A 1 21  ? -7.208  9.339   13.921  1.00 26.93 ? 21  VAL A O   1 
ATOM   156 C CB  . VAL A 1 21  ? -6.728  8.616   11.149  1.00 22.41 ? 21  VAL A CB  1 
ATOM   157 C CG1 . VAL A 1 21  ? -7.329  7.235   11.423  1.00 23.81 ? 21  VAL A CG1 1 
ATOM   158 C CG2 . VAL A 1 21  ? -6.413  8.774   9.669   1.00 24.08 ? 21  VAL A CG2 1 
ATOM   159 N N   . LYS A 1 22  ? -9.368  9.662   13.354  1.00 25.57 ? 22  LYS A N   1 
ATOM   160 C CA  . LYS A 1 22  ? -9.875  9.514   14.711  1.00 32.36 ? 22  LYS A CA  1 
ATOM   161 C C   . LYS A 1 22  ? -10.540 8.169   14.970  1.00 28.79 ? 22  LYS A C   1 
ATOM   162 O O   . LYS A 1 22  ? -10.690 7.779   16.134  1.00 29.50 ? 22  LYS A O   1 
ATOM   163 C CB  . LYS A 1 22  ? -10.864 10.644  15.030  1.00 29.57 ? 22  LYS A CB  1 
ATOM   164 C CG  . LYS A 1 22  ? -10.262 12.019  14.845  1.00 35.43 ? 22  LYS A CG  1 
ATOM   165 C CD  . LYS A 1 22  ? -8.991  12.185  15.665  1.00 36.61 ? 22  LYS A CD  1 
ATOM   166 C CE  . LYS A 1 22  ? -8.389  13.580  15.474  1.00 41.16 ? 22  LYS A CE  1 
ATOM   167 N NZ  . LYS A 1 22  ? -7.189  13.826  16.331  1.00 43.92 ? 22  LYS A NZ  1 
ATOM   168 N N   . GLU A 1 23  ? -10.932 7.451   13.924  1.00 28.98 ? 23  GLU A N   1 
ATOM   169 C CA  . GLU A 1 23  ? -11.374 6.073   14.053  1.00 26.70 ? 23  GLU A CA  1 
ATOM   170 C C   . GLU A 1 23  ? -10.798 5.286   12.891  1.00 21.51 ? 23  GLU A C   1 
ATOM   171 O O   . GLU A 1 23  ? -10.250 5.857   11.942  1.00 21.82 ? 23  GLU A O   1 
ATOM   172 C CB  . GLU A 1 23  ? -12.900 5.974   14.066  1.00 26.77 ? 23  GLU A CB  1 
ATOM   173 C CG  . GLU A 1 23  ? -13.535 6.512   12.802  1.00 35.25 ? 23  GLU A CG  1 
ATOM   174 C CD  . GLU A 1 23  ? -15.047 6.505   12.871  1.00 45.55 ? 23  GLU A CD  1 
ATOM   175 O OE1 . GLU A 1 23  ? -15.651 5.433   12.624  1.00 51.87 ? 23  GLU A OE1 1 
ATOM   176 O OE2 . GLU A 1 23  ? -15.629 7.566   13.194  1.00 45.55 ? 23  GLU A OE2 1 
ATOM   177 N N   . ASN A 1 24  ? -10.909 3.963   12.977  1.00 22.15 ? 24  ASN A N   1 
ATOM   178 C CA  . ASN A 1 24  ? -10.451 3.109   11.893  1.00 22.53 ? 24  ASN A CA  1 
ATOM   179 C C   . ASN A 1 24  ? -11.078 3.554   10.579  1.00 20.95 ? 24  ASN A C   1 
ATOM   180 O O   . ASN A 1 24  ? -12.290 3.789   10.494  1.00 24.16 ? 24  ASN A O   1 
ATOM   181 C CB  . ASN A 1 24  ? -10.785 1.644   12.198  1.00 24.03 ? 24  ASN A CB  1 
ATOM   182 C CG  . ASN A 1 24  ? -9.911  1.071   13.301  1.00 27.59 ? 24  ASN A CG  1 
ATOM   183 O OD1 . ASN A 1 24  ? -8.791  1.536   13.523  1.00 25.19 ? 24  ASN A OD1 1 
ATOM   184 N ND2 . ASN A 1 24  ? -10.411 0.049   13.991  1.00 33.71 ? 24  ASN A ND2 1 
ATOM   185 N N   . THR A 1 25  ? -10.232 3.690   9.556   1.00 22.71 ? 25  THR A N   1 
ATOM   186 C CA  . THR A 1 25  ? -10.609 4.271   8.271   1.00 19.77 ? 25  THR A CA  1 
ATOM   187 C C   . THR A 1 25  ? -10.071 3.388   7.154   1.00 21.61 ? 25  THR A C   1 
ATOM   188 O O   . THR A 1 25  ? -8.853  3.210   7.035   1.00 22.85 ? 25  THR A O   1 
ATOM   189 C CB  . THR A 1 25  ? -10.057 5.692   8.154   1.00 25.23 ? 25  THR A CB  1 
ATOM   190 O OG1 . THR A 1 25  ? -10.473 6.443   9.302   1.00 24.43 ? 25  THR A OG1 1 
ATOM   191 C CG2 . THR A 1 25  ? -10.556 6.377   6.886   1.00 22.37 ? 25  THR A CG2 1 
ATOM   192 N N   . ALA A 1 26  ? -10.968 2.824   6.345   1.00 20.16 ? 26  ALA A N   1 
ATOM   193 C CA  . ALA A 1 26  ? -10.536 1.998   5.226   1.00 21.80 ? 26  ALA A CA  1 
ATOM   194 C C   . ALA A 1 26  ? -10.048 2.888   4.083   1.00 21.87 ? 26  ALA A C   1 
ATOM   195 O O   . ALA A 1 26  ? -10.761 3.797   3.641   1.00 23.24 ? 26  ALA A O   1 
ATOM   196 C CB  . ALA A 1 26  ? -11.678 1.095   4.765   1.00 26.05 ? 26  ALA A CB  1 
ATOM   197 N N   . LEU A 1 27  ? -8.829  2.623   3.602   1.00 18.06 ? 27  LEU A N   1 
ATOM   198 C CA  . LEU A 1 27  ? -8.170  3.492   2.632   1.00 20.63 ? 27  LEU A CA  1 
ATOM   199 C C   . LEU A 1 27  ? -8.271  2.950   1.214   1.00 19.12 ? 27  LEU A C   1 
ATOM   200 O O   . LEU A 1 27  ? -8.747  3.649   0.315   1.00 18.59 ? 27  LEU A O   1 
ATOM   201 C CB  . LEU A 1 27  ? -6.694  3.690   3.010   1.00 16.52 ? 27  LEU A CB  1 
ATOM   202 C CG  . LEU A 1 27  ? -6.395  4.188   4.426   1.00 17.03 ? 27  LEU A CG  1 
ATOM   203 C CD1 . LEU A 1 27  ? -4.903  4.479   4.534   1.00 16.78 ? 27  LEU A CD1 1 
ATOM   204 C CD2 . LEU A 1 27  ? -7.211  5.416   4.766   1.00 19.41 ? 27  LEU A CD2 1 
ATOM   205 N N   . ALA A 1 28  ? -7.816  1.716   0.990   1.00 18.75 ? 28  ALA A N   1 
ATOM   206 C CA  . ALA A 1 28  ? -7.690  1.230   -0.377  1.00 16.46 ? 28  ALA A CA  1 
ATOM   207 C C   . ALA A 1 28  ? -7.730  -0.286  -0.391  1.00 20.55 ? 28  ALA A C   1 
ATOM   208 O O   . ALA A 1 28  ? -7.301  -0.938  0.561   1.00 20.37 ? 28  ALA A O   1 
ATOM   209 C CB  . ALA A 1 28  ? -6.384  1.702   -1.032  1.00 18.96 ? 28  ALA A CB  1 
ATOM   210 N N   . SER A 1 29  ? -8.258  -0.831  -1.481  1.00 17.49 ? 29  SER A N   1 
ATOM   211 C CA  . SER A 1 29  ? -8.097  -2.242  -1.807  1.00 19.65 ? 29  SER A CA  1 
ATOM   212 C C   . SER A 1 29  ? -7.014  -2.366  -2.861  1.00 22.17 ? 29  SER A C   1 
ATOM   213 O O   . SER A 1 29  ? -6.998  -1.602  -3.824  1.00 24.89 ? 29  SER A O   1 
ATOM   214 C CB  . SER A 1 29  ? -9.401  -2.842  -2.332  1.00 25.92 ? 29  SER A CB  1 
ATOM   215 O OG  . SER A 1 29  ? -10.410 -2.732  -1.343  1.00 36.57 ? 29  SER A OG  1 
ATOM   216 N N   . ILE A 1 30  ? -6.107  -3.329  -2.684  1.00 18.80 ? 30  ILE A N   1 
ATOM   217 C CA  . ILE A 1 30  ? -5.021  -3.537  -3.633  1.00 18.00 ? 30  ILE A CA  1 
ATOM   218 C C   . ILE A 1 30  ? -4.990  -5.004  -4.029  1.00 19.59 ? 30  ILE A C   1 
ATOM   219 O O   . ILE A 1 30  ? -4.917  -5.880  -3.163  1.00 18.77 ? 30  ILE A O   1 
ATOM   220 C CB  . ILE A 1 30  ? -3.660  -3.108  -3.058  1.00 19.87 ? 30  ILE A CB  1 
ATOM   221 C CG1 . ILE A 1 30  ? -3.671  -1.603  -2.747  1.00 21.11 ? 30  ILE A CG1 1 
ATOM   222 C CG2 . ILE A 1 30  ? -2.544  -3.436  -4.037  1.00 18.79 ? 30  ILE A CG2 1 
ATOM   223 C CD1 . ILE A 1 30  ? -2.423  -1.102  -2.091  1.00 28.70 ? 30  ILE A CD1 1 
ATOM   224 N N   . TYR A 1 31  ? -5.014  -5.258  -5.331  1.00 18.19 ? 31  TYR A N   1 
ATOM   225 C CA  . TYR A 1 31  ? -4.893  -6.585  -5.924  1.00 21.20 ? 31  TYR A CA  1 
ATOM   226 C C   . TYR A 1 31  ? -3.563  -6.642  -6.653  1.00 24.67 ? 31  TYR A C   1 
ATOM   227 O O   . TYR A 1 31  ? -3.260  -5.754  -7.456  1.00 25.21 ? 31  TYR A O   1 
ATOM   228 C CB  . TYR A 1 31  ? -6.022  -6.845  -6.919  1.00 23.95 ? 31  TYR A CB  1 
ATOM   229 C CG  . TYR A 1 31  ? -7.359  -7.143  -6.315  1.00 31.48 ? 31  TYR A CG  1 
ATOM   230 C CD1 . TYR A 1 31  ? -8.223  -6.125  -5.932  1.00 35.43 ? 31  TYR A CD1 1 
ATOM   231 C CD2 . TYR A 1 31  ? -7.775  -8.458  -6.145  1.00 35.85 ? 31  TYR A CD2 1 
ATOM   232 C CE1 . TYR A 1 31  ? -9.459  -6.415  -5.388  1.00 37.60 ? 31  TYR A CE1 1 
ATOM   233 C CE2 . TYR A 1 31  ? -9.006  -8.757  -5.603  1.00 38.77 ? 31  TYR A CE2 1 
ATOM   234 C CZ  . TYR A 1 31  ? -9.842  -7.739  -5.222  1.00 42.35 ? 31  TYR A CZ  1 
ATOM   235 O OH  . TYR A 1 31  ? -11.066 -8.067  -4.675  1.00 39.26 ? 31  TYR A OH  1 
ATOM   236 N N   . GLY A 1 32  ? -2.764  -7.660  -6.391  1.00 21.55 ? 32  GLY A N   1 
ATOM   237 C CA  . GLY A 1 32  ? -1.403  -7.659  -6.885  1.00 21.04 ? 32  GLY A CA  1 
ATOM   238 C C   . GLY A 1 32  ? -0.964  -9.017  -7.375  1.00 23.29 ? 32  GLY A C   1 
ATOM   239 O O   . GLY A 1 32  ? -1.407  -10.051 -6.880  1.00 20.11 ? 32  GLY A O   1 
ATOM   240 N N   . ARG A 1 33  ? -0.097  -8.998  -8.382  1.00 19.35 ? 33  ARG A N   1 
ATOM   241 C CA  . ARG A 1 33  ? 0.776   -10.126 -8.685  1.00 17.35 ? 33  ARG A CA  1 
ATOM   242 C C   . ARG A 1 33  ? 2.198   -9.601  -8.616  1.00 19.02 ? 33  ARG A C   1 
ATOM   243 O O   . ARG A 1 33  ? 2.604   -8.791  -9.458  1.00 20.31 ? 33  ARG A O   1 
ATOM   244 C CB  . ARG A 1 33  ? 0.497   -10.732 -10.057 1.00 18.08 ? 33  ARG A CB  1 
ATOM   245 C CG  . ARG A 1 33  ? 1.548   -11.771 -10.451 1.00 18.54 ? 33  ARG A CG  1 
ATOM   246 C CD  . ARG A 1 33  ? 1.113   -12.571 -11.668 1.00 23.24 ? 33  ARG A CD  1 
ATOM   247 N NE  . ARG A 1 33  ? -0.079  -13.370 -11.395 1.00 23.31 ? 33  ARG A NE  1 
ATOM   248 C CZ  . ARG A 1 33  ? -0.811  -13.951 -12.336 1.00 29.53 ? 33  ARG A CZ  1 
ATOM   249 N NH1 . ARG A 1 33  ? -0.512  -13.820 -13.619 1.00 25.13 ? 33  ARG A NH1 1 
ATOM   250 N NH2 . ARG A 1 33  ? -1.861  -14.689 -11.984 1.00 30.11 ? 33  ARG A NH2 1 
ATOM   251 N N   . VAL A 1 34  ? 2.945   -10.039 -7.610  1.00 16.86 ? 34  VAL A N   1 
ATOM   252 C CA  . VAL A 1 34  ? 4.317   -9.590  -7.420  1.00 18.40 ? 34  VAL A CA  1 
ATOM   253 C C   . VAL A 1 34  ? 5.260   -10.563 -8.105  1.00 24.61 ? 34  VAL A C   1 
ATOM   254 O O   . VAL A 1 34  ? 5.208   -11.775 -7.859  1.00 20.77 ? 34  VAL A O   1 
ATOM   255 C CB  . VAL A 1 34  ? 4.652   -9.446  -5.928  1.00 19.49 ? 34  VAL A CB  1 
ATOM   256 C CG1 . VAL A 1 34  ? 6.009   -8.784  -5.782  1.00 20.29 ? 34  VAL A CG1 1 
ATOM   257 C CG2 . VAL A 1 34  ? 3.615   -8.602  -5.264  1.00 23.02 ? 34  VAL A CG2 1 
ATOM   258 N N   . ARG A 1 35  ? 6.118   -10.030 -8.976  1.00 20.96 ? 35  ARG A N   1 
ATOM   259 C CA  . ARG A 1 35  ? 7.062   -10.832 -9.739  1.00 22.79 ? 35  ARG A CA  1 
ATOM   260 C C   . ARG A 1 35  ? 8.443   -10.201 -9.731  1.00 25.10 ? 35  ARG A C   1 
ATOM   261 O O   . ARG A 1 35  ? 9.235   -10.424 -10.645 1.00 34.76 ? 35  ARG A O   1 
ATOM   262 C CB  . ARG A 1 35  ? 6.583   -11.042 -11.174 1.00 29.17 ? 35  ARG A CB  1 
ATOM   263 C CG  . ARG A 1 35  ? 5.693   -12.254 -11.314 1.00 36.41 ? 35  ARG A CG  1 
ATOM   264 C CD  . ARG A 1 35  ? 5.634   -12.775 -12.746 1.00 45.21 ? 35  ARG A CD  1 
ATOM   265 N NE  . ARG A 1 35  ? 6.928   -13.223 -13.261 1.00 48.92 ? 35  ARG A NE  1 
ATOM   266 C CZ  . ARG A 1 35  ? 7.479   -14.405 -13.012 1.00 45.79 ? 35  ARG A CZ  1 
ATOM   267 N NH1 . ARG A 1 35  ? 6.909   -15.279 -12.197 1.00 44.05 ? 35  ARG A NH1 1 
ATOM   268 N NH2 . ARG A 1 35  ? 8.632   -14.721 -13.596 1.00 46.64 ? 35  ARG A NH2 1 
ATOM   269 N N   . GLY A 1 36  ? 8.743   -9.432  -8.704  1.00 21.96 ? 36  GLY A N   1 
ATOM   270 C CA  . GLY A 1 36  ? 10.052  -8.848  -8.536  1.00 22.50 ? 36  GLY A CA  1 
ATOM   271 C C   . GLY A 1 36  ? 10.011  -7.703  -7.556  1.00 22.28 ? 36  GLY A C   1 
ATOM   272 O O   . GLY A 1 36  ? 8.954   -7.178  -7.197  1.00 19.17 ? 36  GLY A O   1 
ATOM   273 N N   A LYS A 1 37  ? 11.194  -7.309  -7.105  0.55 25.20 ? 37  LYS A N   1 
ATOM   274 N N   B LYS A 1 37  ? 11.194  -7.309  -7.105  0.45 25.62 ? 37  LYS A N   1 
ATOM   275 C CA  . LYS A 1 37  ? 11.295  -6.205  -6.164  1.00 25.77 ? 37  LYS A CA  1 
ATOM   276 C C   . LYS A 1 37  ? 12.682  -5.599  -6.269  1.00 30.65 ? 37  LYS A C   1 
ATOM   277 O O   . LYS A 1 37  ? 13.666  -6.303  -6.507  1.00 30.50 ? 37  LYS A O   1 
ATOM   278 C CB  . LYS A 1 37  ? 11.001  -6.664  -4.733  1.00 30.17 ? 37  LYS A CB  1 
ATOM   279 C CG  . LYS A 1 37  ? 11.858  -7.813  -4.259  1.00 36.26 ? 37  LYS A CG  1 
ATOM   280 C CD  . LYS A 1 37  ? 11.287  -8.435  -2.996  1.00 41.27 ? 37  LYS A CD  1 
ATOM   281 C CE  . LYS A 1 37  ? 12.067  -8.001  -1.775  1.00 47.07 ? 37  LYS A CE  1 
ATOM   282 N NZ  . LYS A 1 37  ? 13.506  -8.364  -1.906  1.00 58.77 ? 37  LYS A NZ  1 
ATOM   283 N N   . LYS A 1 38  ? 12.732  -4.285  -6.142  1.00 22.65 ? 38  LYS A N   1 
ATOM   284 C CA  . LYS A 1 38  ? 13.958  -3.515  -6.220  1.00 24.49 ? 38  LYS A CA  1 
ATOM   285 C C   . LYS A 1 38  ? 13.984  -2.558  -5.045  1.00 24.11 ? 38  LYS A C   1 
ATOM   286 O O   . LYS A 1 38  ? 12.960  -1.963  -4.699  1.00 24.28 ? 38  LYS A O   1 
ATOM   287 C CB  . LYS A 1 38  ? 14.044  -2.713  -7.522  1.00 29.22 ? 38  LYS A CB  1 
ATOM   288 C CG  . LYS A 1 38  ? 14.519  -3.488  -8.735  1.00 38.72 ? 38  LYS A CG  1 
ATOM   289 C CD  . LYS A 1 38  ? 14.420  -2.618  -9.984  1.00 45.48 ? 38  LYS A CD  1 
ATOM   290 C CE  . LYS A 1 38  ? 14.603  -3.428  -11.260 1.00 47.71 ? 38  LYS A CE  1 
ATOM   291 N NZ  . LYS A 1 38  ? 13.920  -2.772  -12.419 1.00 51.75 ? 38  LYS A NZ  1 
ATOM   292 N N   . VAL A 1 39  ? 15.151  -2.396  -4.440  1.00 26.28 ? 39  VAL A N   1 
ATOM   293 C CA  . VAL A 1 39  ? 15.313  -1.377  -3.418  1.00 23.56 ? 39  VAL A CA  1 
ATOM   294 C C   . VAL A 1 39  ? 15.430  -0.021  -4.098  1.00 24.93 ? 39  VAL A C   1 
ATOM   295 O O   . VAL A 1 39  ? 16.078  0.120   -5.142  1.00 25.55 ? 39  VAL A O   1 
ATOM   296 C CB  . VAL A 1 39  ? 16.537  -1.687  -2.543  1.00 29.96 ? 39  VAL A CB  1 
ATOM   297 C CG1 . VAL A 1 39  ? 17.729  -2.054  -3.404  1.00 36.27 ? 39  VAL A CG1 1 
ATOM   298 C CG2 . VAL A 1 39  ? 16.860  -0.505  -1.639  1.00 32.18 ? 39  VAL A CG2 1 
ATOM   299 N N   . GLY A 1 40  ? 14.751  0.969   -3.538  1.00 22.21 ? 40  GLY A N   1 
ATOM   300 C CA  . GLY A 1 40  ? 14.843  2.327   -4.023  1.00 21.13 ? 40  GLY A CA  1 
ATOM   301 C C   . GLY A 1 40  ? 15.417  3.165   -2.907  1.00 23.39 ? 40  GLY A C   1 
ATOM   302 O O   . GLY A 1 40  ? 15.329  2.788   -1.735  1.00 20.66 ? 40  GLY A O   1 
ATOM   303 N N   . GLN A 1 41  ? 16.033  4.282   -3.256  1.00 20.41 ? 41  GLN A N   1 
ATOM   304 C CA  . GLN A 1 41  ? 16.650  5.163   -2.284  1.00 21.76 ? 41  GLN A CA  1 
ATOM   305 C C   . GLN A 1 41  ? 15.979  6.528   -2.364  1.00 19.95 ? 41  GLN A C   1 
ATOM   306 O O   . GLN A 1 41  ? 15.697  7.037   -3.457  1.00 21.03 ? 41  GLN A O   1 
ATOM   307 C CB  . GLN A 1 41  ? 18.169  5.270   -2.534  1.00 25.17 ? 41  GLN A CB  1 
ATOM   308 C CG  . GLN A 1 41  ? 19.000  4.020   -2.111  1.00 27.98 ? 41  GLN A CG  1 
ATOM   309 C CD  . GLN A 1 41  ? 19.003  2.858   -3.129  1.00 31.25 ? 41  GLN A CD  1 
ATOM   310 O OE1 . GLN A 1 41  ? 18.991  1.683   -2.742  1.00 31.69 ? 41  GLN A OE1 1 
ATOM   311 N NE2 . GLN A 1 41  ? 19.045  3.181   -4.420  1.00 28.18 ? 41  GLN A NE2 1 
ATOM   312 N N   . SER A 1 42  ? 15.669  7.101   -1.211  1.00 21.70 ? 42  SER A N   1 
ATOM   313 C CA  . SER A 1 42  ? 15.305  8.505   -1.147  1.00 23.17 ? 42  SER A CA  1 
ATOM   314 C C   . SER A 1 42  ? 16.192  9.161   -0.099  1.00 21.30 ? 42  SER A C   1 
ATOM   315 O O   . SER A 1 42  ? 16.943  8.488   0.606   1.00 23.04 ? 42  SER A O   1 
ATOM   316 C CB  . SER A 1 42  ? 13.815  8.702   -0.840  1.00 23.63 ? 42  SER A CB  1 
ATOM   317 O OG  . SER A 1 42  ? 13.507  8.456   0.518   1.00 28.61 ? 42  SER A OG  1 
ATOM   318 N N   . THR A 1 43  ? 16.110  10.487  -0.013  1.00 23.23 ? 43  THR A N   1 
ATOM   319 C CA  . THR A 1 43  ? 16.987  11.231  0.892   1.00 23.40 ? 43  THR A CA  1 
ATOM   320 C C   . THR A 1 43  ? 16.891  10.706  2.314   1.00 27.70 ? 43  THR A C   1 
ATOM   321 O O   . THR A 1 43  ? 17.905  10.456  2.977   1.00 27.52 ? 43  THR A O   1 
ATOM   322 C CB  . THR A 1 43  ? 16.620  12.714  0.865   1.00 24.77 ? 43  THR A CB  1 
ATOM   323 O OG1 . THR A 1 43  ? 16.747  13.207  -0.475  1.00 25.74 ? 43  THR A OG1 1 
ATOM   324 C CG2 . THR A 1 43  ? 17.532  13.507  1.787   1.00 25.98 ? 43  THR A CG2 1 
ATOM   325 N N   . PHE A 1 44  ? 15.663  10.517  2.793   1.00 23.00 ? 44  PHE A N   1 
ATOM   326 C CA  . PHE A 1 44  ? 15.401  10.228  4.193   1.00 21.94 ? 44  PHE A CA  1 
ATOM   327 C C   . PHE A 1 44  ? 15.012  8.773   4.431   1.00 29.26 ? 44  PHE A C   1 
ATOM   328 O O   . PHE A 1 44  ? 14.453  8.443   5.480   1.00 25.35 ? 44  PHE A O   1 
ATOM   329 C CB  . PHE A 1 44  ? 14.333  11.190  4.705   1.00 23.57 ? 44  PHE A CB  1 
ATOM   330 C CG  . PHE A 1 44  ? 14.799  12.626  4.743   1.00 22.34 ? 44  PHE A CG  1 
ATOM   331 C CD1 . PHE A 1 44  ? 15.760  13.018  5.655   1.00 22.30 ? 44  PHE A CD1 1 
ATOM   332 C CD2 . PHE A 1 44  ? 14.292  13.575  3.871   1.00 22.09 ? 44  PHE A CD2 1 
ATOM   333 C CE1 . PHE A 1 44  ? 16.210  14.331  5.704   1.00 23.60 ? 44  PHE A CE1 1 
ATOM   334 C CE2 . PHE A 1 44  ? 14.745  14.899  3.922   1.00 20.64 ? 44  PHE A CE2 1 
ATOM   335 C CZ  . PHE A 1 44  ? 15.705  15.266  4.839   1.00 22.34 ? 44  PHE A CZ  1 
ATOM   336 N N   . GLY A 1 45  ? 15.314  7.893   3.494   1.00 26.42 ? 45  GLY A N   1 
ATOM   337 C CA  . GLY A 1 45  ? 15.129  6.480   3.745   1.00 26.62 ? 45  GLY A CA  1 
ATOM   338 C C   . GLY A 1 45  ? 15.001  5.716   2.456   1.00 25.44 ? 45  GLY A C   1 
ATOM   339 O O   . GLY A 1 45  ? 14.747  6.278   1.392   1.00 24.30 ? 45  GLY A O   1 
ATOM   340 N N   . ASP A 1 46  ? 15.209  4.412   2.564   1.00 24.54 ? 46  ASP A N   1 
ATOM   341 C CA  . ASP A 1 46  ? 15.022  3.505   1.449   1.00 23.24 ? 46  ASP A CA  1 
ATOM   342 C C   . ASP A 1 46  ? 13.619  2.912   1.492   1.00 22.86 ? 46  ASP A C   1 
ATOM   343 O O   . ASP A 1 46  ? 12.861  3.084   2.446   1.00 27.12 ? 46  ASP A O   1 
ATOM   344 C CB  . ASP A 1 46  ? 16.073  2.397   1.483   1.00 24.81 ? 46  ASP A CB  1 
ATOM   345 C CG  . ASP A 1 46  ? 17.486  2.919   1.248   1.00 34.60 ? 46  ASP A CG  1 
ATOM   346 O OD1 . ASP A 1 46  ? 17.657  4.142   1.018   1.00 36.41 ? 46  ASP A OD1 1 
ATOM   347 O OD2 . ASP A 1 46  ? 18.436  2.105   1.286   1.00 40.47 ? 46  ASP A OD2 1 
ATOM   348 N N   . PHE A 1 47  ? 13.283  2.189   0.437   1.00 20.37 ? 47  PHE A N   1 
ATOM   349 C CA  . PHE A 1 47  ? 11.961  1.600   0.285   1.00 18.95 ? 47  PHE A CA  1 
ATOM   350 C C   . PHE A 1 47  ? 12.095  0.482   -0.731  1.00 18.27 ? 47  PHE A C   1 
ATOM   351 O O   . PHE A 1 47  ? 13.126  0.340   -1.391  1.00 22.37 ? 47  PHE A O   1 
ATOM   352 C CB  . PHE A 1 47  ? 10.943  2.654   -0.157  1.00 20.09 ? 47  PHE A CB  1 
ATOM   353 C CG  . PHE A 1 47  ? 11.331  3.359   -1.424  1.00 20.13 ? 47  PHE A CG  1 
ATOM   354 C CD1 . PHE A 1 47  ? 12.193  4.448   -1.389  1.00 20.53 ? 47  PHE A CD1 1 
ATOM   355 C CD2 . PHE A 1 47  ? 10.860  2.922   -2.648  1.00 19.92 ? 47  PHE A CD2 1 
ATOM   356 C CE1 . PHE A 1 47  ? 12.566  5.092   -2.549  1.00 18.03 ? 47  PHE A CE1 1 
ATOM   357 C CE2 . PHE A 1 47  ? 11.227  3.555   -3.813  1.00 20.51 ? 47  PHE A CE2 1 
ATOM   358 C CZ  . PHE A 1 47  ? 12.093  4.648   -3.765  1.00 19.85 ? 47  PHE A CZ  1 
ATOM   359 N N   . ILE A 1 48  ? 11.049  -0.319  -0.855  1.00 20.79 ? 48  ILE A N   1 
ATOM   360 C CA  . ILE A 1 48  ? 11.037  -1.396  -1.830  1.00 18.51 ? 48  ILE A CA  1 
ATOM   361 C C   . ILE A 1 48  ? 10.017  -1.057  -2.902  1.00 18.45 ? 48  ILE A C   1 
ATOM   362 O O   . ILE A 1 48  ? 8.876   -0.701  -2.591  1.00 19.01 ? 48  ILE A O   1 
ATOM   363 C CB  . ILE A 1 48  ? 10.719  -2.749  -1.180  1.00 18.36 ? 48  ILE A CB  1 
ATOM   364 C CG1 . ILE A 1 48  ? 11.819  -3.113  -0.190  1.00 20.11 ? 48  ILE A CG1 1 
ATOM   365 C CG2 . ILE A 1 48  ? 10.618  -3.815  -2.252  1.00 19.87 ? 48  ILE A CG2 1 
ATOM   366 C CD1 . ILE A 1 48  ? 11.427  -4.221  0.764   1.00 27.56 ? 48  ILE A CD1 1 
ATOM   367 N N   . LYS A 1 49  ? 10.435  -1.171  -4.157  1.00 17.04 ? 49  LYS A N   1 
ATOM   368 C CA  . LYS A 1 49  ? 9.553   -1.038  -5.305  1.00 17.56 ? 49  LYS A CA  1 
ATOM   369 C C   . LYS A 1 49  ? 9.200   -2.457  -5.732  1.00 20.17 ? 49  LYS A C   1 
ATOM   370 O O   . LYS A 1 49  ? 10.030  -3.173  -6.298  1.00 21.62 ? 49  LYS A O   1 
ATOM   371 C CB  . LYS A 1 49  ? 10.257  -0.275  -6.416  1.00 21.50 ? 49  LYS A CB  1 
ATOM   372 C CG  . LYS A 1 49  ? 9.419   0.136   -7.591  1.00 30.65 ? 49  LYS A CG  1 
ATOM   373 C CD  . LYS A 1 49  ? 10.302  0.979   -8.520  1.00 40.35 ? 49  LYS A CD  1 
ATOM   374 C CE  . LYS A 1 49  ? 11.277  1.844   -7.694  1.00 28.16 ? 49  LYS A CE  1 
ATOM   375 N NZ  . LYS A 1 49  ? 12.326  2.556   -8.495  1.00 40.10 ? 49  LYS A NZ  1 
ATOM   376 N N   . PHE A 1 50  ? 7.979   -2.872  -5.436  1.00 18.65 ? 50  PHE A N   1 
ATOM   377 C CA  . PHE A 1 50  ? 7.518   -4.182  -5.870  1.00 17.07 ? 50  PHE A CA  1 
ATOM   378 C C   . PHE A 1 50  ? 7.083   -4.093  -7.320  1.00 20.69 ? 50  PHE A C   1 
ATOM   379 O O   . PHE A 1 50  ? 6.503   -3.092  -7.743  1.00 19.80 ? 50  PHE A O   1 
ATOM   380 C CB  . PHE A 1 50  ? 6.368   -4.664  -4.989  1.00 15.00 ? 50  PHE A CB  1 
ATOM   381 C CG  . PHE A 1 50  ? 6.754   -4.869  -3.557  1.00 14.90 ? 50  PHE A CG  1 
ATOM   382 C CD1 . PHE A 1 50  ? 7.272   -6.082  -3.140  1.00 18.90 ? 50  PHE A CD1 1 
ATOM   383 C CD2 . PHE A 1 50  ? 6.562   -3.867  -2.624  1.00 17.34 ? 50  PHE A CD2 1 
ATOM   384 C CE1 . PHE A 1 50  ? 7.614   -6.287  -1.803  1.00 18.55 ? 50  PHE A CE1 1 
ATOM   385 C CE2 . PHE A 1 50  ? 6.903   -4.061  -1.296  1.00 18.75 ? 50  PHE A CE2 1 
ATOM   386 C CZ  . PHE A 1 50  ? 7.427   -5.276  -0.886  1.00 19.19 ? 50  PHE A CZ  1 
ATOM   387 N N   . GLU A 1 51  ? 7.392   -5.127  -8.091  1.00 18.98 ? 51  GLU A N   1 
ATOM   388 C CA  . GLU A 1 51  ? 7.149   -5.113  -9.521  1.00 19.61 ? 51  GLU A CA  1 
ATOM   389 C C   . GLU A 1 51  ? 6.174   -6.224  -9.873  1.00 18.60 ? 51  GLU A C   1 
ATOM   390 O O   . GLU A 1 51  ? 6.174   -7.285  -9.255  1.00 21.36 ? 51  GLU A O   1 
ATOM   391 C CB  . GLU A 1 51  ? 8.447   -5.293  -10.308 1.00 20.96 ? 51  GLU A CB  1 
ATOM   392 C CG  . GLU A 1 51  ? 9.415   -4.132  -10.149 1.00 29.22 ? 51  GLU A CG  1 
ATOM   393 C CD  . GLU A 1 51  ? 10.814  -4.478  -10.626 1.00 38.30 ? 51  GLU A CD  1 
ATOM   394 O OE1 . GLU A 1 51  ? 11.277  -5.607  -10.348 1.00 39.59 ? 51  GLU A OE1 1 
ATOM   395 O OE2 . GLU A 1 51  ? 11.445  -3.623  -11.281 1.00 47.85 ? 51  GLU A OE2 1 
ATOM   396 N N   . GLY A 1 52  ? 5.346   -5.966  -10.875 1.00 18.61 ? 52  GLY A N   1 
ATOM   397 C CA  . GLY A 1 52  ? 4.378   -6.947  -11.324 1.00 20.99 ? 52  GLY A CA  1 
ATOM   398 C C   . GLY A 1 52  ? 3.196   -6.255  -11.953 1.00 20.77 ? 52  GLY A C   1 
ATOM   399 O O   . GLY A 1 52  ? 3.380   -5.382  -12.805 1.00 19.87 ? 52  GLY A O   1 
ATOM   400 N N   . GLU A 1 53  ? 1.984   -6.621  -11.530 1.00 18.08 ? 53  GLU A N   1 
ATOM   401 C CA  . GLU A 1 53  ? 0.744   -6.018  -12.014 1.00 19.73 ? 53  GLU A CA  1 
ATOM   402 C C   . GLU A 1 53  ? -0.128  -5.726  -10.806 1.00 20.86 ? 53  GLU A C   1 
ATOM   403 O O   . GLU A 1 53  ? -0.414  -6.631  -10.016 1.00 19.43 ? 53  GLU A O   1 
ATOM   404 C CB  . GLU A 1 53  ? 0.009   -6.934  -13.003 1.00 26.63 ? 53  GLU A CB  1 
ATOM   405 C CG  . GLU A 1 53  ? 0.753   -7.208  -14.307 1.00 28.91 ? 53  GLU A CG  1 
ATOM   406 C CD  . GLU A 1 53  ? 1.411   -8.586  -14.337 1.00 36.77 ? 53  GLU A CD  1 
ATOM   407 O OE1 . GLU A 1 53  ? 2.585   -8.672  -14.753 1.00 45.04 ? 53  GLU A OE1 1 
ATOM   408 O OE2 . GLU A 1 53  ? 0.760   -9.578  -13.941 1.00 42.38 ? 53  GLU A OE2 1 
ATOM   409 N N   . PHE A 1 54  ? -0.535  -4.469  -10.646 1.00 17.51 ? 54  PHE A N   1 
ATOM   410 C CA  . PHE A 1 54  ? -1.288  -4.064  -9.469  1.00 18.55 ? 54  PHE A CA  1 
ATOM   411 C C   . PHE A 1 54  ? -2.526  -3.285  -9.884  1.00 21.43 ? 54  PHE A C   1 
ATOM   412 O O   . PHE A 1 54  ? -2.492  -2.516  -10.848 1.00 18.25 ? 54  PHE A O   1 
ATOM   413 C CB  . PHE A 1 54  ? -0.408  -3.219  -8.529  1.00 16.19 ? 54  PHE A CB  1 
ATOM   414 C CG  . PHE A 1 54  ? 0.865   -3.913  -8.151  1.00 17.13 ? 54  PHE A CG  1 
ATOM   415 C CD1 . PHE A 1 54  ? 0.866   -4.882  -7.158  1.00 18.01 ? 54  PHE A CD1 1 
ATOM   416 C CD2 . PHE A 1 54  ? 2.043   -3.644  -8.825  1.00 17.64 ? 54  PHE A CD2 1 
ATOM   417 C CE1 . PHE A 1 54  ? 2.033   -5.548  -6.817  1.00 18.85 ? 54  PHE A CE1 1 
ATOM   418 C CE2 . PHE A 1 54  ? 3.209   -4.314  -8.499  1.00 18.33 ? 54  PHE A CE2 1 
ATOM   419 C CZ  . PHE A 1 54  ? 3.203   -5.266  -7.486  1.00 20.83 ? 54  PHE A CZ  1 
ATOM   420 N N   . GLU A 1 55  ? -3.625  -3.510  -9.162  1.00 18.75 ? 55  GLU A N   1 
ATOM   421 C CA  . GLU A 1 55  ? -4.840  -2.719  -9.306  1.00 20.50 ? 55  GLU A CA  1 
ATOM   422 C C   . GLU A 1 55  ? -5.236  -2.220  -7.922  1.00 25.32 ? 55  GLU A C   1 
ATOM   423 O O   . GLU A 1 55  ? -5.221  -2.984  -6.951  1.00 23.14 ? 55  GLU A O   1 
ATOM   424 C CB  . GLU A 1 55  ? -5.968  -3.539  -9.964  1.00 22.19 ? 55  GLU A CB  1 
ATOM   425 C CG  . GLU A 1 55  ? -7.338  -2.853  -10.008 1.00 30.51 ? 55  GLU A CG  1 
ATOM   426 C CD  . GLU A 1 55  ? -8.437  -3.754  -10.584 1.00 45.39 ? 55  GLU A CD  1 
ATOM   427 O OE1 . GLU A 1 55  ? -8.330  -4.140  -11.770 1.00 50.15 ? 55  GLU A OE1 1 
ATOM   428 O OE2 . GLU A 1 55  ? -9.400  -4.088  -9.853  1.00 41.37 ? 55  GLU A OE2 1 
ATOM   429 N N   . GLY A 1 56  ? -5.550  -0.943  -7.816  1.00 18.97 ? 56  GLY A N   1 
ATOM   430 C CA  . GLY A 1 56  ? -5.912  -0.355  -6.538  1.00 20.48 ? 56  GLY A CA  1 
ATOM   431 C C   . GLY A 1 56  ? -7.247  0.346   -6.652  1.00 20.78 ? 56  GLY A C   1 
ATOM   432 O O   . GLY A 1 56  ? -7.566  0.919   -7.695  1.00 20.38 ? 56  GLY A O   1 
ATOM   433 N N   . VAL A 1 57  ? -8.030  0.282   -5.582  1.00 17.11 ? 57  VAL A N   1 
ATOM   434 C CA  . VAL A 1 57  ? -9.276  1.039   -5.505  1.00 15.98 ? 57  VAL A CA  1 
ATOM   435 C C   . VAL A 1 57  ? -9.220  1.952   -4.295  1.00 17.14 ? 57  VAL A C   1 
ATOM   436 O O   . VAL A 1 57  ? -8.983  1.496   -3.171  1.00 20.88 ? 57  VAL A O   1 
ATOM   437 C CB  . VAL A 1 57  ? -10.512 0.132   -5.424  1.00 20.40 ? 57  VAL A CB  1 
ATOM   438 C CG1 . VAL A 1 57  ? -11.778 0.971   -5.611  1.00 20.91 ? 57  VAL A CG1 1 
ATOM   439 C CG2 . VAL A 1 57  ? -10.434 -0.981  -6.463  1.00 24.15 ? 57  VAL A CG2 1 
ATOM   440 N N   . ASN A 1 58  ? -9.459  3.233   -4.527  1.00 18.62 ? 58  ASN A N   1 
ATOM   441 C CA  . ASN A 1 58  ? -9.684  4.189   -3.455  1.00 19.43 ? 58  ASN A CA  1 
ATOM   442 C C   . ASN A 1 58  ? -11.074 3.931   -2.905  1.00 21.25 ? 58  ASN A C   1 
ATOM   443 O O   . ASN A 1 58  ? -12.069 4.134   -3.609  1.00 20.77 ? 58  ASN A O   1 
ATOM   444 C CB  . ASN A 1 58  ? -9.549  5.605   -4.003  1.00 19.54 ? 58  ASN A CB  1 
ATOM   445 C CG  . ASN A 1 58  ? -9.667  6.671   -2.940  1.00 17.75 ? 58  ASN A CG  1 
ATOM   446 O OD1 . ASN A 1 58  ? -10.551 6.645   -2.089  1.00 20.45 ? 58  ASN A OD1 1 
ATOM   447 N ND2 . ASN A 1 58  ? -8.771  7.633   -2.998  1.00 20.64 ? 58  ASN A ND2 1 
ATOM   448 N N   . ILE A 1 59  ? -11.151 3.435   -1.671  1.00 18.29 ? 59  ILE A N   1 
ATOM   449 C CA  . ILE A 1 59  ? -12.434 2.988   -1.146  1.00 19.77 ? 59  ILE A CA  1 
ATOM   450 C C   . ILE A 1 59  ? -13.403 4.160   -0.999  1.00 23.52 ? 59  ILE A C   1 
ATOM   451 O O   . ILE A 1 59  ? -14.603 4.025   -1.271  1.00 27.65 ? 59  ILE A O   1 
ATOM   452 C CB  . ILE A 1 59  ? -12.221 2.225   0.172   1.00 21.85 ? 59  ILE A CB  1 
ATOM   453 C CG1 . ILE A 1 59  ? -11.569 0.876   -0.140  1.00 18.72 ? 59  ILE A CG1 1 
ATOM   454 C CG2 . ILE A 1 59  ? -13.534 2.041   0.913   1.00 29.03 ? 59  ILE A CG2 1 
ATOM   455 C CD1 . ILE A 1 59  ? -11.189 0.068   1.087   1.00 23.12 ? 59  ILE A CD1 1 
ATOM   456 N N   . ALA A 1 60  ? -12.903 5.337   -0.605  1.00 20.25 ? 60  ALA A N   1 
ATOM   457 C CA  . ALA A 1 60  ? -13.819 6.460   -0.395  1.00 22.10 ? 60  ALA A CA  1 
ATOM   458 C C   . ALA A 1 60  ? -14.363 7.008   -1.712  1.00 24.54 ? 60  ALA A C   1 
ATOM   459 O O   . ALA A 1 60  ? -15.530 7.414   -1.782  1.00 27.63 ? 60  ALA A O   1 
ATOM   460 C CB  . ALA A 1 60  ? -13.128 7.569   0.401   1.00 24.59 ? 60  ALA A CB  1 
ATOM   461 N N   . THR A 1 61  ? -13.539 7.049   -2.762  1.00 23.50 ? 61  THR A N   1 
ATOM   462 C CA  . THR A 1 61  ? -13.958 7.642   -4.033  1.00 23.12 ? 61  THR A CA  1 
ATOM   463 C C   . THR A 1 61  ? -14.412 6.630   -5.075  1.00 27.80 ? 61  THR A C   1 
ATOM   464 O O   . THR A 1 61  ? -15.092 7.017   -6.031  1.00 23.85 ? 61  THR A O   1 
ATOM   465 C CB  . THR A 1 61  ? -12.827 8.476   -4.650  1.00 24.12 ? 61  THR A CB  1 
ATOM   466 O OG1 . THR A 1 61  ? -11.784 7.612   -5.122  1.00 24.18 ? 61  THR A OG1 1 
ATOM   467 C CG2 . THR A 1 61  ? -12.255 9.455   -3.636  1.00 25.83 ? 61  THR A CG2 1 
ATOM   468 N N   . GLY A 1 62  ? -14.053 5.357   -4.933  1.00 25.18 ? 62  GLY A N   1 
ATOM   469 C CA  . GLY A 1 62  ? -14.366 4.384   -5.953  1.00 23.10 ? 62  GLY A CA  1 
ATOM   470 C C   . GLY A 1 62  ? -13.436 4.376   -7.144  1.00 22.91 ? 62  GLY A C   1 
ATOM   471 O O   . GLY A 1 62  ? -13.586 3.511   -8.010  1.00 23.70 ? 62  GLY A O   1 
ATOM   472 N N   . GLU A 1 63  ? -12.478 5.298   -7.213  1.00 19.88 ? 63  GLU A N   1 
ATOM   473 C CA  . GLU A 1 63  ? -11.580 5.381   -8.363  1.00 17.53 ? 63  GLU A CA  1 
ATOM   474 C C   . GLU A 1 63  ? -10.669 4.166   -8.436  1.00 19.67 ? 63  GLU A C   1 
ATOM   475 O O   . GLU A 1 63  ? -10.153 3.699   -7.424  1.00 18.69 ? 63  GLU A O   1 
ATOM   476 C CB  . GLU A 1 63  ? -10.714 6.632   -8.275  1.00 17.59 ? 63  GLU A CB  1 
ATOM   477 C CG  . GLU A 1 63  ? -11.425 7.949   -8.501  1.00 24.86 ? 63  GLU A CG  1 
ATOM   478 C CD  . GLU A 1 63  ? -10.497 9.115   -8.226  1.00 30.83 ? 63  GLU A CD  1 
ATOM   479 O OE1 . GLU A 1 63  ? -10.307 9.451   -7.032  1.00 31.14 ? 63  GLU A OE1 1 
ATOM   480 O OE2 . GLU A 1 63  ? -9.921  9.661   -9.196  1.00 32.06 ? 63  GLU A OE2 1 
ATOM   481 N N   . VAL A 1 64  ? -10.420 3.692   -9.650  1.00 19.70 ? 64  VAL A N   1 
ATOM   482 C CA  . VAL A 1 64  ? -9.618  2.493   -9.872  1.00 18.68 ? 64  VAL A CA  1 
ATOM   483 C C   . VAL A 1 64  ? -8.318  2.904   -10.536 1.00 20.15 ? 64  VAL A C   1 
ATOM   484 O O   . VAL A 1 64  ? -8.307  3.777   -11.407 1.00 18.66 ? 64  VAL A O   1 
ATOM   485 C CB  . VAL A 1 64  ? -10.359 1.454   -10.731 1.00 19.67 ? 64  VAL A CB  1 
ATOM   486 C CG1 . VAL A 1 64  ? -9.536  0.175   -10.822 1.00 22.06 ? 64  VAL A CG1 1 
ATOM   487 C CG2 . VAL A 1 64  ? -11.730 1.157   -10.139 1.00 24.36 ? 64  VAL A CG2 1 
ATOM   488 N N   . PHE A 1 65  ? -7.222  2.265   -10.129 1.00 20.47 ? 65  PHE A N   1 
ATOM   489 C CA  . PHE A 1 65  ? -5.890  2.585   -10.619 1.00 19.42 ? 65  PHE A CA  1 
ATOM   490 C C   . PHE A 1 65  ? -5.166  1.300   -10.981 1.00 18.88 ? 65  PHE A C   1 
ATOM   491 O O   . PHE A 1 65  ? -5.403  0.250   -10.383 1.00 21.21 ? 65  PHE A O   1 
ATOM   492 C CB  . PHE A 1 65  ? -5.073  3.355   -9.573  1.00 19.26 ? 65  PHE A CB  1 
ATOM   493 C CG  . PHE A 1 65  ? -5.681  4.668   -9.174  1.00 19.71 ? 65  PHE A CG  1 
ATOM   494 C CD1 . PHE A 1 65  ? -6.685  4.717   -8.208  1.00 17.38 ? 65  PHE A CD1 1 
ATOM   495 C CD2 . PHE A 1 65  ? -5.252  5.851   -9.761  1.00 21.81 ? 65  PHE A CD2 1 
ATOM   496 C CE1 . PHE A 1 65  ? -7.251  5.916   -7.839  1.00 18.93 ? 65  PHE A CE1 1 
ATOM   497 C CE2 . PHE A 1 65  ? -5.811  7.060   -9.394  1.00 20.49 ? 65  PHE A CE2 1 
ATOM   498 C CZ  . PHE A 1 65  ? -6.822  7.092   -8.443  1.00 19.22 ? 65  PHE A CZ  1 
ATOM   499 N N   . ARG A 1 66  ? -4.279  1.390   -11.966 1.00 18.17 ? 66  ARG A N   1 
ATOM   500 C CA  . ARG A 1 66  ? -3.453  0.258   -12.352 1.00 19.80 ? 66  ARG A CA  1 
ATOM   501 C C   . ARG A 1 66  ? -2.005  0.699   -12.431 1.00 17.96 ? 66  ARG A C   1 
ATOM   502 O O   . ARG A 1 66  ? -1.702  1.846   -12.778 1.00 16.64 ? 66  ARG A O   1 
ATOM   503 C CB  . ARG A 1 66  ? -3.879  -0.327  -13.705 1.00 23.10 ? 66  ARG A CB  1 
ATOM   504 C CG  . ARG A 1 66  ? -3.129  -1.590  -14.061 1.00 35.84 ? 66  ARG A CG  1 
ATOM   505 C CD  . ARG A 1 66  ? -2.973  -1.820  -15.571 1.00 40.68 ? 66  ARG A CD  1 
ATOM   506 N NE  . ARG A 1 66  ? -1.678  -1.364  -16.075 1.00 37.57 ? 66  ARG A NE  1 
ATOM   507 C CZ  . ARG A 1 66  ? -0.565  -2.094  -16.083 1.00 43.99 ? 66  ARG A CZ  1 
ATOM   508 N NH1 . ARG A 1 66  ? -0.536  -3.331  -15.602 1.00 42.14 ? 66  ARG A NH1 1 
ATOM   509 N NH2 . ARG A 1 66  ? 0.556   -1.564  -16.572 1.00 46.63 ? 66  ARG A NH2 1 
ATOM   510 N N   . SER A 1 67  ? -1.105  -0.227  -12.118 1.00 15.79 ? 67  SER A N   1 
ATOM   511 C CA  . SER A 1 67  ? 0.309   0.089   -12.205 1.00 15.74 ? 67  SER A CA  1 
ATOM   512 C C   . SER A 1 67  ? 1.120   -1.189  -12.352 1.00 16.47 ? 67  SER A C   1 
ATOM   513 O O   . SER A 1 67  ? 0.635   -2.288  -12.073 1.00 16.74 ? 67  SER A O   1 
ATOM   514 C CB  . SER A 1 67  ? 0.763   0.869   -10.972 1.00 15.77 ? 67  SER A CB  1 
ATOM   515 O OG  . SER A 1 67  ? 2.086   1.304   -11.161 1.00 17.41 ? 67  SER A OG  1 
ATOM   516 N N   . GLY A 1 68  ? 2.368   -1.021  -12.793 1.00 17.30 ? 68  GLY A N   1 
ATOM   517 C CA  . GLY A 1 68  ? 3.351   -2.083  -12.796 1.00 16.99 ? 68  GLY A CA  1 
ATOM   518 C C   . GLY A 1 68  ? 4.265   -2.081  -11.596 1.00 19.39 ? 68  GLY A C   1 
ATOM   519 O O   . GLY A 1 68  ? 5.147   -2.943  -11.495 1.00 18.64 ? 68  GLY A O   1 
ATOM   520 N N   . ALA A 1 69  ? 4.075   -1.142  -10.674 1.00 19.43 ? 69  ALA A N   1 
ATOM   521 C CA  . ALA A 1 69  ? 4.926   -0.993  -9.504  1.00 20.17 ? 69  ALA A CA  1 
ATOM   522 C C   . ALA A 1 69  ? 4.049   -0.666  -8.304  1.00 19.91 ? 69  ALA A C   1 
ATOM   523 O O   . ALA A 1 69  ? 2.974   -0.077  -8.453  1.00 20.37 ? 69  ALA A O   1 
ATOM   524 C CB  . ALA A 1 69  ? 5.982   0.111   -9.712  1.00 20.67 ? 69  ALA A CB  1 
ATOM   525 N N   . LEU A 1 70  ? 4.513   -1.069  -7.117  1.00 15.75 ? 70  LEU A N   1 
ATOM   526 C CA  . LEU A 1 70  ? 3.797   -0.874  -5.863  1.00 15.54 ? 70  LEU A CA  1 
ATOM   527 C C   . LEU A 1 70  ? 4.793   -0.437  -4.807  1.00 15.70 ? 70  LEU A C   1 
ATOM   528 O O   . LEU A 1 70  ? 5.854   -1.047  -4.680  1.00 18.12 ? 70  LEU A O   1 
ATOM   529 C CB  . LEU A 1 70  ? 3.117   -2.171  -5.406  1.00 13.70 ? 70  LEU A CB  1 
ATOM   530 C CG  . LEU A 1 70  ? 2.485   -2.126  -4.025  1.00 15.38 ? 70  LEU A CG  1 
ATOM   531 C CD1 . LEU A 1 70  ? 1.260   -1.259  -4.058  1.00 17.23 ? 70  LEU A CD1 1 
ATOM   532 C CD2 . LEU A 1 70  ? 2.133   -3.550  -3.561  1.00 17.61 ? 70  LEU A CD2 1 
ATOM   533 N N   . ILE A 1 71  ? 4.472   0.622   -4.069  1.00 16.13 ? 71  ILE A N   1 
ATOM   534 C CA  . ILE A 1 71  ? 5.252   0.999   -2.896  1.00 14.97 ? 71  ILE A CA  1 
ATOM   535 C C   . ILE A 1 71  ? 4.290   1.098   -1.728  1.00 16.66 ? 71  ILE A C   1 
ATOM   536 O O   . ILE A 1 71  ? 3.262   1.786   -1.822  1.00 18.52 ? 71  ILE A O   1 
ATOM   537 C CB  . ILE A 1 71  ? 6.011   2.328   -3.081  1.00 17.22 ? 71  ILE A CB  1 
ATOM   538 C CG1 . ILE A 1 71  ? 6.935   2.279   -4.295  1.00 19.77 ? 71  ILE A CG1 1 
ATOM   539 C CG2 . ILE A 1 71  ? 6.830   2.632   -1.829  1.00 21.87 ? 71  ILE A CG2 1 
ATOM   540 C CD1 . ILE A 1 71  ? 7.643   3.596   -4.555  1.00 27.16 ? 71  ILE A CD1 1 
ATOM   541 N N   . LEU A 1 72  ? 4.614   0.402   -0.637  1.00 18.36 ? 72  LEU A N   1 
ATOM   542 C CA  . LEU A 1 72  ? 3.773   0.338   0.545   1.00 17.99 ? 72  LEU A CA  1 
ATOM   543 C C   . LEU A 1 72  ? 4.378   1.113   1.708   1.00 21.89 ? 72  LEU A C   1 
ATOM   544 O O   . LEU A 1 72  ? 5.593   1.335   1.762   1.00 22.68 ? 72  LEU A O   1 
ATOM   545 C CB  . LEU A 1 72  ? 3.559   -1.124  0.964   1.00 18.01 ? 72  LEU A CB  1 
ATOM   546 C CG  . LEU A 1 72  ? 2.678   -1.963  0.028   1.00 18.61 ? 72  LEU A CG  1 
ATOM   547 C CD1 . LEU A 1 72  ? 2.775   -3.439  0.352   1.00 21.82 ? 72  LEU A CD1 1 
ATOM   548 C CD2 . LEU A 1 72  ? 1.226   -1.476  0.087   1.00 17.66 ? 72  LEU A CD2 1 
ATOM   549 N N   . PRO A 1 73  ? 3.553   1.538   2.667   1.00 20.94 ? 73  PRO A N   1 
ATOM   550 C CA  . PRO A 1 73  ? 4.100   2.082   3.915   1.00 24.23 ? 73  PRO A CA  1 
ATOM   551 C C   . PRO A 1 73  ? 5.002   1.061   4.592   1.00 24.37 ? 73  PRO A C   1 
ATOM   552 O O   . PRO A 1 73  ? 4.854   -0.150  4.404   1.00 23.40 ? 73  PRO A O   1 
ATOM   553 C CB  . PRO A 1 73  ? 2.852   2.375   4.759   1.00 26.62 ? 73  PRO A CB  1 
ATOM   554 C CG  . PRO A 1 73  ? 1.701   2.380   3.797   1.00 20.72 ? 73  PRO A CG  1 
ATOM   555 C CD  . PRO A 1 73  ? 2.079   1.461   2.681   1.00 22.79 ? 73  PRO A CD  1 
ATOM   556 N N   . LYS A 1 74  ? 5.931   1.567   5.406   1.00 25.27 ? 74  LYS A N   1 
ATOM   557 C CA  . LYS A 1 74  ? 7.023   0.740   5.913   1.00 25.17 ? 74  LYS A CA  1 
ATOM   558 C C   . LYS A 1 74  ? 6.526   -0.533  6.586   1.00 24.12 ? 74  LYS A C   1 
ATOM   559 O O   . LYS A 1 74  ? 7.074   -1.621  6.349   1.00 22.86 ? 74  LYS A O   1 
ATOM   560 C CB  . LYS A 1 74  ? 7.883   1.546   6.888   1.00 27.67 ? 74  LYS A CB  1 
ATOM   561 C CG  . LYS A 1 74  ? 8.332   2.891   6.373   1.00 35.54 ? 74  LYS A CG  1 
ATOM   562 C CD  . LYS A 1 74  ? 9.307   2.770   5.209   1.00 38.37 ? 74  LYS A CD  1 
ATOM   563 C CE  . LYS A 1 74  ? 10.437  1.801   5.530   1.00 35.18 ? 74  LYS A CE  1 
ATOM   564 N NZ  . LYS A 1 74  ? 11.316  1.580   4.345   1.00 34.85 ? 74  LYS A NZ  1 
ATOM   565 N N   . VAL A 1 75  ? 5.498   -0.429  7.436   1.00 23.77 ? 75  VAL A N   1 
ATOM   566 C CA  . VAL A 1 75  ? 5.067   -1.609  8.183   1.00 26.70 ? 75  VAL A CA  1 
ATOM   567 C C   . VAL A 1 75  ? 4.522   -2.676  7.238   1.00 26.60 ? 75  VAL A C   1 
ATOM   568 O O   . VAL A 1 75  ? 4.740   -3.875  7.447   1.00 26.94 ? 75  VAL A O   1 
ATOM   569 C CB  . VAL A 1 75  ? 4.046   -1.232  9.277   1.00 24.78 ? 75  VAL A CB  1 
ATOM   570 C CG1 . VAL A 1 75  ? 2.724   -0.738  8.685   1.00 27.60 ? 75  VAL A CG1 1 
ATOM   571 C CG2 . VAL A 1 75  ? 3.806   -2.421  10.188  1.00 28.48 ? 75  VAL A CG2 1 
ATOM   572 N N   . LEU A 1 76  ? 3.824   -2.268  6.177   1.00 22.13 ? 76  LEU A N   1 
ATOM   573 C CA  . LEU A 1 76  ? 3.255   -3.250  5.258   1.00 22.94 ? 76  LEU A CA  1 
ATOM   574 C C   . LEU A 1 76  ? 4.282   -3.726  4.246   1.00 23.59 ? 76  LEU A C   1 
ATOM   575 O O   . LEU A 1 76  ? 4.213   -4.864  3.769   1.00 20.26 ? 76  LEU A O   1 
ATOM   576 C CB  . LEU A 1 76  ? 2.052   -2.644  4.534   1.00 21.55 ? 76  LEU A CB  1 
ATOM   577 C CG  . LEU A 1 76  ? 1.027   -2.020  5.479   1.00 20.50 ? 76  LEU A CG  1 
ATOM   578 C CD1 . LEU A 1 76  ? -0.175  -1.510  4.686   1.00 24.13 ? 76  LEU A CD1 1 
ATOM   579 C CD2 . LEU A 1 76  ? 0.597   -3.036  6.514   1.00 25.72 ? 76  LEU A CD2 1 
ATOM   580 N N   . GLU A 1 77  ? 5.219   -2.852  3.892   1.00 21.84 ? 77  GLU A N   1 
ATOM   581 C CA  . GLU A 1 77  ? 6.314   -3.231  3.006   1.00 18.20 ? 77  GLU A CA  1 
ATOM   582 C C   . GLU A 1 77  ? 7.106   -4.398  3.582   1.00 20.28 ? 77  GLU A C   1 
ATOM   583 O O   . GLU A 1 77  ? 7.468   -5.331  2.858   1.00 23.35 ? 77  GLU A O   1 
ATOM   584 C CB  . GLU A 1 77  ? 7.198   -2.004  2.776   1.00 20.58 ? 77  GLU A CB  1 
ATOM   585 C CG  . GLU A 1 77  ? 8.576   -2.263  2.225   1.00 25.01 ? 77  GLU A CG  1 
ATOM   586 C CD  . GLU A 1 77  ? 9.414   -1.000  2.241   1.00 26.57 ? 77  GLU A CD  1 
ATOM   587 O OE1 . GLU A 1 77  ? 9.193   -0.106  1.382   1.00 23.96 ? 77  GLU A OE1 1 
ATOM   588 O OE2 . GLU A 1 77  ? 10.274  -0.886  3.144   1.00 30.74 ? 77  GLU A OE2 1 
ATOM   589 N N   . SER A 1 78  ? 7.374   -4.368  4.886   1.00 20.82 ? 78  SER A N   1 
ATOM   590 C CA  . SER A 1 78  ? 8.121   -5.449  5.519   1.00 23.11 ? 78  SER A CA  1 
ATOM   591 C C   . SER A 1 78  ? 7.322   -6.741  5.517   1.00 23.88 ? 78  SER A C   1 
ATOM   592 O O   . SER A 1 78  ? 7.885   -7.830  5.358   1.00 26.50 ? 78  SER A O   1 
ATOM   593 C CB  . SER A 1 78  ? 8.495   -5.061  6.947   1.00 27.38 ? 78  SER A CB  1 
ATOM   594 O OG  . SER A 1 78  ? 9.353   -3.934  6.947   1.00 40.28 ? 78  SER A OG  1 
ATOM   595 N N   . LEU A 1 79  ? 6.005   -6.641  5.702   1.00 22.70 ? 79  LEU A N   1 
ATOM   596 C CA  . LEU A 1 79  ? 5.164   -7.828  5.662   1.00 22.36 ? 79  LEU A CA  1 
ATOM   597 C C   . LEU A 1 79  ? 5.178   -8.451  4.276   1.00 19.80 ? 79  LEU A C   1 
ATOM   598 O O   . LEU A 1 79  ? 5.365   -9.662  4.137   1.00 22.83 ? 79  LEU A O   1 
ATOM   599 C CB  . LEU A 1 79  ? 3.744   -7.463  6.073   1.00 26.56 ? 79  LEU A CB  1 
ATOM   600 C CG  . LEU A 1 79  ? 2.879   -8.540  6.687   1.00 30.43 ? 79  LEU A CG  1 
ATOM   601 C CD1 . LEU A 1 79  ? 3.446   -8.948  8.034   1.00 29.98 ? 79  LEU A CD1 1 
ATOM   602 C CD2 . LEU A 1 79  ? 1.500   -7.957  6.842   1.00 32.57 ? 79  LEU A CD2 1 
ATOM   603 N N   . LEU A 1 80  ? 5.007   -7.634  3.231   1.00 20.64 ? 80  LEU A N   1 
ATOM   604 C CA  . LEU A 1 80  ? 5.010   -8.194  1.882   1.00 19.65 ? 80  LEU A CA  1 
ATOM   605 C C   . LEU A 1 80  ? 6.387   -8.715  1.492   1.00 22.36 ? 80  LEU A C   1 
ATOM   606 O O   . LEU A 1 80  ? 6.482   -9.717  0.770   1.00 24.48 ? 80  LEU A O   1 
ATOM   607 C CB  . LEU A 1 80  ? 4.527   -7.165  0.853   1.00 19.52 ? 80  LEU A CB  1 
ATOM   608 C CG  . LEU A 1 80  ? 4.422   -7.686  -0.590  1.00 20.27 ? 80  LEU A CG  1 
ATOM   609 C CD1 . LEU A 1 80  ? 3.521   -8.921  -0.715  1.00 17.76 ? 80  LEU A CD1 1 
ATOM   610 C CD2 . LEU A 1 80  ? 3.926   -6.595  -1.517  1.00 18.63 ? 80  LEU A CD2 1 
ATOM   611 N N   . ALA A 1 81  ? 7.459   -8.072  1.968   1.00 21.55 ? 81  ALA A N   1 
ATOM   612 C CA  . ALA A 1 81  ? 8.800   -8.532  1.612   1.00 23.08 ? 81  ALA A CA  1 
ATOM   613 C C   . ALA A 1 81  ? 9.073   -9.926  2.160   1.00 26.80 ? 81  ALA A C   1 
ATOM   614 O O   . ALA A 1 81  ? 9.712   -10.746 1.495   1.00 26.22 ? 81  ALA A O   1 
ATOM   615 C CB  . ALA A 1 81  ? 9.857   -7.551  2.113   1.00 21.48 ? 81  ALA A CB  1 
ATOM   616 N N   . GLY A 1 82  ? 8.616   -10.211 3.374   1.00 24.67 ? 82  GLY A N   1 
ATOM   617 C CA  . GLY A 1 82  ? 8.711   -11.572 3.868   1.00 28.48 ? 82  GLY A CA  1 
ATOM   618 C C   . GLY A 1 82  ? 7.929   -12.538 3.003   1.00 31.69 ? 82  GLY A C   1 
ATOM   619 O O   . GLY A 1 82  ? 8.424   -13.604 2.630   1.00 33.83 ? 82  GLY A O   1 
ATOM   620 N N   . ALA A 1 83  ? 6.703   -12.157 2.646   1.00 30.01 ? 83  ALA A N   1 
ATOM   621 C CA  . ALA A 1 83  ? 5.817   -13.063 1.932   1.00 31.47 ? 83  ALA A CA  1 
ATOM   622 C C   . ALA A 1 83  ? 6.333   -13.408 0.545   1.00 30.44 ? 83  ALA A C   1 
ATOM   623 O O   . ALA A 1 83  ? 5.955   -14.448 -0.001  1.00 36.37 ? 83  ALA A O   1 
ATOM   624 C CB  . ALA A 1 83  ? 4.413   -12.458 1.840   1.00 27.17 ? 83  ALA A CB  1 
ATOM   625 N N   . VAL A 1 84  ? 7.188   -12.571 -0.032  1.00 29.59 ? 84  VAL A N   1 
ATOM   626 C CA  . VAL A 1 84  ? 7.722   -12.806 -1.365  1.00 28.84 ? 84  VAL A CA  1 
ATOM   627 C C   . VAL A 1 84  ? 9.167   -13.282 -1.312  1.00 35.85 ? 84  VAL A C   1 
ATOM   628 O O   . VAL A 1 84  ? 9.838   -13.344 -2.351  1.00 36.21 ? 84  VAL A O   1 
ATOM   629 C CB  . VAL A 1 84  ? 7.584   -11.560 -2.251  1.00 32.25 ? 84  VAL A CB  1 
ATOM   630 C CG1 . VAL A 1 84  ? 6.135   -11.051 -2.213  1.00 30.74 ? 84  VAL A CG1 1 
ATOM   631 C CG2 . VAL A 1 84  ? 8.551   -10.471 -1.819  1.00 29.41 ? 84  VAL A CG2 1 
ATOM   632 N N   . ASP A 1 85  ? 9.663   -13.633 -0.126  1.00 32.36 ? 85  ASP A N   1 
ATOM   633 C CA  . ASP A 1 85  ? 11.045  -14.065 -0.005  1.00 35.77 ? 85  ASP A CA  1 
ATOM   634 C C   . ASP A 1 85  ? 11.274  -15.468 -0.539  1.00 35.67 ? 85  ASP A C   1 
ATOM   635 O O   . ASP A 1 85  ? 12.405  -15.786 -0.924  1.00 34.54 ? 85  ASP A O   1 
ATOM   636 C CB  . ASP A 1 85  ? 11.491  -14.001 1.454   1.00 36.40 ? 85  ASP A CB  1 
ATOM   637 C CG  . ASP A 1 85  ? 12.925  -13.566 1.592   1.00 44.37 ? 85  ASP A CG  1 
ATOM   638 O OD1 . ASP A 1 85  ? 13.248  -12.463 1.087   1.00 45.59 ? 85  ASP A OD1 1 
ATOM   639 O OD2 . ASP A 1 85  ? 13.725  -14.319 2.197   1.00 43.89 ? 85  ASP A OD2 1 
ATOM   640 N N   . GLY A 1 86  ? 10.240  -16.308 -0.585  1.00 30.15 ? 86  GLY A N   1 
ATOM   641 C CA  . GLY A 1 86  ? 10.446  -17.686 -0.984  1.00 31.05 ? 86  GLY A CA  1 
ATOM   642 C C   . GLY A 1 86  ? 9.615   -18.179 -2.158  1.00 30.24 ? 86  GLY A C   1 
ATOM   643 O O   . GLY A 1 86  ? 9.702   -19.359 -2.514  1.00 29.66 ? 86  GLY A O   1 
ATOM   644 N N   . GLU A 1 87  ? 8.815   -17.306 -2.771  1.00 23.99 ? 87  GLU A N   1 
ATOM   645 C CA  . GLU A 1 87  ? 7.997   -17.673 -3.923  1.00 23.32 ? 87  GLU A CA  1 
ATOM   646 C C   . GLU A 1 87  ? 8.296   -16.731 -5.077  1.00 24.88 ? 87  GLU A C   1 
ATOM   647 O O   . GLU A 1 87  ? 8.346   -15.512 -4.882  1.00 23.05 ? 87  GLU A O   1 
ATOM   648 C CB  . GLU A 1 87  ? 6.493   -17.635 -3.603  1.00 25.54 ? 87  GLU A CB  1 
ATOM   649 C CG  . GLU A 1 87  ? 6.044   -18.558 -2.468  1.00 26.72 ? 87  GLU A CG  1 
ATOM   650 C CD  . GLU A 1 87  ? 5.802   -19.998 -2.909  1.00 35.07 ? 87  GLU A CD  1 
ATOM   651 O OE1 . GLU A 1 87  ? 6.089   -20.334 -4.080  1.00 29.50 ? 87  GLU A OE1 1 
ATOM   652 O OE2 . GLU A 1 87  ? 5.318   -20.799 -2.072  1.00 32.89 ? 87  GLU A OE2 1 
ATOM   653 N N   . ASN A 1 88  ? 8.462   -17.301 -6.280  1.00 23.11 ? 88  ASN A N   1 
ATOM   654 C CA  . ASN A 1 88  ? 8.848   -16.518 -7.454  1.00 21.11 ? 88  ASN A CA  1 
ATOM   655 C C   . ASN A 1 88  ? 7.725   -15.586 -7.905  1.00 22.44 ? 88  ASN A C   1 
ATOM   656 O O   . ASN A 1 88  ? 7.997   -14.508 -8.457  1.00 23.42 ? 88  ASN A O   1 
ATOM   657 C CB  . ASN A 1 88  ? 9.259   -17.462 -8.590  1.00 21.55 ? 88  ASN A CB  1 
ATOM   658 C CG  . ASN A 1 88  ? 10.335  -16.881 -9.488  1.00 27.85 ? 88  ASN A CG  1 
ATOM   659 O OD1 . ASN A 1 88  ? 11.057  -15.956 -9.106  1.00 26.75 ? 88  ASN A OD1 1 
ATOM   660 N ND2 . ASN A 1 88  ? 10.464  -17.437 -10.686 1.00 25.99 ? 88  ASN A ND2 1 
ATOM   661 N N   . THR A 1 89  ? 6.471   -15.972 -7.672  1.00 22.16 ? 89  THR A N   1 
ATOM   662 C CA  . THR A 1 89  ? 5.303   -15.158 -7.986  1.00 22.52 ? 89  THR A CA  1 
ATOM   663 C C   . THR A 1 89  ? 4.353   -15.243 -6.807  1.00 21.81 ? 89  THR A C   1 
ATOM   664 O O   . THR A 1 89  ? 4.174   -16.322 -6.237  1.00 21.75 ? 89  THR A O   1 
ATOM   665 C CB  . THR A 1 89  ? 4.579   -15.645 -9.260  1.00 30.01 ? 89  THR A CB  1 
ATOM   666 O OG1 . THR A 1 89  ? 5.536   -15.882 -10.301 1.00 36.15 ? 89  THR A OG1 1 
ATOM   667 C CG2 . THR A 1 89  ? 3.579   -14.614 -9.745  1.00 23.19 ? 89  THR A CG2 1 
ATOM   668 N N   . VAL A 1 90  ? 3.756   -14.113 -6.430  1.00 20.21 ? 90  VAL A N   1 
ATOM   669 C CA  . VAL A 1 90  ? 2.750   -14.082 -5.372  1.00 20.69 ? 90  VAL A CA  1 
ATOM   670 C C   . VAL A 1 90  ? 1.561   -13.256 -5.851  1.00 24.47 ? 90  VAL A C   1 
ATOM   671 O O   . VAL A 1 90  ? 1.743   -12.131 -6.327  1.00 23.66 ? 90  VAL A O   1 
ATOM   672 C CB  . VAL A 1 90  ? 3.316   -13.505 -4.062  1.00 23.43 ? 90  VAL A CB  1 
ATOM   673 C CG1 . VAL A 1 90  ? 2.195   -13.317 -3.045  1.00 25.43 ? 90  VAL A CG1 1 
ATOM   674 C CG2 . VAL A 1 90  ? 4.391   -14.419 -3.512  1.00 25.72 ? 90  VAL A CG2 1 
ATOM   675 N N   . ASP A 1 91  ? 0.353   -13.818 -5.749  1.00 19.91 ? 91  ASP A N   1 
ATOM   676 C CA  . ASP A 1 91  ? -0.887  -13.079 -5.974  1.00 18.58 ? 91  ASP A CA  1 
ATOM   677 C C   . ASP A 1 91  ? -1.537  -12.768 -4.632  1.00 22.60 ? 91  ASP A C   1 
ATOM   678 O O   . ASP A 1 91  ? -1.583  -13.625 -3.748  1.00 22.66 ? 91  ASP A O   1 
ATOM   679 C CB  . ASP A 1 91  ? -1.883  -13.872 -6.824  1.00 21.33 ? 91  ASP A CB  1 
ATOM   680 C CG  . ASP A 1 91  ? -1.372  -14.167 -8.213  1.00 26.22 ? 91  ASP A CG  1 
ATOM   681 O OD1 . ASP A 1 91  ? -0.367  -13.554 -8.625  1.00 27.72 ? 91  ASP A OD1 1 
ATOM   682 O OD2 . ASP A 1 91  ? -1.972  -15.028 -8.898  1.00 34.39 ? 91  ASP A OD2 1 
ATOM   683 N N   . PHE A 1 92  ? -2.066  -11.556 -4.482  1.00 18.26 ? 92  PHE A N   1 
ATOM   684 C CA  . PHE A 1 92  ? -2.684  -11.197 -3.215  1.00 19.78 ? 92  PHE A CA  1 
ATOM   685 C C   . PHE A 1 92  ? -3.844  -10.245 -3.463  1.00 18.63 ? 92  PHE A C   1 
ATOM   686 O O   . PHE A 1 92  ? -3.990  -9.678  -4.547  1.00 17.74 ? 92  PHE A O   1 
ATOM   687 C CB  . PHE A 1 92  ? -1.657  -10.585 -2.249  1.00 19.69 ? 92  PHE A CB  1 
ATOM   688 C CG  . PHE A 1 92  ? -1.132  -9.236  -2.682  1.00 20.58 ? 92  PHE A CG  1 
ATOM   689 C CD1 . PHE A 1 92  ? -1.903  -8.090  -2.533  1.00 20.14 ? 92  PHE A CD1 1 
ATOM   690 C CD2 . PHE A 1 92  ? 0.146   -9.111  -3.209  1.00 21.03 ? 92  PHE A CD2 1 
ATOM   691 C CE1 . PHE A 1 92  ? -1.423  -6.853  -2.919  1.00 18.51 ? 92  PHE A CE1 1 
ATOM   692 C CE2 . PHE A 1 92  ? 0.633   -7.863  -3.590  1.00 22.46 ? 92  PHE A CE2 1 
ATOM   693 C CZ  . PHE A 1 92  ? -0.163  -6.741  -3.454  1.00 18.94 ? 92  PHE A CZ  1 
ATOM   694 N N   . ALA A 1 93  ? -4.668  -10.073 -2.432  1.00 17.48 ? 93  ALA A N   1 
ATOM   695 C CA  . ALA A 1 93  ? -5.780  -9.127  -2.486  1.00 20.08 ? 93  ALA A CA  1 
ATOM   696 C C   . ALA A 1 93  ? -6.042  -8.664  -1.065  1.00 18.34 ? 93  ALA A C   1 
ATOM   697 O O   . ALA A 1 93  ? -6.504  -9.453  -0.238  1.00 19.51 ? 93  ALA A O   1 
ATOM   698 C CB  . ALA A 1 93  ? -7.023  -9.765  -3.090  1.00 25.80 ? 93  ALA A CB  1 
ATOM   699 N N   . VAL A 1 94  ? -5.754  -7.394  -0.772  1.00 17.05 ? 94  VAL A N   1 
ATOM   700 C CA  . VAL A 1 94  ? -5.803  -6.910  0.599   1.00 16.65 ? 94  VAL A CA  1 
ATOM   701 C C   . VAL A 1 94  ? -6.535  -5.583  0.671   1.00 20.86 ? 94  VAL A C   1 
ATOM   702 O O   . VAL A 1 94  ? -6.695  -4.864  -0.317  1.00 19.62 ? 94  VAL A O   1 
ATOM   703 C CB  . VAL A 1 94  ? -4.399  -6.746  1.224   1.00 20.03 ? 94  VAL A CB  1 
ATOM   704 C CG1 . VAL A 1 94  ? -3.675  -8.085  1.275   1.00 21.23 ? 94  VAL A CG1 1 
ATOM   705 C CG2 . VAL A 1 94  ? -3.588  -5.705  0.455   1.00 16.79 ? 94  VAL A CG2 1 
ATOM   706 N N   . GLU A 1 95  ? -6.972  -5.265  1.876   1.00 16.95 ? 95  GLU A N   1 
ATOM   707 C CA  . GLU A 1 95  ? -7.567  -3.978  2.189   1.00 19.17 ? 95  GLU A CA  1 
ATOM   708 C C   . GLU A 1 95  ? -6.643  -3.299  3.185   1.00 19.90 ? 95  GLU A C   1 
ATOM   709 O O   . GLU A 1 95  ? -6.170  -3.945  4.124   1.00 22.30 ? 95  GLU A O   1 
ATOM   710 C CB  . GLU A 1 95  ? -8.971  -4.198  2.763   1.00 25.38 ? 95  GLU A CB  1 
ATOM   711 C CG  . GLU A 1 95  ? -9.835  -2.974  2.962   1.00 34.17 ? 95  GLU A CG  1 
ATOM   712 C CD  . GLU A 1 95  ? -11.216 -3.357  3.503   1.00 40.91 ? 95  GLU A CD  1 
ATOM   713 O OE1 . GLU A 1 95  ? -12.233 -3.002  2.868   1.00 46.51 ? 95  GLU A OE1 1 
ATOM   714 O OE2 . GLU A 1 95  ? -11.280 -4.038  4.552   1.00 41.19 ? 95  GLU A OE2 1 
ATOM   715 N N   . ILE A 1 96  ? -6.351  -2.018  2.969   1.00 19.20 ? 96  ILE A N   1 
ATOM   716 C CA  . ILE A 1 96  ? -5.445  -1.264  3.827   1.00 19.31 ? 96  ILE A CA  1 
ATOM   717 C C   . ILE A 1 96  ? -6.270  -0.254  4.612   1.00 19.07 ? 96  ILE A C   1 
ATOM   718 O O   . ILE A 1 96  ? -7.135  0.422   4.048   1.00 18.26 ? 96  ILE A O   1 
ATOM   719 C CB  . ILE A 1 96  ? -4.333  -0.583  3.006   1.00 21.12 ? 96  ILE A CB  1 
ATOM   720 C CG1 . ILE A 1 96  ? -3.448  -1.659  2.366   1.00 19.82 ? 96  ILE A CG1 1 
ATOM   721 C CG2 . ILE A 1 96  ? -3.477  0.363   3.868   1.00 20.19 ? 96  ILE A CG2 1 
ATOM   722 C CD1 . ILE A 1 96  ? -2.375  -1.130  1.505   1.00 22.84 ? 96  ILE A CD1 1 
ATOM   723 N N   . TRP A 1 97  ? -6.011  -0.169  5.914   1.00 20.67 ? 97  TRP A N   1 
ATOM   724 C CA  . TRP A 1 97  ? -6.723  0.693   6.838   1.00 19.42 ? 97  TRP A CA  1 
ATOM   725 C C   . TRP A 1 97  ? -5.741  1.615   7.545   1.00 17.75 ? 97  TRP A C   1 
ATOM   726 O O   . TRP A 1 97  ? -4.553  1.304   7.687   1.00 18.25 ? 97  TRP A O   1 
ATOM   727 C CB  . TRP A 1 97  ? -7.465  -0.128  7.903   1.00 23.10 ? 97  TRP A CB  1 
ATOM   728 C CG  . TRP A 1 97  ? -8.614  -0.893  7.375   1.00 27.36 ? 97  TRP A CG  1 
ATOM   729 C CD1 . TRP A 1 97  ? -8.572  -1.911  6.466   1.00 29.17 ? 97  TRP A CD1 1 
ATOM   730 C CD2 . TRP A 1 97  ? -9.993  -0.719  7.721   1.00 29.48 ? 97  TRP A CD2 1 
ATOM   731 N NE1 . TRP A 1 97  ? -9.844  -2.373  6.217   1.00 32.09 ? 97  TRP A NE1 1 
ATOM   732 C CE2 . TRP A 1 97  ? -10.733 -1.660  6.978   1.00 31.77 ? 97  TRP A CE2 1 
ATOM   733 C CE3 . TRP A 1 97  ? -10.674 0.149   8.583   1.00 25.60 ? 97  TRP A CE3 1 
ATOM   734 C CZ2 . TRP A 1 97  ? -12.117 -1.763  7.073   1.00 31.15 ? 97  TRP A CZ2 1 
ATOM   735 C CZ3 . TRP A 1 97  ? -12.051 0.046   8.681   1.00 27.17 ? 97  TRP A CZ3 1 
ATOM   736 C CH2 . TRP A 1 97  ? -12.758 -0.905  7.929   1.00 31.45 ? 97  TRP A CH2 1 
ATOM   737 N N   . ALA A 1 98  ? -6.258  2.739   8.018   1.00 18.52 ? 98  ALA A N   1 
ATOM   738 C CA  . ALA A 1 98  ? -5.554  3.597   8.961   1.00 18.49 ? 98  ALA A CA  1 
ATOM   739 C C   . ALA A 1 98  ? -6.217  3.432   10.319  1.00 19.10 ? 98  ALA A C   1 
ATOM   740 O O   . ALA A 1 98  ? -7.448  3.448   10.413  1.00 21.89 ? 98  ALA A O   1 
ATOM   741 C CB  . ALA A 1 98  ? -5.592  5.067   8.532   1.00 20.25 ? 98  ALA A CB  1 
ATOM   742 N N   . LYS A 1 99  ? -5.404  3.266   11.360  1.00 20.31 ? 99  LYS A N   1 
ATOM   743 C CA  . LYS A 1 99  ? -5.824  3.123   12.741  1.00 19.23 ? 99  LYS A CA  1 
ATOM   744 C C   . LYS A 1 99  ? -5.254  4.261   13.573  1.00 21.57 ? 99  LYS A C   1 
ATOM   745 O O   . LYS A 1 99  ? -4.076  4.589   13.427  1.00 20.12 ? 99  LYS A O   1 
ATOM   746 C CB  . LYS A 1 99  ? -5.340  1.791   13.331  1.00 22.58 ? 99  LYS A CB  1 
ATOM   747 C CG  . LYS A 1 99  ? -5.732  0.564   12.515  1.00 30.20 ? 99  LYS A CG  1 
ATOM   748 C CD  . LYS A 1 99  ? -5.143  -0.696  13.127  1.00 33.30 ? 99  LYS A CD  1 
ATOM   749 C CE  . LYS A 1 99  ? -3.622  -0.652  13.136  1.00 34.26 ? 99  LYS A CE  1 
ATOM   750 N NZ  . LYS A 1 99  ? -3.038  -1.986  13.481  1.00 39.76 ? 99  LYS A NZ  1 
ATOM   751 N N   . PRO A 1 100 ? -6.054  4.885   14.435  1.00 18.67 ? 100 PRO A N   1 
ATOM   752 C CA  . PRO A 1 100 ? -5.526  5.985   15.251  1.00 21.43 ? 100 PRO A CA  1 
ATOM   753 C C   . PRO A 1 100 ? -4.423  5.480   16.167  1.00 24.96 ? 100 PRO A C   1 
ATOM   754 O O   . PRO A 1 100 ? -4.421  4.323   16.594  1.00 27.02 ? 100 PRO A O   1 
ATOM   755 C CB  . PRO A 1 100 ? -6.750  6.475   16.035  1.00 23.17 ? 100 PRO A CB  1 
ATOM   756 C CG  . PRO A 1 100 ? -7.767  5.344   15.933  1.00 27.36 ? 100 PRO A CG  1 
ATOM   757 C CD  . PRO A 1 100 ? -7.502  4.690   14.619  1.00 22.79 ? 100 PRO A CD  1 
ATOM   758 N N   . SER A 1 101 ? -3.458  6.353   16.459  1.00 24.91 ? 101 SER A N   1 
ATOM   759 C CA  . SER A 1 101 ? -2.247  5.892   17.118  1.00 29.79 ? 101 SER A CA  1 
ATOM   760 C C   . SER A 1 101 ? -1.710  6.962   18.050  1.00 34.85 ? 101 SER A C   1 
ATOM   761 O O   . SER A 1 101 ? -2.294  8.040   18.209  1.00 30.18 ? 101 SER A O   1 
ATOM   762 C CB  . SER A 1 101 ? -1.173  5.522   16.101  1.00 31.39 ? 101 SER A CB  1 
ATOM   763 O OG  . SER A 1 101 ? -0.561  6.706   15.626  1.00 36.90 ? 101 SER A OG  1 
ATOM   764 N N   . GLU A 1 102 ? -0.572  6.637   18.667  1.00 39.17 ? 102 GLU A N   1 
ATOM   765 C CA  . GLU A 1 102 ? 0.169   7.588   19.481  1.00 40.81 ? 102 GLU A CA  1 
ATOM   766 C C   . GLU A 1 102 ? 0.595   8.776   18.631  1.00 42.81 ? 102 GLU A C   1 
ATOM   767 O O   . GLU A 1 102 ? 0.880   8.646   17.434  1.00 35.72 ? 102 GLU A O   1 
ATOM   768 C CB  . GLU A 1 102 ? 1.397   6.918   20.103  1.00 36.39 ? 102 GLU A CB  1 
ATOM   769 N N   . LYS A 1 103 ? 0.625   9.946   19.253  1.00 40.09 ? 103 LYS A N   1 
ATOM   770 C CA  . LYS A 1 103 ? 1.022   11.140  18.530  1.00 43.83 ? 103 LYS A CA  1 
ATOM   771 C C   . LYS A 1 103 ? 2.393   10.941  17.896  1.00 44.94 ? 103 LYS A C   1 
ATOM   772 O O   . LYS A 1 103 ? 3.351   10.533  18.557  1.00 49.98 ? 103 LYS A O   1 
ATOM   773 C CB  . LYS A 1 103 ? 1.023   12.345  19.472  1.00 49.03 ? 103 LYS A CB  1 
ATOM   774 C CG  . LYS A 1 103 ? -0.203  12.379  20.371  1.00 57.22 ? 103 LYS A CG  1 
ATOM   775 C CD  . LYS A 1 103 ? -0.619  13.792  20.733  1.00 55.86 ? 103 LYS A CD  1 
ATOM   776 C CE  . LYS A 1 103 ? -1.823  13.777  21.674  1.00 58.12 ? 103 LYS A CE  1 
ATOM   777 N NZ  . LYS A 1 103 ? -2.055  15.114  22.293  1.00 63.79 ? 103 LYS A NZ  1 
ATOM   778 N N   . GLY A 1 104 ? 2.459   11.182  16.603  1.00 40.44 ? 104 GLY A N   1 
ATOM   779 C CA  . GLY A 1 104 ? 3.700   11.100  15.856  1.00 29.49 ? 104 GLY A CA  1 
ATOM   780 C C   . GLY A 1 104 ? 3.626   12.124  14.761  1.00 27.72 ? 104 GLY A C   1 
ATOM   781 O O   . GLY A 1 104 ? 3.063   13.203  14.938  1.00 31.21 ? 104 GLY A O   1 
ATOM   782 N N   . ASN A 1 105 ? 4.197   11.790  13.609  1.00 25.62 ? 105 ASN A N   1 
ATOM   783 C CA  . ASN A 1 105 ? 4.047   12.689  12.480  1.00 22.35 ? 105 ASN A CA  1 
ATOM   784 C C   . ASN A 1 105 ? 2.610   12.736  12.004  1.00 24.34 ? 105 ASN A C   1 
ATOM   785 O O   . ASN A 1 105 ? 2.154   13.772  11.508  1.00 25.64 ? 105 ASN A O   1 
ATOM   786 C CB  . ASN A 1 105 ? 4.956   12.265  11.334  1.00 25.46 ? 105 ASN A CB  1 
ATOM   787 C CG  . ASN A 1 105 ? 6.402   12.218  11.733  1.00 28.12 ? 105 ASN A CG  1 
ATOM   788 O OD1 . ASN A 1 105 ? 6.874   13.077  12.478  1.00 27.33 ? 105 ASN A OD1 1 
ATOM   789 N ND2 . ASN A 1 105 ? 7.123   11.206  11.248  1.00 22.98 ? 105 ASN A ND2 1 
ATOM   790 N N   . THR A 1 106 ? 1.883   11.629  12.132  1.00 20.38 ? 106 THR A N   1 
ATOM   791 C CA  . THR A 1 106 ? 0.566   11.522  11.523  1.00 22.55 ? 106 THR A CA  1 
ATOM   792 C C   . THR A 1 106 ? -0.540  11.149  12.487  1.00 21.18 ? 106 THR A C   1 
ATOM   793 O O   . THR A 1 106 ? -1.709  11.398  12.169  1.00 23.14 ? 106 THR A O   1 
ATOM   794 C CB  . THR A 1 106 ? 0.578   10.478  10.398  1.00 23.57 ? 106 THR A CB  1 
ATOM   795 O OG1 . THR A 1 106 ? 0.766   9.187   10.977  1.00 24.05 ? 106 THR A OG1 1 
ATOM   796 C CG2 . THR A 1 106 ? 1.700   10.755  9.422   1.00 24.90 ? 106 THR A CG2 1 
ATOM   797 N N   . GLY A 1 107 ? -0.232  10.552  13.633  1.00 20.46 ? 107 GLY A N   1 
ATOM   798 C CA  . GLY A 1 107 ? -1.290  10.126  14.521  1.00 20.77 ? 107 GLY A CA  1 
ATOM   799 C C   . GLY A 1 107 ? -2.056  8.926   14.030  1.00 22.48 ? 107 GLY A C   1 
ATOM   800 O O   . GLY A 1 107 ? -3.153  8.668   14.520  1.00 21.38 ? 107 GLY A O   1 
ATOM   801 N N   . TYR A 1 108 ? -1.524  8.194   13.056  1.00 21.00 ? 108 TYR A N   1 
ATOM   802 C CA  . TYR A 1 108 ? -2.166  6.944   12.659  1.00 18.68 ? 108 TYR A CA  1 
ATOM   803 C C   . TYR A 1 108 ? -1.119  5.940   12.217  1.00 22.41 ? 108 TYR A C   1 
ATOM   804 O O   . TYR A 1 108 ? -0.022  6.306   11.799  1.00 18.25 ? 108 TYR A O   1 
ATOM   805 C CB  . TYR A 1 108 ? -3.210  7.141   11.554  1.00 18.20 ? 108 TYR A CB  1 
ATOM   806 C CG  . TYR A 1 108 ? -2.730  7.706   10.239  1.00 20.81 ? 108 TYR A CG  1 
ATOM   807 C CD1 . TYR A 1 108 ? -2.184  6.884   9.254   1.00 20.77 ? 108 TYR A CD1 1 
ATOM   808 C CD2 . TYR A 1 108 ? -2.891  9.059   9.948   1.00 19.88 ? 108 TYR A CD2 1 
ATOM   809 C CE1 . TYR A 1 108 ? -1.775  7.395   8.041   1.00 22.04 ? 108 TYR A CE1 1 
ATOM   810 C CE2 . TYR A 1 108 ? -2.489  9.573   8.735   1.00 20.49 ? 108 TYR A CE2 1 
ATOM   811 C CZ  . TYR A 1 108 ? -1.926  8.740   7.787   1.00 22.34 ? 108 TYR A CZ  1 
ATOM   812 O OH  . TYR A 1 108 ? -1.525  9.260   6.573   1.00 24.11 ? 108 TYR A OH  1 
ATOM   813 N N   . GLU A 1 109 ? -1.467  4.662   12.345  1.00 21.28 ? 109 GLU A N   1 
ATOM   814 C CA  . GLU A 1 109 ? -0.669  3.565   11.822  1.00 19.94 ? 109 GLU A CA  1 
ATOM   815 C C   . GLU A 1 109 ? -1.489  2.799   10.796  1.00 20.41 ? 109 GLU A C   1 
ATOM   816 O O   . GLU A 1 109 ? -2.710  2.931   10.733  1.00 21.00 ? 109 GLU A O   1 
ATOM   817 C CB  . GLU A 1 109 ? -0.215  2.620   12.938  1.00 25.35 ? 109 GLU A CB  1 
ATOM   818 C CG  . GLU A 1 109 ? 0.552   3.304   14.049  1.00 29.02 ? 109 GLU A CG  1 
ATOM   819 C CD  . GLU A 1 109 ? 1.971   3.640   13.664  1.00 34.50 ? 109 GLU A CD  1 
ATOM   820 O OE1 . GLU A 1 109 ? 2.491   3.014   12.716  1.00 39.24 ? 109 GLU A OE1 1 
ATOM   821 O OE2 . GLU A 1 109 ? 2.574   4.525   14.316  1.00 37.91 ? 109 GLU A OE2 1 
ATOM   822 N N   . TYR A 1 110 ? -0.803  2.008   9.984   1.00 20.55 ? 110 TYR A N   1 
ATOM   823 C CA  . TYR A 1 110 ? -1.454  1.240   8.929   1.00 21.44 ? 110 TYR A CA  1 
ATOM   824 C C   . TYR A 1 110 ? -1.744  -0.185  9.373   1.00 25.39 ? 110 TYR A C   1 
ATOM   825 O O   . TYR A 1 110 ? -0.916  -0.825  10.021  1.00 26.66 ? 110 TYR A O   1 
ATOM   826 C CB  . TYR A 1 110 ? -0.585  1.196   7.686   1.00 21.32 ? 110 TYR A CB  1 
ATOM   827 C CG  . TYR A 1 110 ? -0.370  2.536   7.089   1.00 21.18 ? 110 TYR A CG  1 
ATOM   828 C CD1 . TYR A 1 110 ? -1.346  3.135   6.319   1.00 20.29 ? 110 TYR A CD1 1 
ATOM   829 C CD2 . TYR A 1 110 ? 0.816   3.221   7.298   1.00 24.01 ? 110 TYR A CD2 1 
ATOM   830 C CE1 . TYR A 1 110 ? -1.147  4.390   5.767   1.00 23.46 ? 110 TYR A CE1 1 
ATOM   831 C CE2 . TYR A 1 110 ? 1.022   4.459   6.748   1.00 27.19 ? 110 TYR A CE2 1 
ATOM   832 C CZ  . TYR A 1 110 ? 0.041   5.042   5.981   1.00 23.61 ? 110 TYR A CZ  1 
ATOM   833 O OH  . TYR A 1 110 ? 0.258   6.285   5.430   1.00 26.46 ? 110 TYR A OH  1 
ATOM   834 N N   . GLY A 1 111 ? -2.920  -0.676  8.994   1.00 24.46 ? 111 GLY A N   1 
ATOM   835 C CA  . GLY A 1 111 ? -3.233  -2.085  9.130   1.00 22.16 ? 111 GLY A CA  1 
ATOM   836 C C   . GLY A 1 111 ? -3.622  -2.643  7.777   1.00 21.29 ? 111 GLY A C   1 
ATOM   837 O O   . GLY A 1 111 ? -3.942  -1.907  6.844   1.00 20.39 ? 111 GLY A O   1 
ATOM   838 N N   . VAL A 1 112 ? -3.595  -3.969  7.677   1.00 22.99 ? 112 VAL A N   1 
ATOM   839 C CA  . VAL A 1 112 ? -3.888  -4.630  6.414   1.00 23.91 ? 112 VAL A CA  1 
ATOM   840 C C   . VAL A 1 112 ? -4.595  -5.940  6.710   1.00 26.43 ? 112 VAL A C   1 
ATOM   841 O O   . VAL A 1 112 ? -4.331  -6.585  7.730   1.00 24.21 ? 112 VAL A O   1 
ATOM   842 C CB  . VAL A 1 112 ? -2.605  -4.842  5.587   1.00 23.63 ? 112 VAL A CB  1 
ATOM   843 C CG1 . VAL A 1 112 ? -1.641  -5.793  6.296   1.00 25.09 ? 112 VAL A CG1 1 
ATOM   844 C CG2 . VAL A 1 112 ? -2.931  -5.326  4.168   1.00 19.41 ? 112 VAL A CG2 1 
ATOM   845 N N   . LYS A 1 113 ? -5.518  -6.315  5.835   1.00 24.33 ? 113 LYS A N   1 
ATOM   846 C CA  . LYS A 1 113 ? -6.223  -7.577  6.012   1.00 23.98 ? 113 LYS A CA  1 
ATOM   847 C C   . LYS A 1 113 ? -6.580  -8.119  4.638   1.00 23.29 ? 113 LYS A C   1 
ATOM   848 O O   . LYS A 1 113 ? -6.779  -7.341  3.702   1.00 23.34 ? 113 LYS A O   1 
ATOM   849 C CB  . LYS A 1 113 ? -7.491  -7.416  6.875   1.00 32.15 ? 113 LYS A CB  1 
ATOM   850 C CG  . LYS A 1 113 ? -8.595  -6.562  6.261   1.00 33.89 ? 113 LYS A CG  1 
ATOM   851 C CD  . LYS A 1 113 ? -9.900  -6.640  7.063   1.00 40.16 ? 113 LYS A CD  1 
ATOM   852 C CE  . LYS A 1 113 ? -10.074 -5.428  7.977   1.00 45.54 ? 113 LYS A CE  1 
ATOM   853 N NZ  . LYS A 1 113 ? -11.415 -5.415  8.637   1.00 48.49 ? 113 LYS A NZ  1 
ATOM   854 N N   . PRO A 1 114 ? -6.654  -9.443  4.484   1.00 25.11 ? 114 PRO A N   1 
ATOM   855 C CA  . PRO A 1 114 ? -7.095  -10.006 3.197   1.00 25.55 ? 114 PRO A CA  1 
ATOM   856 C C   . PRO A 1 114 ? -8.496  -9.532  2.827   1.00 25.71 ? 114 PRO A C   1 
ATOM   857 O O   . PRO A 1 114 ? -9.364  -9.358  3.687   1.00 26.51 ? 114 PRO A O   1 
ATOM   858 C CB  . PRO A 1 114 ? -7.076  -11.523 3.443   1.00 25.57 ? 114 PRO A CB  1 
ATOM   859 C CG  . PRO A 1 114 ? -6.211  -11.724 4.643   1.00 22.26 ? 114 PRO A CG  1 
ATOM   860 C CD  . PRO A 1 114 ? -6.388  -10.481 5.487   1.00 26.87 ? 114 PRO A CD  1 
ATOM   861 N N   . LEU A 1 115 ? -8.714  -9.333  1.523   1.00 22.96 ? 115 LEU A N   1 
ATOM   862 C CA  . LEU A 1 115 ? -10.048 -8.953  1.074   1.00 28.59 ? 115 LEU A CA  1 
ATOM   863 C C   . LEU A 1 115 ? -11.050 -10.069 1.323   1.00 30.78 ? 115 LEU A C   1 
ATOM   864 O O   . LEU A 1 115 ? -12.242 -9.802  1.526   1.00 33.85 ? 115 LEU A O   1 
ATOM   865 C CB  . LEU A 1 115 ? -10.022 -8.563  -0.406  1.00 26.11 ? 115 LEU A CB  1 
ATOM   866 C CG  . LEU A 1 115 ? -9.590  -7.103  -0.571  1.00 27.94 ? 115 LEU A CG  1 
ATOM   867 C CD1 . LEU A 1 115 ? -9.485  -6.717  -2.027  1.00 32.43 ? 115 LEU A CD1 1 
ATOM   868 C CD2 . LEU A 1 115 ? -10.535 -6.147  0.161   1.00 29.91 ? 115 LEU A CD2 1 
ATOM   869 N N   . ILE A 1 116 ? -10.581 -11.320 1.342   1.00 26.50 ? 116 ILE A N   1 
ATOM   870 C CA  . ILE A 1 116 ? -11.472 -12.454 1.583   1.00 32.81 ? 116 ILE A CA  1 
ATOM   871 C C   . ILE A 1 116 ? -11.803 -12.645 3.053   1.00 38.62 ? 116 ILE A C   1 
ATOM   872 O O   . ILE A 1 116 ? -12.577 -13.553 3.388   1.00 41.89 ? 116 ILE A O   1 
ATOM   873 C CB  . ILE A 1 116 ? -10.854 -13.750 1.021   1.00 36.00 ? 116 ILE A CB  1 
ATOM   874 C CG1 . ILE A 1 116 ? -9.449  -13.964 1.599   1.00 33.47 ? 116 ILE A CG1 1 
ATOM   875 C CG2 . ILE A 1 116 ? -10.829 -13.704 -0.501  1.00 35.78 ? 116 ILE A CG2 1 
ATOM   876 C CD1 . ILE A 1 116 ? -8.893  -15.358 1.365   1.00 35.80 ? 116 ILE A CD1 1 
ATOM   877 N N   . GLU A 1 117 ? -11.245 -11.822 3.944   1.00 36.69 ? 117 GLU A N   1 
ATOM   878 C CA  . GLU A 1 117 ? -11.511 -11.947 5.376   1.00 40.67 ? 117 GLU A CA  1 
ATOM   879 C C   . GLU A 1 117 ? -12.900 -11.419 5.722   1.00 42.62 ? 117 GLU A C   1 
ATOM   880 O O   . GLU A 1 117 ? -13.357 -10.435 5.144   1.00 40.93 ? 117 GLU A O   1 
ATOM   881 C CB  . GLU A 1 117 ? -10.446 -11.209 6.194   1.00 39.89 ? 117 GLU A CB  1 
ATOM   882 C CG  . GLU A 1 117 ? -10.712 -11.210 7.702   1.00 43.35 ? 117 GLU A CG  1 
ATOM   883 C CD  . GLU A 1 117 ? -9.523  -10.717 8.523   1.00 48.10 ? 117 GLU A CD  1 
ATOM   884 O OE1 . GLU A 1 117 ? -8.377  -11.125 8.225   1.00 40.47 ? 117 GLU A OE1 1 
ATOM   885 O OE2 . GLU A 1 117 ? -9.737  -9.924  9.469   1.00 50.54 ? 117 GLU A OE2 1 
HETATM 886 O O   . HOH B 2 .   ? -1.749  -4.165  -13.927 1.00 40.63 ? 201 HOH A O   1 
HETATM 887 O O   . HOH B 2 .   ? 18.589  6.297   1.377   1.00 30.63 ? 202 HOH A O   1 
HETATM 888 O O   . HOH B 2 .   ? 12.766  10.514  1.486   1.00 30.09 ? 203 HOH A O   1 
HETATM 889 O O   . HOH B 2 .   ? 19.151  13.375  -1.025  1.00 36.29 ? 204 HOH A O   1 
HETATM 890 O O   . HOH B 2 .   ? -0.638  0.070   -18.123 1.00 39.14 ? 205 HOH A O   1 
HETATM 891 O O   . HOH B 2 .   ? -8.077  10.395  -6.173  1.00 34.19 ? 206 HOH A O   1 
HETATM 892 O O   . HOH B 2 .   ? -7.685  2.888   -18.598 1.00 26.63 ? 207 HOH A O   1 
HETATM 893 O O   . HOH B 2 .   ? -4.554  -8.807  9.002   1.00 49.00 ? 208 HOH A O   1 
HETATM 894 O O   . HOH B 2 .   ? 2.312   2.591   10.186  1.00 31.33 ? 209 HOH A O   1 
HETATM 895 O O   . HOH B 2 .   ? 14.654  -16.212 0.716   1.00 31.27 ? 210 HOH A O   1 
HETATM 896 O O   . HOH B 2 .   ? 3.491   10.186  1.039   1.00 41.14 ? 211 HOH A O   1 
HETATM 897 O O   . HOH B 2 .   ? 11.561  4.384   -10.218 1.00 30.24 ? 212 HOH A O   1 
HETATM 898 O O   . HOH B 2 .   ? 5.163   -11.787 5.701   1.00 33.93 ? 213 HOH A O   1 
HETATM 899 O O   . HOH B 2 .   ? -2.077  8.935   -14.403 1.00 23.69 ? 214 HOH A O   1 
HETATM 900 O O   . HOH B 2 .   ? 10.812  -19.259 -4.936  1.00 29.77 ? 215 HOH A O   1 
HETATM 901 O O   . HOH B 2 .   ? -8.641  8.473   -11.235 1.00 27.50 ? 216 HOH A O   1 
HETATM 902 O O   . HOH B 2 .   ? -7.581  -11.923 -0.218  1.00 25.32 ? 217 HOH A O   1 
HETATM 903 O O   . HOH B 2 .   ? -3.753  -14.864 -2.692  1.00 33.98 ? 218 HOH A O   1 
HETATM 904 O O   . HOH B 2 .   ? -10.345 5.762   0.901   1.00 29.58 ? 219 HOH A O   1 
HETATM 905 O O   . HOH B 2 .   ? -9.393  6.158   -12.128 1.00 27.44 ? 220 HOH A O   1 
HETATM 906 O O   . HOH B 2 .   ? 7.156   -0.834  -0.490  1.00 18.91 ? 221 HOH A O   1 
HETATM 907 O O   . HOH B 2 .   ? 1.295   -12.078 -14.910 1.00 27.51 ? 222 HOH A O   1 
HETATM 908 O O   . HOH B 2 .   ? 1.685   3.366   -0.223  1.00 18.94 ? 223 HOH A O   1 
HETATM 909 O O   . HOH B 2 .   ? 3.629   8.313   -3.817  1.00 29.66 ? 224 HOH A O   1 
HETATM 910 O O   . HOH B 2 .   ? 8.132   2.223   2.419   1.00 28.84 ? 225 HOH A O   1 
HETATM 911 O O   . HOH B 2 .   ? 4.470   1.985   8.339   1.00 33.93 ? 226 HOH A O   1 
HETATM 912 O O   . HOH B 2 .   ? 4.351   1.068   -13.655 1.00 24.47 ? 227 HOH A O   1 
HETATM 913 O O   . HOH B 2 .   ? -7.272  13.324  5.269   1.00 28.82 ? 228 HOH A O   1 
HETATM 914 O O   . HOH B 2 .   ? -12.150 2.909   15.286  1.00 34.42 ? 229 HOH A O   1 
HETATM 915 O O   . HOH B 2 .   ? 2.466   -17.860 -4.591  1.00 32.65 ? 230 HOH A O   1 
HETATM 916 O O   . HOH B 2 .   ? -11.622 9.952   11.643  1.00 27.66 ? 231 HOH A O   1 
HETATM 917 O O   . HOH B 2 .   ? 18.249  8.901   5.334   1.00 27.02 ? 232 HOH A O   1 
HETATM 918 O O   . HOH B 2 .   ? 7.715   2.750   -11.745 1.00 31.24 ? 233 HOH A O   1 
HETATM 919 O O   . HOH B 2 .   ? 0.189   -16.548 -4.856  1.00 29.18 ? 234 HOH A O   1 
HETATM 920 O O   . HOH B 2 .   ? -4.533  10.912  12.705  1.00 24.91 ? 235 HOH A O   1 
HETATM 921 O O   . HOH B 2 .   ? -13.781 3.588   6.335   1.00 29.95 ? 236 HOH A O   1 
HETATM 922 O O   . HOH B 2 .   ? 9.262   -20.116 -6.142  1.00 30.95 ? 237 HOH A O   1 
HETATM 923 O O   . HOH B 2 .   ? 2.137   8.308   -13.147 1.00 27.06 ? 238 HOH A O   1 
HETATM 924 O O   . HOH B 2 .   ? 3.048   16.117  14.046  1.00 32.44 ? 239 HOH A O   1 
HETATM 925 O O   . HOH B 2 .   ? -0.635  -16.008 -2.279  1.00 35.50 ? 240 HOH A O   1 
HETATM 926 O O   . HOH B 2 .   ? 3.324   7.505   -9.789  1.00 26.90 ? 241 HOH A O   1 
HETATM 927 O O   . HOH B 2 .   ? -12.330 4.847   -11.808 1.00 30.93 ? 242 HOH A O   1 
HETATM 928 O O   . HOH B 2 .   ? -3.473  10.910  -1.137  1.00 25.49 ? 243 HOH A O   1 
HETATM 929 O O   . HOH B 2 .   ? -10.075 3.770   -19.251 1.00 35.61 ? 244 HOH A O   1 
HETATM 930 O O   . HOH B 2 .   ? 12.075  -5.950  8.585   1.00 42.70 ? 245 HOH A O   1 
HETATM 931 O O   . HOH B 2 .   ? 3.408   -13.955 -14.496 1.00 36.90 ? 246 HOH A O   1 
HETATM 932 O O   . HOH B 2 .   ? 2.964   5.138   1.335   1.00 30.33 ? 247 HOH A O   1 
HETATM 933 O O   . HOH B 2 .   ? -10.276 -16.544 4.320   1.00 32.79 ? 248 HOH A O   1 
HETATM 934 O O   . HOH B 2 .   ? 18.849  6.355   4.126   1.00 29.63 ? 249 HOH A O   1 
HETATM 935 O O   . HOH B 2 .   ? -3.967  -7.838  -11.327 1.00 44.87 ? 250 HOH A O   1 
HETATM 936 O O   . HOH B 2 .   ? -4.732  12.129  -5.987  1.00 38.85 ? 251 HOH A O   1 
HETATM 937 O O   . HOH B 2 .   ? -12.931 12.190  11.948  1.00 33.30 ? 252 HOH A O   1 
HETATM 938 O O   . HOH B 2 .   ? 2.603   5.362   -16.645 1.00 34.70 ? 253 HOH A O   1 
HETATM 939 O O   . HOH B 2 .   ? 4.664   8.230   -0.784  1.00 39.14 ? 254 HOH A O   1 
HETATM 940 O O   . HOH B 2 .   ? 0.783   -6.689  -18.353 1.00 43.02 ? 255 HOH A O   1 
HETATM 941 O O   . HOH B 2 .   ? -8.104  -13.087 -2.334  1.00 38.80 ? 256 HOH A O   1 
HETATM 942 O O   . HOH B 2 .   ? 17.353  -2.316  -15.330 1.00 49.70 ? 257 HOH A O   1 
HETATM 943 O O   . HOH B 2 .   ? -15.097 -0.707  -2.599  1.00 37.96 ? 258 HOH A O   1 
# 
